data_2B1X
#
_entry.id   2B1X
#
_cell.length_a   87.744
_cell.length_b   144.246
_cell.length_c   186.207
_cell.angle_alpha   90.00
_cell.angle_beta   90.00
_cell.angle_gamma   90.00
#
_symmetry.space_group_name_H-M   'P 21 21 21'
#
loop_
_entity.id
_entity.type
_entity.pdbx_description
1 polymer 'naphthalene dioxygenase large subunit'
2 polymer 'naphthalene dioxygenase small subunit'
3 non-polymer 'FE (III) ION'
4 non-polymer 'FE2/S2 (INORGANIC) CLUSTER'
5 non-polymer (4S)-2-METHYL-2,4-PENTANEDIOL
6 water water
#
loop_
_entity_poly.entity_id
_entity_poly.type
_entity_poly.pdbx_seq_one_letter_code
_entity_poly.pdbx_strand_id
1 'polypeptide(L)'
;MLSNELRQTLQKGLHDVNSDWTVPAAIINDPEVHDVERERIFGHAWVFLAHESEIPERGDYVVRYISEDQFIVCRDEGGE
IRGHLNACRHRGMQVCRAEMGNTSHFRCPYHGWTYSNTGSLVGVPAGKDAYGNQLKKSDWNLRPMPNLASYKGLIFGSLD
PHADSLEDYLGDLKFYLDIVLDRSDAGLQVVGAPQRWVIDANWKLGADNFVGDAYHTMMTHRSMVELGLAPPDPQFALYG
EHIHTGHGHGLGIIGPPPGMPLPEFMGLPENIVEELERRLTPEQVEIFRPTAFIHGTVFPNLSIGNFLMGKDHLSAPTAF
LTLRLWHPLGPDKMEVMSFFLVEKDAPDWFKDESYKSYLRTFGISGGFEQDDAENWRSITRVMGGQFAKTGELNYQMGRG
VLEPDPNWTGPGEAYPLDYAEANQRNFLEYWMQLMLAESPLRDGNSNGSGTADASTPAAAKSKSPAKAEA
;
A,C,E
2 'polypeptide(L)'
;MNTQTRVSDTTVREITEWLYMEAELLDAGKYREWLALVTEDLSYVVPIRVTREREAVTDVVEGMTHMDDDADSMEMRVLR
LETEYAWAEDPPSRSRHFVTNVRVATGDSEDEFKVTSNLLLYRTRGDVATYDVLSGERTDVLRRAGDSFLMAKRVVLLDQ
TTIMTHNLALIM
;
B,D,F
#
# COMPACT_ATOMS: atom_id res chain seq x y z
N MET A 1 -24.69 -12.33 10.09
CA MET A 1 -25.90 -12.38 9.21
C MET A 1 -25.64 -11.72 7.85
N LEU A 2 -26.34 -12.20 6.83
CA LEU A 2 -26.31 -11.60 5.52
C LEU A 2 -27.14 -10.35 5.52
N SER A 3 -26.67 -9.31 4.83
CA SER A 3 -27.50 -8.19 4.49
C SER A 3 -28.72 -8.69 3.67
N ASN A 4 -29.81 -7.95 3.71
CA ASN A 4 -30.99 -8.32 2.91
C ASN A 4 -30.65 -8.31 1.42
N GLU A 5 -29.86 -7.33 1.00
CA GLU A 5 -29.37 -7.25 -0.39
C GLU A 5 -28.60 -8.51 -0.81
N LEU A 6 -27.65 -8.96 0.00
CA LEU A 6 -26.86 -10.11 -0.41
C LEU A 6 -27.76 -11.35 -0.43
N ARG A 7 -28.60 -11.51 0.60
CA ARG A 7 -29.46 -12.66 0.71
C ARG A 7 -30.31 -12.79 -0.56
N GLN A 8 -30.97 -11.70 -0.93
CA GLN A 8 -31.87 -11.70 -2.07
C GLN A 8 -31.11 -12.01 -3.34
N THR A 9 -29.89 -11.47 -3.43
CA THR A 9 -29.04 -11.71 -4.61
C THR A 9 -28.70 -13.20 -4.74
N LEU A 10 -28.37 -13.81 -3.61
CA LEU A 10 -28.04 -15.23 -3.64
C LEU A 10 -29.28 -16.08 -3.96
N GLN A 11 -30.41 -15.72 -3.38
CA GLN A 11 -31.69 -16.45 -3.64
C GLN A 11 -32.08 -16.37 -5.10
N LYS A 12 -32.00 -15.17 -5.66
CA LYS A 12 -32.25 -14.97 -7.07
C LYS A 12 -31.24 -15.79 -7.91
N GLY A 13 -29.98 -15.76 -7.51
CA GLY A 13 -28.93 -16.50 -8.18
C GLY A 13 -29.21 -17.99 -8.23
N LEU A 14 -29.74 -18.52 -7.14
CA LEU A 14 -30.01 -19.95 -7.03
C LEU A 14 -31.13 -20.37 -7.98
N HIS A 15 -32.05 -19.47 -8.25
CA HIS A 15 -33.08 -19.71 -9.26
C HIS A 15 -32.54 -19.56 -10.70
N ASP A 16 -31.73 -18.52 -10.94
CA ASP A 16 -31.27 -18.21 -12.30
C ASP A 16 -30.30 -19.23 -12.86
N VAL A 17 -29.50 -19.83 -11.99
CA VAL A 17 -28.41 -20.69 -12.42
C VAL A 17 -28.94 -21.85 -13.24
N ASN A 18 -30.13 -22.33 -12.93
CA ASN A 18 -30.72 -23.44 -13.70
C ASN A 18 -31.94 -23.10 -14.55
N SER A 19 -32.35 -21.84 -14.60
CA SER A 19 -33.44 -21.47 -15.51
C SER A 19 -32.91 -20.60 -16.66
N ASP A 20 -32.52 -19.35 -16.35
CA ASP A 20 -31.86 -18.48 -17.33
C ASP A 20 -30.44 -18.97 -17.68
N TRP A 21 -29.85 -19.80 -16.81
CA TRP A 21 -28.42 -20.17 -16.86
C TRP A 21 -27.51 -18.92 -16.77
N THR A 22 -27.84 -18.04 -15.83
CA THR A 22 -27.00 -16.89 -15.52
C THR A 22 -26.70 -16.88 -14.04
N VAL A 23 -25.76 -16.05 -13.62
CA VAL A 23 -25.42 -15.90 -12.19
C VAL A 23 -25.17 -14.40 -11.95
N PRO A 24 -25.64 -13.83 -10.83
CA PRO A 24 -25.37 -12.42 -10.50
C PRO A 24 -23.90 -12.06 -10.44
N ALA A 25 -23.56 -10.95 -11.09
CA ALA A 25 -22.20 -10.45 -11.16
C ALA A 25 -21.64 -9.99 -9.84
N ALA A 26 -22.53 -9.73 -8.87
CA ALA A 26 -22.10 -9.18 -7.60
C ALA A 26 -21.23 -10.15 -6.81
N ILE A 27 -21.13 -11.40 -7.25
CA ILE A 27 -20.38 -12.39 -6.47
C ILE A 27 -18.87 -12.34 -6.65
N ILE A 28 -18.37 -11.60 -7.64
CA ILE A 28 -16.97 -11.64 -7.99
C ILE A 28 -16.04 -10.80 -7.08
N ASN A 29 -16.38 -9.54 -6.90
CA ASN A 29 -15.52 -8.62 -6.17
C ASN A 29 -16.38 -7.74 -5.24
N ASP A 30 -16.61 -8.22 -4.02
CA ASP A 30 -17.43 -7.51 -3.04
C ASP A 30 -16.98 -7.78 -1.61
N PRO A 31 -16.75 -6.75 -0.77
CA PRO A 31 -16.24 -6.97 0.59
C PRO A 31 -17.18 -7.85 1.44
N GLU A 32 -18.50 -7.70 1.31
CA GLU A 32 -19.45 -8.47 2.13
C GLU A 32 -19.45 -9.94 1.65
N VAL A 33 -19.39 -10.11 0.33
CA VAL A 33 -19.35 -11.45 -0.24
C VAL A 33 -18.11 -12.11 0.32
N HIS A 34 -16.95 -11.44 0.22
CA HIS A 34 -15.72 -12.04 0.72
C HIS A 34 -15.82 -12.43 2.20
N ASP A 35 -16.39 -11.55 3.03
CA ASP A 35 -16.44 -11.81 4.48
C ASP A 35 -17.35 -12.98 4.81
N VAL A 36 -18.52 -13.03 4.18
CA VAL A 36 -19.48 -14.12 4.39
C VAL A 36 -18.88 -15.45 3.88
N GLU A 37 -18.29 -15.39 2.70
CA GLU A 37 -17.64 -16.56 2.07
C GLU A 37 -16.52 -17.16 2.93
N ARG A 38 -15.76 -16.31 3.60
CA ARG A 38 -14.70 -16.78 4.48
C ARG A 38 -15.24 -17.76 5.50
N GLU A 39 -16.37 -17.43 6.12
CA GLU A 39 -16.98 -18.36 7.06
C GLU A 39 -17.72 -19.50 6.35
N ARG A 40 -18.58 -19.15 5.40
CA ARG A 40 -19.54 -20.10 4.89
C ARG A 40 -18.95 -21.07 3.90
N ILE A 41 -17.92 -20.64 3.16
CA ILE A 41 -17.18 -21.60 2.33
C ILE A 41 -15.94 -22.12 3.03
N PHE A 42 -15.00 -21.23 3.40
CA PHE A 42 -13.68 -21.66 3.87
C PHE A 42 -13.69 -22.17 5.30
N GLY A 43 -14.73 -21.82 6.05
CA GLY A 43 -14.92 -22.41 7.36
C GLY A 43 -15.65 -23.74 7.38
N HIS A 44 -16.10 -24.22 6.21
CA HIS A 44 -16.82 -25.49 6.18
C HIS A 44 -16.25 -26.51 5.20
N ALA A 45 -15.83 -26.06 4.03
CA ALA A 45 -15.40 -26.94 2.96
C ALA A 45 -14.06 -27.59 3.27
N TRP A 46 -13.75 -28.66 2.53
CA TRP A 46 -12.45 -29.29 2.63
C TRP A 46 -11.51 -28.53 1.69
N VAL A 47 -10.37 -28.10 2.21
CA VAL A 47 -9.40 -27.28 1.47
C VAL A 47 -8.04 -28.01 1.37
N PHE A 48 -7.46 -28.01 0.17
CA PHE A 48 -6.19 -28.70 -0.04
C PHE A 48 -5.05 -27.91 0.67
N LEU A 49 -4.19 -28.66 1.36
CA LEU A 49 -3.08 -28.07 2.11
C LEU A 49 -1.70 -28.44 1.54
N ALA A 50 -1.48 -29.72 1.30
CA ALA A 50 -0.15 -30.19 0.94
C ALA A 50 -0.24 -31.55 0.31
N HIS A 51 0.82 -31.92 -0.41
CA HIS A 51 0.96 -33.31 -0.87
C HIS A 51 1.86 -34.04 0.12
N GLU A 52 1.54 -35.30 0.39
CA GLU A 52 2.33 -36.13 1.31
C GLU A 52 3.81 -36.24 0.92
N SER A 53 4.09 -36.21 -0.39
CA SER A 53 5.49 -36.26 -0.86
C SER A 53 6.31 -35.00 -0.54
N GLU A 54 5.67 -33.93 -0.06
CA GLU A 54 6.37 -32.73 0.42
C GLU A 54 6.95 -32.90 1.84
N ILE A 55 6.36 -33.83 2.60
CA ILE A 55 6.78 -34.08 3.97
C ILE A 55 7.05 -35.57 4.14
N PRO A 56 8.01 -36.10 3.39
CA PRO A 56 8.23 -37.56 3.35
C PRO A 56 8.90 -38.14 4.58
N GLU A 57 9.73 -37.35 5.28
CA GLU A 57 10.49 -37.83 6.42
C GLU A 57 9.88 -37.35 7.74
N ARG A 58 10.11 -38.12 8.80
CA ARG A 58 9.66 -37.74 10.12
C ARG A 58 10.31 -36.40 10.52
N GLY A 59 9.50 -35.46 10.97
CA GLY A 59 9.99 -34.12 11.27
C GLY A 59 9.77 -33.08 10.18
N ASP A 60 9.57 -33.54 8.94
CA ASP A 60 9.29 -32.66 7.80
C ASP A 60 7.98 -31.88 8.03
N TYR A 61 7.99 -30.61 7.65
CA TYR A 61 6.77 -29.81 7.73
C TYR A 61 6.75 -28.74 6.64
N VAL A 62 5.53 -28.29 6.31
CA VAL A 62 5.33 -27.12 5.46
C VAL A 62 4.26 -26.29 6.20
N VAL A 63 4.27 -24.99 5.98
CA VAL A 63 3.25 -24.10 6.55
C VAL A 63 2.22 -23.69 5.47
N ARG A 64 0.95 -24.01 5.70
CA ARG A 64 -0.10 -23.85 4.71
C ARG A 64 -1.35 -23.22 5.31
N TYR A 65 -2.38 -22.95 4.50
CA TYR A 65 -3.47 -22.07 4.95
C TYR A 65 -4.88 -22.55 4.71
N ILE A 66 -5.78 -22.13 5.58
CA ILE A 66 -7.18 -21.97 5.20
C ILE A 66 -7.49 -20.52 5.44
N SER A 67 -7.64 -19.79 4.33
CA SER A 67 -7.74 -18.34 4.34
C SER A 67 -6.60 -17.75 5.19
N GLU A 68 -6.90 -16.87 6.16
CA GLU A 68 -5.88 -16.25 6.97
C GLU A 68 -5.33 -17.23 8.03
N ASP A 69 -5.98 -18.37 8.24
CA ASP A 69 -5.46 -19.29 9.27
C ASP A 69 -4.26 -20.07 8.77
N GLN A 70 -3.23 -20.10 9.61
CA GLN A 70 -1.98 -20.70 9.26
C GLN A 70 -1.76 -21.99 10.04
N PHE A 71 -1.43 -23.07 9.32
CA PHE A 71 -1.29 -24.41 9.89
C PHE A 71 0.05 -25.00 9.58
N ILE A 72 0.67 -25.63 10.59
CA ILE A 72 1.82 -26.50 10.32
C ILE A 72 1.30 -27.87 9.88
N VAL A 73 1.75 -28.34 8.72
CA VAL A 73 1.35 -29.64 8.25
C VAL A 73 2.61 -30.48 8.27
N CYS A 74 2.66 -31.50 9.11
CA CYS A 74 3.92 -32.21 9.33
C CYS A 74 3.78 -33.71 9.46
N ARG A 75 4.87 -34.41 9.28
CA ARG A 75 4.93 -35.84 9.60
C ARG A 75 5.64 -35.89 10.94
N ASP A 76 4.97 -36.41 11.95
CA ASP A 76 5.54 -36.31 13.31
C ASP A 76 6.55 -37.41 13.60
N GLU A 77 7.11 -37.42 14.81
CA GLU A 77 8.13 -38.41 15.15
C GLU A 77 7.64 -39.87 15.21
N GLY A 78 6.32 -40.06 15.25
CA GLY A 78 5.70 -41.38 15.11
C GLY A 78 5.24 -41.73 13.71
N GLY A 79 5.45 -40.82 12.76
CA GLY A 79 5.10 -41.07 11.36
C GLY A 79 3.69 -40.66 10.97
N GLU A 80 2.99 -40.01 11.88
CA GLU A 80 1.61 -39.59 11.66
C GLU A 80 1.55 -38.19 11.02
N ILE A 81 0.59 -37.97 10.12
CA ILE A 81 0.43 -36.65 9.51
C ILE A 81 -0.43 -35.82 10.46
N ARG A 82 0.07 -34.63 10.78
CA ARG A 82 -0.57 -33.68 11.66
C ARG A 82 -0.81 -32.38 10.96
N GLY A 83 -1.83 -31.65 11.42
CA GLY A 83 -2.09 -30.28 11.06
C GLY A 83 -2.32 -29.51 12.35
N HIS A 84 -1.41 -28.57 12.66
CA HIS A 84 -1.43 -27.79 13.90
C HIS A 84 -1.61 -26.33 13.58
N LEU A 85 -2.55 -25.65 14.25
CA LEU A 85 -2.63 -24.21 14.15
C LEU A 85 -1.30 -23.59 14.60
N ASN A 86 -0.74 -22.72 13.77
CA ASN A 86 0.59 -22.18 14.03
C ASN A 86 0.56 -20.98 14.99
N ALA A 87 0.06 -21.24 16.19
CA ALA A 87 -0.25 -20.20 17.17
C ALA A 87 -0.05 -20.83 18.51
N CYS A 88 0.97 -20.36 19.24
CA CYS A 88 1.25 -20.79 20.59
C CYS A 88 0.02 -20.59 21.47
N ARG A 89 -0.23 -21.53 22.37
CA ARG A 89 -1.42 -21.53 23.21
C ARG A 89 -1.34 -20.50 24.32
N HIS A 90 -0.15 -19.95 24.53
CA HIS A 90 0.11 -19.02 25.62
C HIS A 90 -0.36 -17.63 25.18
N ARG A 91 0.40 -16.99 24.27
CA ARG A 91 0.02 -15.67 23.74
C ARG A 91 -0.10 -15.63 22.22
N GLY A 92 -0.20 -16.80 21.57
CA GLY A 92 -0.52 -16.85 20.14
C GLY A 92 0.62 -16.63 19.14
N MET A 93 1.88 -16.64 19.60
CA MET A 93 2.98 -16.46 18.65
C MET A 93 3.11 -17.63 17.66
N GLN A 94 3.55 -17.36 16.43
CA GLN A 94 3.92 -18.45 15.50
C GLN A 94 5.05 -19.25 16.13
N VAL A 95 4.87 -20.58 16.20
CA VAL A 95 5.92 -21.46 16.73
C VAL A 95 6.81 -21.95 15.59
N CYS A 96 6.44 -21.59 14.37
CA CYS A 96 7.29 -21.84 13.23
C CYS A 96 7.14 -20.67 12.26
N ARG A 97 8.21 -19.91 12.03
CA ARG A 97 8.17 -18.77 11.11
C ARG A 97 8.85 -19.05 9.75
N ALA A 98 9.28 -20.31 9.52
CA ALA A 98 9.78 -20.76 8.22
C ALA A 98 8.61 -21.30 7.37
N GLU A 99 8.79 -21.42 6.05
CA GLU A 99 7.72 -21.91 5.17
C GLU A 99 7.74 -23.44 5.09
N MET A 100 8.86 -24.02 5.45
CA MET A 100 9.08 -25.46 5.43
C MET A 100 10.41 -25.78 6.12
N GLY A 101 10.62 -27.06 6.44
CA GLY A 101 11.81 -27.47 7.16
C GLY A 101 11.67 -28.86 7.77
N ASN A 102 12.56 -29.18 8.68
CA ASN A 102 12.48 -30.41 9.44
C ASN A 102 12.88 -30.09 10.86
N THR A 103 12.02 -30.51 11.79
CA THR A 103 12.29 -30.37 13.21
C THR A 103 11.53 -31.42 14.04
N SER A 104 12.12 -31.80 15.17
CA SER A 104 11.45 -32.69 16.10
C SER A 104 10.54 -31.91 17.05
N HIS A 105 10.82 -30.62 17.22
CA HIS A 105 10.10 -29.76 18.19
C HIS A 105 9.90 -28.32 17.67
N PHE A 106 8.86 -27.67 18.16
CA PHE A 106 8.57 -26.28 17.85
C PHE A 106 8.65 -25.53 19.17
N ARG A 107 9.59 -24.62 19.25
CA ARG A 107 9.82 -23.83 20.45
C ARG A 107 9.41 -22.41 20.18
N CYS A 108 8.50 -21.89 21.01
CA CYS A 108 7.95 -20.56 20.85
C CYS A 108 8.97 -19.52 21.27
N PRO A 109 9.31 -18.57 20.38
CA PRO A 109 10.35 -17.59 20.74
C PRO A 109 9.94 -16.65 21.88
N TYR A 110 8.64 -16.45 22.11
CA TYR A 110 8.21 -15.46 23.10
C TYR A 110 8.57 -15.88 24.55
N HIS A 111 7.99 -16.96 25.06
CA HIS A 111 8.40 -17.42 26.39
C HIS A 111 9.02 -18.81 26.44
N GLY A 112 9.17 -19.46 25.29
CA GLY A 112 9.82 -20.76 25.24
C GLY A 112 9.01 -22.02 25.53
N TRP A 113 7.67 -21.97 25.51
CA TRP A 113 6.86 -23.17 25.58
C TRP A 113 7.29 -24.03 24.39
N THR A 114 7.45 -25.31 24.64
CA THR A 114 8.04 -26.22 23.65
C THR A 114 7.06 -27.33 23.35
N TYR A 115 6.84 -27.55 22.04
CA TYR A 115 5.88 -28.52 21.56
C TYR A 115 6.59 -29.61 20.75
N SER A 116 6.24 -30.87 21.01
CA SER A 116 6.56 -31.94 20.05
C SER A 116 5.92 -31.66 18.70
N ASN A 117 6.50 -32.20 17.62
CA ASN A 117 5.83 -32.11 16.31
C ASN A 117 4.55 -32.96 16.27
N THR A 118 4.38 -33.74 17.31
CA THR A 118 3.13 -34.41 17.65
C THR A 118 2.01 -33.37 17.97
N GLY A 119 2.42 -32.19 18.42
CA GLY A 119 1.48 -31.16 18.90
C GLY A 119 1.45 -31.02 20.43
N SER A 120 1.96 -32.03 21.14
CA SER A 120 1.93 -32.01 22.61
C SER A 120 2.86 -30.95 23.18
N LEU A 121 2.32 -30.16 24.12
CA LEU A 121 3.11 -29.28 24.93
C LEU A 121 3.95 -30.15 25.87
N VAL A 122 5.27 -30.11 25.71
CA VAL A 122 6.13 -31.05 26.47
C VAL A 122 7.06 -30.31 27.39
N GLY A 123 7.20 -29.00 27.17
CA GLY A 123 8.07 -28.19 28.01
C GLY A 123 7.61 -26.76 28.27
N VAL A 124 7.55 -26.41 29.55
CA VAL A 124 7.21 -25.06 29.97
C VAL A 124 8.33 -24.50 30.88
N PRO A 125 9.00 -23.43 30.45
CA PRO A 125 9.99 -22.78 31.31
C PRO A 125 9.35 -22.26 32.62
N ALA A 126 10.02 -22.50 33.75
CA ALA A 126 9.53 -22.08 35.06
C ALA A 126 8.23 -22.80 35.47
N GLY A 127 8.05 -24.03 35.00
CA GLY A 127 6.86 -24.79 35.32
C GLY A 127 6.62 -24.87 36.81
N LYS A 128 7.72 -24.88 37.56
CA LYS A 128 7.71 -24.87 39.02
C LYS A 128 7.69 -23.45 39.59
N ASP A 129 8.68 -22.64 39.24
CA ASP A 129 8.83 -21.31 39.82
C ASP A 129 7.68 -20.37 39.50
N ALA A 130 7.18 -20.44 38.27
CA ALA A 130 6.09 -19.55 37.85
C ALA A 130 4.68 -20.19 37.96
N TYR A 131 4.57 -21.47 37.59
CA TYR A 131 3.25 -22.14 37.56
C TYR A 131 2.96 -23.04 38.77
N GLY A 132 3.95 -23.24 39.62
CA GLY A 132 3.77 -24.09 40.79
C GLY A 132 3.29 -25.49 40.41
N ASN A 133 3.72 -25.96 39.25
CA ASN A 133 3.31 -27.26 38.69
C ASN A 133 1.77 -27.45 38.55
N GLN A 134 1.04 -26.35 38.44
CA GLN A 134 -0.41 -26.39 38.33
C GLN A 134 -0.91 -26.33 36.88
N LEU A 135 -0.02 -26.06 35.95
CA LEU A 135 -0.41 -26.02 34.54
C LEU A 135 -0.51 -27.42 33.95
N LYS A 136 -1.70 -27.77 33.50
CA LYS A 136 -1.92 -29.06 32.85
C LYS A 136 -1.52 -28.98 31.39
N LYS A 137 -0.33 -29.49 31.10
CA LYS A 137 0.23 -29.37 29.75
C LYS A 137 -0.68 -29.90 28.65
N SER A 138 -1.32 -31.04 28.89
CA SER A 138 -2.18 -31.67 27.87
C SER A 138 -3.44 -30.86 27.54
N ASP A 139 -3.80 -29.90 28.38
CA ASP A 139 -4.85 -28.93 28.04
C ASP A 139 -4.39 -27.82 27.09
N TRP A 140 -3.09 -27.70 26.91
CA TRP A 140 -2.54 -26.63 26.08
C TRP A 140 -1.62 -27.09 24.95
N ASN A 141 -2.01 -28.21 24.31
CA ASN A 141 -1.36 -28.68 23.08
C ASN A 141 -1.69 -27.72 21.95
N LEU A 142 -0.92 -27.76 20.87
CA LEU A 142 -1.25 -26.96 19.69
C LEU A 142 -2.63 -27.40 19.21
N ARG A 143 -3.43 -26.43 18.77
CA ARG A 143 -4.79 -26.75 18.31
C ARG A 143 -4.78 -27.50 16.99
N PRO A 144 -5.40 -28.68 16.98
CA PRO A 144 -5.45 -29.48 15.76
C PRO A 144 -6.39 -28.84 14.73
N MET A 145 -6.07 -29.02 13.46
CA MET A 145 -7.06 -28.88 12.39
C MET A 145 -8.28 -29.72 12.78
N PRO A 146 -9.47 -29.11 12.87
CA PRO A 146 -10.67 -29.81 13.32
C PRO A 146 -10.94 -31.07 12.51
N ASN A 147 -10.76 -31.02 11.19
CA ASN A 147 -10.88 -32.21 10.37
C ASN A 147 -9.69 -32.29 9.40
N LEU A 148 -8.96 -33.40 9.46
CA LEU A 148 -7.80 -33.60 8.59
C LEU A 148 -7.86 -34.97 7.96
N ALA A 149 -7.59 -35.04 6.65
CA ALA A 149 -7.65 -36.32 5.93
C ALA A 149 -6.85 -36.26 4.65
N SER A 150 -6.63 -37.44 4.09
CA SER A 150 -5.85 -37.63 2.88
C SER A 150 -6.67 -38.44 1.86
N TYR A 151 -6.57 -38.06 0.59
CA TYR A 151 -6.98 -38.96 -0.47
C TYR A 151 -5.86 -39.10 -1.48
N LYS A 152 -5.35 -40.31 -1.60
CA LYS A 152 -4.25 -40.62 -2.53
C LYS A 152 -3.10 -39.61 -2.54
N GLY A 153 -2.56 -39.29 -1.36
CA GLY A 153 -1.45 -38.35 -1.21
C GLY A 153 -1.81 -36.87 -0.99
N LEU A 154 -3.04 -36.51 -1.28
CA LEU A 154 -3.55 -35.15 -1.13
C LEU A 154 -4.10 -34.92 0.29
N ILE A 155 -3.41 -34.05 1.05
CA ILE A 155 -3.86 -33.66 2.40
C ILE A 155 -4.83 -32.47 2.35
N PHE A 156 -6.05 -32.71 2.84
CA PHE A 156 -7.05 -31.66 2.97
C PHE A 156 -7.39 -31.41 4.43
N GLY A 157 -7.84 -30.19 4.71
CA GLY A 157 -8.37 -29.86 6.02
C GLY A 157 -9.67 -29.11 5.95
N SER A 158 -10.45 -29.26 7.00
CA SER A 158 -11.69 -28.50 7.13
C SER A 158 -11.73 -27.90 8.53
N LEU A 159 -12.25 -26.69 8.61
CA LEU A 159 -12.40 -26.02 9.89
C LEU A 159 -13.62 -26.49 10.70
N ASP A 160 -14.44 -27.33 10.07
CA ASP A 160 -15.73 -27.76 10.62
C ASP A 160 -15.57 -29.18 11.20
N PRO A 161 -15.68 -29.30 12.53
CA PRO A 161 -15.53 -30.60 13.18
C PRO A 161 -16.62 -31.59 12.77
N HIS A 162 -17.75 -31.07 12.26
CA HIS A 162 -18.90 -31.90 11.89
C HIS A 162 -19.05 -32.08 10.37
N ALA A 163 -17.99 -31.76 9.62
CA ALA A 163 -17.98 -31.94 8.19
C ALA A 163 -18.22 -33.40 7.82
N ASP A 164 -18.80 -33.60 6.64
CA ASP A 164 -18.83 -34.92 6.04
C ASP A 164 -17.39 -35.35 5.81
N SER A 165 -17.15 -36.66 5.82
CA SER A 165 -15.79 -37.15 5.61
C SER A 165 -15.27 -36.70 4.26
N LEU A 166 -13.96 -36.52 4.16
CA LEU A 166 -13.32 -36.22 2.89
C LEU A 166 -13.86 -37.10 1.76
N GLU A 167 -13.90 -38.41 2.00
CA GLU A 167 -14.32 -39.35 0.94
C GLU A 167 -15.75 -39.12 0.46
N ASP A 168 -16.66 -38.81 1.38
CA ASP A 168 -18.03 -38.42 1.02
C ASP A 168 -18.04 -37.09 0.23
N TYR A 169 -17.22 -36.15 0.68
CA TYR A 169 -17.12 -34.84 0.04
C TYR A 169 -16.62 -34.93 -1.41
N LEU A 170 -15.63 -35.78 -1.63
CA LEU A 170 -15.13 -35.98 -2.98
C LEU A 170 -16.15 -36.78 -3.78
N GLY A 171 -16.76 -37.79 -3.12
CA GLY A 171 -17.80 -38.58 -3.76
C GLY A 171 -17.36 -39.17 -5.08
N ASP A 172 -18.18 -38.97 -6.12
CA ASP A 172 -17.95 -39.56 -7.42
C ASP A 172 -16.69 -39.01 -8.10
N LEU A 173 -16.23 -37.85 -7.66
CA LEU A 173 -14.99 -37.29 -8.17
C LEU A 173 -13.79 -38.22 -7.97
N LYS A 174 -13.83 -39.05 -6.93
CA LYS A 174 -12.73 -39.99 -6.65
C LYS A 174 -12.34 -40.84 -7.86
N PHE A 175 -13.34 -41.29 -8.63
CA PHE A 175 -13.14 -42.06 -9.87
C PHE A 175 -12.16 -41.38 -10.86
N TYR A 176 -12.27 -40.07 -10.96
CA TYR A 176 -11.47 -39.26 -11.88
C TYR A 176 -10.16 -38.84 -11.27
N LEU A 177 -10.15 -38.49 -9.99
CA LEU A 177 -8.91 -38.19 -9.29
C LEU A 177 -7.92 -39.36 -9.39
N ASP A 178 -8.42 -40.58 -9.28
CA ASP A 178 -7.58 -41.78 -9.43
C ASP A 178 -6.79 -41.78 -10.74
N ILE A 179 -7.45 -41.36 -11.81
CA ILE A 179 -6.87 -41.34 -13.14
C ILE A 179 -5.64 -40.43 -13.20
N VAL A 180 -5.64 -39.39 -12.39
CA VAL A 180 -4.54 -38.44 -12.32
C VAL A 180 -3.54 -38.79 -11.19
N LEU A 181 -4.04 -39.30 -10.07
CA LEU A 181 -3.19 -39.46 -8.88
C LEU A 181 -2.63 -40.86 -8.65
N ASP A 182 -3.28 -41.88 -9.19
CA ASP A 182 -3.00 -43.26 -8.77
C ASP A 182 -2.46 -44.17 -9.88
N ARG A 183 -1.75 -43.58 -10.84
CA ARG A 183 -1.24 -44.34 -11.98
C ARG A 183 -0.06 -45.25 -11.64
N SER A 184 0.75 -44.89 -10.66
CA SER A 184 2.02 -45.57 -10.39
C SER A 184 2.08 -46.15 -8.98
N ASP A 185 2.90 -47.19 -8.81
CA ASP A 185 3.10 -47.88 -7.53
C ASP A 185 3.76 -47.01 -6.47
N ALA A 186 4.80 -46.29 -6.87
CA ALA A 186 5.51 -45.41 -5.94
C ALA A 186 4.77 -44.08 -5.70
N GLY A 187 3.85 -43.73 -6.59
CA GLY A 187 3.07 -42.51 -6.44
C GLY A 187 3.68 -41.28 -7.06
N LEU A 188 2.98 -40.17 -6.92
CA LEU A 188 3.38 -38.85 -7.38
C LEU A 188 4.33 -38.17 -6.41
N GLN A 189 5.22 -37.33 -6.94
CA GLN A 189 6.01 -36.43 -6.10
C GLN A 189 5.84 -34.99 -6.56
N VAL A 190 5.62 -34.09 -5.61
CA VAL A 190 5.74 -32.66 -5.89
C VAL A 190 7.23 -32.43 -6.09
N VAL A 191 7.60 -31.70 -7.14
CA VAL A 191 9.01 -31.40 -7.34
C VAL A 191 9.36 -30.04 -6.79
N GLY A 192 10.25 -30.03 -5.80
CA GLY A 192 10.65 -28.82 -5.11
C GLY A 192 9.57 -28.23 -4.23
N ALA A 193 9.05 -27.10 -4.65
CA ALA A 193 8.07 -26.34 -3.88
C ALA A 193 7.12 -25.69 -4.90
N PRO A 194 5.97 -25.21 -4.44
CA PRO A 194 5.08 -24.47 -5.32
C PRO A 194 5.65 -23.08 -5.65
N GLN A 195 5.40 -22.63 -6.87
CA GLN A 195 5.53 -21.19 -7.17
C GLN A 195 4.40 -20.51 -6.43
N ARG A 196 4.71 -19.43 -5.74
CA ARG A 196 3.70 -18.61 -5.05
C ARG A 196 3.80 -17.14 -5.44
N TRP A 197 2.72 -16.59 -5.95
CA TRP A 197 2.73 -15.17 -6.33
C TRP A 197 1.32 -14.63 -6.19
N VAL A 198 1.21 -13.29 -6.18
CA VAL A 198 -0.05 -12.58 -5.93
C VAL A 198 -0.68 -12.01 -7.22
N ILE A 199 -1.97 -12.30 -7.43
CA ILE A 199 -2.69 -11.79 -8.61
C ILE A 199 -3.81 -10.93 -8.01
N ASP A 200 -3.97 -9.71 -8.49
CA ASP A 200 -5.09 -8.86 -8.07
C ASP A 200 -6.40 -9.30 -8.76
N ALA A 201 -6.87 -10.53 -8.47
CA ALA A 201 -8.13 -11.06 -8.96
C ALA A 201 -8.83 -11.85 -7.85
N ASN A 202 -10.13 -12.05 -7.98
CA ASN A 202 -10.84 -12.91 -7.06
C ASN A 202 -10.48 -14.38 -7.36
N TRP A 203 -10.27 -15.18 -6.31
CA TRP A 203 -9.96 -16.61 -6.48
C TRP A 203 -10.92 -17.43 -7.36
N LYS A 204 -12.21 -17.10 -7.31
CA LYS A 204 -13.25 -17.86 -8.01
C LYS A 204 -13.05 -17.87 -9.51
N LEU A 205 -12.37 -16.86 -10.06
CA LEU A 205 -12.18 -16.77 -11.48
C LEU A 205 -11.21 -17.86 -11.98
N GLY A 206 -10.19 -18.19 -11.17
CA GLY A 206 -9.32 -19.33 -11.46
C GLY A 206 -10.09 -20.64 -11.34
N ALA A 207 -10.87 -20.77 -10.28
CA ALA A 207 -11.66 -21.99 -10.07
C ALA A 207 -12.67 -22.22 -11.22
N ASP A 208 -13.37 -21.16 -11.62
CA ASP A 208 -14.36 -21.14 -12.73
C ASP A 208 -13.71 -21.58 -14.05
N ASN A 209 -12.51 -21.07 -14.30
CA ASN A 209 -11.79 -21.36 -15.52
C ASN A 209 -11.40 -22.85 -15.64
N PHE A 210 -10.83 -23.41 -14.57
CA PHE A 210 -10.38 -24.79 -14.62
C PHE A 210 -11.51 -25.78 -14.45
N VAL A 211 -12.62 -25.43 -13.77
CA VAL A 211 -13.72 -26.40 -13.56
C VAL A 211 -14.36 -26.86 -14.92
N GLY A 212 -14.36 -25.99 -15.92
CA GLY A 212 -15.16 -26.25 -17.09
C GLY A 212 -14.72 -25.61 -18.39
N ASP A 213 -13.73 -24.73 -18.36
CA ASP A 213 -13.55 -23.82 -19.50
C ASP A 213 -12.40 -24.18 -20.46
N ALA A 214 -12.75 -24.83 -21.56
CA ALA A 214 -11.86 -25.02 -22.68
C ALA A 214 -12.05 -23.90 -23.72
N TYR A 215 -13.29 -23.41 -23.79
CA TYR A 215 -13.74 -22.34 -24.71
C TYR A 215 -12.75 -21.18 -24.84
N HIS A 216 -12.15 -20.75 -23.72
CA HIS A 216 -11.19 -19.61 -23.68
C HIS A 216 -9.90 -19.81 -24.45
N THR A 217 -9.52 -21.06 -24.67
CA THR A 217 -8.29 -21.38 -25.40
C THR A 217 -8.18 -20.58 -26.70
N MET A 218 -9.23 -20.57 -27.54
CA MET A 218 -9.12 -19.96 -28.89
C MET A 218 -8.75 -18.46 -28.87
N MET A 219 -9.31 -17.69 -27.93
CA MET A 219 -8.97 -16.27 -27.82
C MET A 219 -7.86 -15.94 -26.80
N THR A 220 -8.03 -16.40 -25.55
CA THR A 220 -7.01 -16.11 -24.53
C THR A 220 -5.63 -16.60 -24.95
N HIS A 221 -5.62 -17.79 -25.55
CA HIS A 221 -4.38 -18.43 -25.93
C HIS A 221 -4.11 -18.46 -27.43
N ARG A 222 -4.70 -17.50 -28.13
CA ARG A 222 -4.51 -17.30 -29.54
C ARG A 222 -3.04 -17.19 -29.93
N SER A 223 -2.23 -16.48 -29.13
CA SER A 223 -0.78 -16.39 -29.36
C SER A 223 -0.15 -17.78 -29.42
N MET A 224 -0.59 -18.67 -28.53
CA MET A 224 -0.04 -20.02 -28.44
C MET A 224 -0.55 -20.92 -29.57
N VAL A 225 -1.80 -20.71 -30.00
CA VAL A 225 -2.31 -21.32 -31.22
C VAL A 225 -1.40 -20.92 -32.40
N GLU A 226 -1.05 -19.65 -32.53
CA GLU A 226 -0.19 -19.23 -33.65
C GLU A 226 1.24 -19.80 -33.59
N LEU A 227 1.72 -20.04 -32.39
CA LEU A 227 3.05 -20.59 -32.23
C LEU A 227 3.10 -22.11 -32.32
N GLY A 228 1.93 -22.76 -32.41
CA GLY A 228 1.86 -24.21 -32.56
C GLY A 228 1.81 -24.98 -31.26
N LEU A 229 1.62 -24.26 -30.14
CA LEU A 229 1.63 -24.90 -28.83
C LEU A 229 0.23 -25.25 -28.31
N ALA A 230 -0.78 -24.45 -28.66
CA ALA A 230 -2.18 -24.77 -28.32
C ALA A 230 -2.82 -25.48 -29.51
N PRO A 231 -3.88 -26.27 -29.28
CA PRO A 231 -4.57 -26.95 -30.39
C PRO A 231 -5.09 -25.94 -31.44
N PRO A 232 -4.74 -26.16 -32.72
CA PRO A 232 -5.16 -25.24 -33.80
C PRO A 232 -6.61 -25.41 -34.24
N ASP A 233 -7.20 -26.58 -33.99
CA ASP A 233 -8.58 -26.84 -34.39
C ASP A 233 -9.55 -26.07 -33.49
N PRO A 234 -10.34 -25.14 -34.05
CA PRO A 234 -11.38 -24.42 -33.28
C PRO A 234 -12.47 -25.33 -32.66
N GLN A 235 -12.56 -26.56 -33.15
CA GLN A 235 -13.49 -27.57 -32.69
C GLN A 235 -12.83 -28.55 -31.74
N PHE A 236 -11.60 -28.29 -31.32
CA PHE A 236 -10.84 -29.26 -30.52
C PHE A 236 -11.60 -29.82 -29.29
N ALA A 237 -12.41 -28.99 -28.65
CA ALA A 237 -13.08 -29.39 -27.40
C ALA A 237 -14.35 -30.20 -27.64
N LEU A 238 -14.78 -30.31 -28.90
CA LEU A 238 -15.85 -31.21 -29.25
C LEU A 238 -15.48 -32.68 -29.03
N TYR A 239 -14.17 -32.96 -29.06
CA TYR A 239 -13.68 -34.36 -28.90
C TYR A 239 -13.33 -34.56 -27.44
N GLY A 240 -14.33 -34.32 -26.59
CA GLY A 240 -14.14 -34.40 -25.16
C GLY A 240 -15.42 -34.64 -24.40
N GLU A 241 -15.28 -34.68 -23.08
CA GLU A 241 -16.40 -34.88 -22.16
C GLU A 241 -16.36 -33.84 -21.05
N HIS A 242 -17.53 -33.32 -20.67
CA HIS A 242 -17.71 -32.27 -19.62
C HIS A 242 -18.50 -32.93 -18.46
N ILE A 243 -17.88 -33.07 -17.29
CA ILE A 243 -18.42 -33.92 -16.20
C ILE A 243 -18.50 -33.21 -14.87
N HIS A 244 -19.64 -33.34 -14.18
CA HIS A 244 -19.67 -32.80 -12.84
C HIS A 244 -20.30 -33.76 -11.89
N THR A 245 -20.11 -33.43 -10.64
CA THR A 245 -20.36 -34.31 -9.52
C THR A 245 -21.09 -33.46 -8.47
N GLY A 246 -21.55 -34.04 -7.36
CA GLY A 246 -22.09 -33.24 -6.27
C GLY A 246 -20.97 -32.44 -5.59
N HIS A 247 -21.31 -31.60 -4.63
CA HIS A 247 -20.32 -30.71 -3.93
C HIS A 247 -19.50 -29.77 -4.85
N GLY A 248 -20.12 -29.34 -5.95
CA GLY A 248 -19.48 -28.31 -6.76
C GLY A 248 -18.34 -28.76 -7.63
N HIS A 249 -17.99 -30.05 -7.61
CA HIS A 249 -16.79 -30.51 -8.34
C HIS A 249 -17.08 -30.76 -9.81
N GLY A 250 -16.10 -30.49 -10.68
CA GLY A 250 -16.27 -30.85 -12.08
C GLY A 250 -14.93 -30.86 -12.80
N LEU A 251 -14.94 -31.43 -13.99
CA LEU A 251 -13.75 -31.54 -14.85
C LEU A 251 -14.14 -31.70 -16.31
N GLY A 252 -13.16 -31.52 -17.18
CA GLY A 252 -13.33 -31.87 -18.59
C GLY A 252 -12.17 -32.73 -19.05
N ILE A 253 -12.44 -33.62 -20.01
CA ILE A 253 -11.43 -34.48 -20.59
C ILE A 253 -11.50 -34.33 -22.11
N ILE A 254 -10.38 -33.98 -22.72
CA ILE A 254 -10.32 -33.77 -24.16
C ILE A 254 -9.29 -34.70 -24.81
N GLY A 255 -9.64 -35.32 -25.93
CA GLY A 255 -8.69 -36.14 -26.68
C GLY A 255 -8.48 -35.62 -28.10
N PRO A 256 -7.60 -36.27 -28.89
CA PRO A 256 -7.41 -35.86 -30.29
C PRO A 256 -8.57 -36.29 -31.19
N PRO A 257 -8.74 -35.62 -32.34
CA PRO A 257 -9.74 -36.02 -33.35
C PRO A 257 -9.40 -37.37 -34.01
N PRO A 258 -10.37 -38.03 -34.66
CA PRO A 258 -10.15 -39.33 -35.34
C PRO A 258 -8.94 -39.37 -36.28
N GLY A 259 -8.70 -38.29 -37.02
CA GLY A 259 -7.59 -38.23 -37.96
C GLY A 259 -6.28 -37.71 -37.38
N MET A 260 -6.05 -38.03 -36.10
CA MET A 260 -4.84 -37.64 -35.39
C MET A 260 -4.48 -38.74 -34.40
N PRO A 261 -3.50 -39.57 -34.73
CA PRO A 261 -2.99 -40.56 -33.76
C PRO A 261 -1.98 -39.91 -32.83
N LEU A 262 -2.22 -40.05 -31.54
CA LEU A 262 -1.26 -39.61 -30.54
C LEU A 262 -1.00 -40.82 -29.66
N PRO A 263 0.22 -40.95 -29.15
CA PRO A 263 0.54 -42.01 -28.19
C PRO A 263 -0.53 -42.14 -27.11
N GLU A 264 -0.90 -43.38 -26.82
CA GLU A 264 -1.88 -43.66 -25.77
C GLU A 264 -1.38 -43.23 -24.40
N PHE A 265 -2.32 -42.94 -23.50
CA PHE A 265 -2.00 -42.62 -22.13
C PHE A 265 -1.07 -41.40 -22.08
N MET A 266 -1.36 -40.41 -22.93
CA MET A 266 -0.64 -39.13 -22.93
C MET A 266 0.84 -39.32 -23.23
N GLY A 267 1.17 -40.47 -23.82
CA GLY A 267 2.57 -40.82 -24.05
C GLY A 267 3.41 -40.98 -22.78
N LEU A 268 2.78 -41.36 -21.68
CA LEU A 268 3.53 -41.66 -20.46
C LEU A 268 4.55 -42.76 -20.66
N PRO A 269 5.63 -42.75 -19.86
CA PRO A 269 6.66 -43.78 -20.00
C PRO A 269 6.09 -45.19 -19.78
N GLU A 270 6.76 -46.15 -20.40
CA GLU A 270 6.30 -47.53 -20.49
C GLU A 270 6.07 -48.18 -19.12
N ASN A 271 6.95 -47.89 -18.16
CA ASN A 271 6.79 -48.49 -16.83
C ASN A 271 5.56 -47.95 -16.12
N ILE A 272 5.24 -46.68 -16.33
CA ILE A 272 4.05 -46.07 -15.74
C ILE A 272 2.78 -46.62 -16.38
N VAL A 273 2.81 -46.82 -17.70
CA VAL A 273 1.66 -47.39 -18.41
C VAL A 273 1.39 -48.82 -17.91
N GLU A 274 2.45 -49.62 -17.74
CA GLU A 274 2.35 -50.94 -17.13
C GLU A 274 1.58 -50.89 -15.82
N GLU A 275 2.01 -49.97 -14.95
CA GLU A 275 1.47 -49.88 -13.59
C GLU A 275 0.01 -49.41 -13.64
N LEU A 276 -0.28 -48.39 -14.44
CA LEU A 276 -1.63 -47.83 -14.48
C LEU A 276 -2.69 -48.84 -15.00
N GLU A 277 -2.30 -49.65 -15.97
CA GLU A 277 -3.16 -50.75 -16.44
C GLU A 277 -3.50 -51.78 -15.35
N ARG A 278 -2.69 -51.82 -14.30
CA ARG A 278 -2.89 -52.74 -13.22
C ARG A 278 -3.50 -52.03 -11.99
N ARG A 279 -3.25 -50.73 -11.85
CA ARG A 279 -3.74 -49.99 -10.68
C ARG A 279 -5.18 -49.46 -10.85
N LEU A 280 -5.54 -49.09 -12.07
CA LEU A 280 -6.85 -48.48 -12.33
C LEU A 280 -7.80 -49.55 -12.87
N THR A 281 -9.12 -49.30 -12.74
CA THR A 281 -10.12 -50.21 -13.30
C THR A 281 -10.16 -50.10 -14.82
N PRO A 282 -10.58 -51.17 -15.50
CA PRO A 282 -10.70 -51.13 -16.97
C PRO A 282 -11.49 -49.91 -17.48
N GLU A 283 -12.52 -49.50 -16.75
CA GLU A 283 -13.30 -48.31 -17.11
C GLU A 283 -12.45 -47.03 -17.03
N GLN A 284 -11.65 -46.90 -15.98
CA GLN A 284 -10.74 -45.75 -15.81
C GLN A 284 -9.70 -45.77 -16.91
N VAL A 285 -9.14 -46.95 -17.16
CA VAL A 285 -8.09 -47.14 -18.17
C VAL A 285 -8.54 -46.68 -19.56
N GLU A 286 -9.75 -47.10 -19.97
CA GLU A 286 -10.28 -46.71 -21.27
C GLU A 286 -10.66 -45.23 -21.39
N ILE A 287 -11.11 -44.60 -20.30
CA ILE A 287 -11.30 -43.15 -20.31
C ILE A 287 -9.97 -42.43 -20.47
N PHE A 288 -8.92 -42.92 -19.79
CA PHE A 288 -7.61 -42.25 -19.86
C PHE A 288 -6.89 -42.47 -21.20
N ARG A 289 -7.15 -43.62 -21.82
CA ARG A 289 -6.34 -44.04 -22.97
C ARG A 289 -6.11 -42.97 -24.07
N PRO A 290 -7.17 -42.30 -24.53
CA PRO A 290 -7.04 -41.29 -25.57
C PRO A 290 -6.94 -39.83 -25.06
N THR A 291 -6.62 -39.63 -23.78
CA THR A 291 -6.59 -38.27 -23.21
C THR A 291 -5.43 -37.42 -23.73
N ALA A 292 -5.72 -36.15 -24.00
CA ALA A 292 -4.70 -35.11 -24.21
C ALA A 292 -4.73 -34.01 -23.13
N PHE A 293 -5.92 -33.66 -22.66
CA PHE A 293 -6.10 -32.66 -21.60
C PHE A 293 -7.13 -33.08 -20.58
N ILE A 294 -6.79 -32.90 -19.31
CA ILE A 294 -7.77 -32.98 -18.24
C ILE A 294 -7.63 -31.70 -17.46
N HIS A 295 -8.75 -31.06 -17.19
CA HIS A 295 -8.78 -29.87 -16.35
C HIS A 295 -9.99 -29.96 -15.40
N GLY A 296 -9.81 -29.54 -14.14
CA GLY A 296 -10.90 -29.64 -13.20
C GLY A 296 -10.66 -28.84 -11.95
N THR A 297 -11.71 -28.73 -11.14
CA THR A 297 -11.57 -28.07 -9.86
C THR A 297 -12.20 -28.96 -8.82
N VAL A 298 -11.45 -29.18 -7.74
CA VAL A 298 -12.00 -29.73 -6.53
C VAL A 298 -12.52 -28.57 -5.64
N PHE A 299 -13.83 -28.45 -5.51
CA PHE A 299 -14.38 -27.34 -4.75
C PHE A 299 -13.80 -27.27 -3.34
N PRO A 300 -13.48 -26.08 -2.85
CA PRO A 300 -13.61 -24.81 -3.59
C PRO A 300 -12.47 -24.42 -4.53
N ASN A 301 -11.22 -24.54 -4.13
CA ASN A 301 -10.16 -23.72 -4.75
C ASN A 301 -8.90 -24.51 -5.12
N LEU A 302 -9.02 -25.82 -5.32
CA LEU A 302 -7.93 -26.63 -5.83
C LEU A 302 -8.25 -26.99 -7.27
N SER A 303 -7.37 -26.62 -8.21
CA SER A 303 -7.59 -26.99 -9.61
C SER A 303 -6.44 -27.89 -10.10
N ILE A 304 -6.76 -28.69 -11.12
CA ILE A 304 -5.87 -29.68 -11.69
C ILE A 304 -5.75 -29.38 -13.16
N GLY A 305 -4.52 -29.42 -13.67
CA GLY A 305 -4.29 -29.49 -15.10
C GLY A 305 -3.36 -30.61 -15.48
N ASN A 306 -3.81 -31.55 -16.32
CA ASN A 306 -2.96 -32.64 -16.77
C ASN A 306 -2.99 -32.52 -18.28
N PHE A 307 -1.94 -31.91 -18.81
CA PHE A 307 -1.93 -31.43 -20.20
C PHE A 307 -0.75 -31.98 -20.97
N LEU A 308 -0.93 -32.11 -22.27
CA LEU A 308 0.14 -32.60 -23.17
C LEU A 308 0.56 -31.39 -24.00
N MET A 309 1.80 -30.92 -23.83
CA MET A 309 2.22 -29.62 -24.40
C MET A 309 3.71 -29.55 -24.65
N GLY A 310 4.09 -28.83 -25.72
CA GLY A 310 5.48 -28.52 -26.03
C GLY A 310 6.14 -27.59 -25.00
N LYS A 311 7.45 -27.76 -24.81
CA LYS A 311 8.22 -26.88 -23.91
C LYS A 311 8.72 -25.62 -24.63
N ASP A 312 8.41 -25.54 -25.92
CA ASP A 312 8.73 -24.39 -26.79
C ASP A 312 8.11 -24.65 -28.18
N HIS A 313 8.26 -23.71 -29.11
CA HIS A 313 7.58 -23.81 -30.40
C HIS A 313 8.20 -24.87 -31.34
N LEU A 314 9.31 -25.47 -30.92
CA LEU A 314 10.03 -26.37 -31.79
C LEU A 314 9.98 -27.82 -31.32
N SER A 315 9.26 -28.09 -30.23
CA SER A 315 9.38 -29.38 -29.58
C SER A 315 8.11 -30.19 -29.56
N ALA A 316 8.27 -31.52 -29.64
CA ALA A 316 7.15 -32.44 -29.47
C ALA A 316 6.62 -32.34 -28.05
N PRO A 317 5.32 -32.48 -27.88
CA PRO A 317 4.70 -32.28 -26.57
C PRO A 317 5.02 -33.41 -25.59
N THR A 318 5.07 -33.06 -24.31
CA THR A 318 5.05 -34.06 -23.25
C THR A 318 4.02 -33.70 -22.17
N ALA A 319 3.51 -34.74 -21.52
CA ALA A 319 2.50 -34.62 -20.50
C ALA A 319 3.06 -34.03 -19.22
N PHE A 320 2.26 -33.18 -18.57
CA PHE A 320 2.64 -32.71 -17.24
C PHE A 320 1.39 -32.62 -16.41
N LEU A 321 1.58 -32.73 -15.09
CA LEU A 321 0.50 -32.56 -14.13
C LEU A 321 0.81 -31.36 -13.23
N THR A 322 -0.16 -30.46 -13.08
CA THR A 322 -0.06 -29.41 -12.11
C THR A 322 -1.34 -29.37 -11.26
N LEU A 323 -1.14 -29.17 -9.95
CA LEU A 323 -2.21 -28.85 -9.01
C LEU A 323 -1.98 -27.41 -8.58
N ARG A 324 -3.03 -26.64 -8.37
CA ARG A 324 -2.82 -25.27 -7.93
C ARG A 324 -3.94 -24.86 -6.96
N LEU A 325 -3.58 -24.04 -5.97
CA LEU A 325 -4.50 -23.34 -5.10
C LEU A 325 -4.75 -21.92 -5.56
N TRP A 326 -6.03 -21.55 -5.56
CA TRP A 326 -6.36 -20.16 -5.76
C TRP A 326 -6.62 -19.67 -4.35
N HIS A 327 -5.56 -19.22 -3.69
CA HIS A 327 -5.69 -18.86 -2.27
C HIS A 327 -6.35 -17.48 -2.04
N PRO A 328 -7.47 -17.42 -1.32
CA PRO A 328 -8.16 -16.14 -1.11
C PRO A 328 -7.47 -15.13 -0.15
N LEU A 329 -7.18 -13.95 -0.68
CA LEU A 329 -6.48 -12.92 0.11
C LEU A 329 -7.45 -11.76 0.41
N GLY A 330 -8.40 -11.52 -0.50
CA GLY A 330 -9.42 -10.49 -0.30
C GLY A 330 -10.37 -10.58 -1.50
N PRO A 331 -11.37 -9.69 -1.54
CA PRO A 331 -12.36 -9.70 -2.62
C PRO A 331 -11.66 -9.58 -3.99
N ASP A 332 -10.53 -8.87 -3.98
CA ASP A 332 -9.90 -8.54 -5.25
C ASP A 332 -8.45 -8.99 -5.34
N LYS A 333 -8.10 -10.01 -4.56
CA LYS A 333 -6.72 -10.44 -4.47
C LYS A 333 -6.58 -11.93 -4.15
N MET A 334 -5.68 -12.63 -4.82
CA MET A 334 -5.44 -14.00 -4.44
C MET A 334 -3.95 -14.32 -4.52
N GLU A 335 -3.54 -15.42 -3.89
CA GLU A 335 -2.16 -15.92 -4.03
C GLU A 335 -2.28 -17.27 -4.72
N VAL A 336 -1.66 -17.41 -5.89
CA VAL A 336 -1.64 -18.70 -6.56
C VAL A 336 -0.51 -19.50 -5.92
N MET A 337 -0.79 -20.78 -5.65
CA MET A 337 0.28 -21.76 -5.31
C MET A 337 0.24 -22.84 -6.36
N SER A 338 1.23 -22.87 -7.26
CA SER A 338 1.23 -23.80 -8.39
C SER A 338 2.29 -24.89 -8.22
N PHE A 339 1.81 -26.13 -8.11
CA PHE A 339 2.68 -27.29 -7.86
C PHE A 339 2.87 -28.06 -9.15
N PHE A 340 4.09 -28.53 -9.40
CA PHE A 340 4.36 -29.47 -10.48
C PHE A 340 4.56 -30.85 -9.88
N LEU A 341 3.89 -31.87 -10.45
CA LEU A 341 4.01 -33.22 -9.92
C LEU A 341 4.37 -34.19 -11.03
N VAL A 342 5.08 -35.26 -10.67
CA VAL A 342 5.44 -36.30 -11.64
C VAL A 342 5.61 -37.63 -10.88
N GLU A 343 5.37 -38.74 -11.57
CA GLU A 343 5.44 -40.05 -10.95
C GLU A 343 6.87 -40.26 -10.48
N LYS A 344 7.03 -40.69 -9.22
CA LYS A 344 8.36 -40.89 -8.63
C LYS A 344 9.26 -41.80 -9.49
N ASP A 345 8.66 -42.82 -10.11
CA ASP A 345 9.40 -43.81 -10.90
C ASP A 345 9.51 -43.52 -12.40
N ALA A 346 9.02 -42.37 -12.84
CA ALA A 346 9.28 -41.96 -14.20
C ALA A 346 10.79 -41.81 -14.38
N PRO A 347 11.30 -42.13 -15.58
CA PRO A 347 12.73 -41.99 -15.86
C PRO A 347 13.09 -40.52 -15.77
N ASP A 348 14.33 -40.20 -15.42
CA ASP A 348 14.76 -38.81 -15.19
C ASP A 348 14.62 -37.92 -16.42
N TRP A 349 14.84 -38.51 -17.60
CA TRP A 349 14.69 -37.76 -18.83
C TRP A 349 13.25 -37.22 -18.92
N PHE A 350 12.26 -38.05 -18.57
CA PHE A 350 10.86 -37.65 -18.63
C PHE A 350 10.49 -36.59 -17.60
N LYS A 351 11.04 -36.72 -16.40
CA LYS A 351 10.82 -35.71 -15.33
C LYS A 351 11.24 -34.31 -15.77
N ASP A 352 12.44 -34.22 -16.35
CA ASP A 352 12.95 -32.96 -16.88
C ASP A 352 12.11 -32.41 -18.05
N GLU A 353 11.79 -33.28 -19.00
CA GLU A 353 10.93 -32.89 -20.12
C GLU A 353 9.55 -32.42 -19.69
N SER A 354 8.97 -33.12 -18.74
CA SER A 354 7.62 -32.80 -18.28
C SER A 354 7.60 -31.45 -17.50
N TYR A 355 8.65 -31.25 -16.71
CA TYR A 355 8.92 -30.00 -16.00
C TYR A 355 9.04 -28.81 -16.94
N LYS A 356 9.81 -28.94 -18.01
CA LYS A 356 9.93 -27.85 -18.98
C LYS A 356 8.59 -27.59 -19.74
N SER A 357 7.86 -28.65 -20.06
CA SER A 357 6.56 -28.48 -20.71
C SER A 357 5.58 -27.70 -19.82
N TYR A 358 5.53 -28.07 -18.54
CA TYR A 358 4.76 -27.29 -17.55
C TYR A 358 5.26 -25.84 -17.44
N LEU A 359 6.57 -25.66 -17.36
CA LEU A 359 7.15 -24.38 -16.91
C LEU A 359 6.95 -23.26 -17.94
N ARG A 360 7.02 -23.60 -19.23
CA ARG A 360 6.96 -22.60 -20.30
C ARG A 360 5.53 -22.28 -20.70
N THR A 361 4.57 -23.09 -20.20
CA THR A 361 3.14 -22.92 -20.51
C THR A 361 2.34 -22.39 -19.35
N PHE A 362 2.51 -23.00 -18.18
CA PHE A 362 1.76 -22.63 -16.99
C PHE A 362 2.69 -22.14 -15.87
N GLY A 363 2.12 -21.77 -14.72
CA GLY A 363 2.94 -21.10 -13.73
C GLY A 363 3.16 -19.60 -14.01
N ILE A 364 3.97 -18.98 -13.17
CA ILE A 364 4.11 -17.52 -13.11
C ILE A 364 4.69 -16.90 -14.40
N SER A 365 5.54 -17.65 -15.11
CA SER A 365 6.11 -17.13 -16.34
C SER A 365 5.57 -17.87 -17.59
N GLY A 366 4.62 -18.78 -17.42
CA GLY A 366 4.11 -19.55 -18.54
C GLY A 366 3.39 -18.70 -19.58
N GLY A 367 3.60 -19.04 -20.85
CA GLY A 367 2.98 -18.31 -21.97
C GLY A 367 1.47 -18.42 -22.05
N PHE A 368 0.89 -19.48 -21.46
CA PHE A 368 -0.56 -19.54 -21.32
C PHE A 368 -1.00 -18.75 -20.07
N GLU A 369 -0.48 -19.15 -18.90
CA GLU A 369 -1.01 -18.67 -17.63
C GLU A 369 -0.84 -17.15 -17.45
N GLN A 370 0.20 -16.56 -18.02
CA GLN A 370 0.35 -15.13 -17.86
C GLN A 370 -0.82 -14.35 -18.45
N ASP A 371 -1.42 -14.83 -19.55
CA ASP A 371 -2.62 -14.19 -20.09
C ASP A 371 -3.88 -14.49 -19.32
N ASP A 372 -4.00 -15.73 -18.81
CA ASP A 372 -5.06 -16.07 -17.88
C ASP A 372 -5.09 -15.08 -16.73
N ALA A 373 -3.92 -14.80 -16.15
CA ALA A 373 -3.84 -13.87 -15.04
C ALA A 373 -4.34 -12.46 -15.43
N GLU A 374 -3.90 -11.98 -16.58
CA GLU A 374 -4.33 -10.68 -17.05
C GLU A 374 -5.85 -10.62 -17.18
N ASN A 375 -6.45 -11.65 -17.76
CA ASN A 375 -7.92 -11.66 -17.87
C ASN A 375 -8.65 -11.58 -16.52
N TRP A 376 -8.19 -12.36 -15.53
CA TRP A 376 -8.88 -12.41 -14.24
C TRP A 376 -8.74 -11.09 -13.51
N ARG A 377 -7.57 -10.45 -13.57
CA ARG A 377 -7.42 -9.16 -12.88
C ARG A 377 -8.27 -8.07 -13.51
N SER A 378 -8.38 -8.12 -14.84
CA SER A 378 -9.23 -7.19 -15.57
C SER A 378 -10.72 -7.32 -15.18
N ILE A 379 -11.26 -8.54 -15.20
CA ILE A 379 -12.65 -8.81 -14.79
C ILE A 379 -12.87 -8.29 -13.39
N THR A 380 -11.92 -8.63 -12.49
CA THR A 380 -12.07 -8.28 -11.07
C THR A 380 -12.20 -6.78 -10.88
N ARG A 381 -11.36 -6.01 -11.57
CA ARG A 381 -11.37 -4.56 -11.45
C ARG A 381 -12.73 -3.95 -11.86
N VAL A 382 -13.18 -4.31 -13.05
CA VAL A 382 -14.37 -3.70 -13.56
C VAL A 382 -15.63 -4.24 -12.83
N MET A 383 -15.51 -5.44 -12.22
CA MET A 383 -16.58 -6.01 -11.41
C MET A 383 -16.74 -5.47 -10.00
N GLY A 384 -15.84 -4.55 -9.59
CA GLY A 384 -16.03 -3.75 -8.39
C GLY A 384 -16.97 -2.55 -8.58
N GLY A 385 -17.41 -2.26 -9.80
CA GLY A 385 -18.33 -1.15 -10.02
C GLY A 385 -19.76 -1.49 -9.58
N GLN A 386 -20.42 -0.55 -8.91
CA GLN A 386 -21.75 -0.77 -8.37
C GLN A 386 -22.78 -1.06 -9.46
N PHE A 387 -22.67 -0.40 -10.62
CA PHE A 387 -23.53 -0.70 -11.76
C PHE A 387 -23.16 -2.04 -12.42
N ALA A 388 -21.88 -2.32 -12.58
CA ALA A 388 -21.44 -3.60 -13.10
C ALA A 388 -22.05 -4.77 -12.29
N LYS A 389 -22.15 -4.56 -10.98
CA LYS A 389 -22.55 -5.57 -10.01
C LYS A 389 -24.03 -5.91 -10.08
N THR A 390 -24.82 -5.06 -10.73
CA THR A 390 -26.26 -5.29 -10.88
C THR A 390 -26.57 -6.16 -12.09
N GLY A 391 -25.55 -6.46 -12.89
CA GLY A 391 -25.73 -7.36 -13.99
C GLY A 391 -25.53 -8.84 -13.67
N GLU A 392 -25.49 -9.61 -14.74
CA GLU A 392 -25.41 -11.06 -14.64
C GLU A 392 -24.18 -11.57 -15.42
N LEU A 393 -23.66 -12.70 -15.01
CA LEU A 393 -22.70 -13.45 -15.81
C LEU A 393 -23.46 -14.44 -16.71
N ASN A 394 -22.99 -14.64 -17.96
CA ASN A 394 -23.71 -15.49 -18.88
C ASN A 394 -23.09 -16.90 -18.86
N TYR A 395 -23.85 -17.86 -18.33
CA TYR A 395 -23.45 -19.24 -18.35
C TYR A 395 -24.40 -20.07 -19.25
N GLN A 396 -24.88 -19.45 -20.33
CA GLN A 396 -25.90 -20.07 -21.17
C GLN A 396 -25.40 -21.05 -22.26
N MET A 397 -24.12 -21.34 -22.27
CA MET A 397 -23.57 -22.26 -23.27
C MET A 397 -24.25 -23.64 -23.18
N GLY A 398 -25.03 -23.98 -24.21
CA GLY A 398 -25.65 -25.30 -24.28
C GLY A 398 -27.11 -25.24 -23.87
N ARG A 399 -27.56 -24.09 -23.40
CA ARG A 399 -28.97 -23.94 -23.04
C ARG A 399 -29.82 -24.32 -24.24
N GLY A 400 -30.77 -25.19 -23.99
CA GLY A 400 -31.70 -25.65 -25.01
C GLY A 400 -31.11 -26.69 -25.93
N VAL A 401 -29.87 -27.11 -25.66
CA VAL A 401 -29.15 -28.06 -26.50
C VAL A 401 -28.55 -29.25 -25.74
N LEU A 402 -27.96 -29.03 -24.57
CA LEU A 402 -27.24 -30.09 -23.81
C LEU A 402 -28.15 -31.25 -23.44
N GLU A 403 -27.70 -32.46 -23.77
CA GLU A 403 -28.32 -33.70 -23.27
C GLU A 403 -27.23 -34.57 -22.66
N PRO A 404 -27.46 -35.14 -21.48
CA PRO A 404 -26.49 -36.05 -20.86
C PRO A 404 -26.11 -37.17 -21.82
N ASP A 405 -24.85 -37.58 -21.74
CA ASP A 405 -24.32 -38.66 -22.56
C ASP A 405 -24.78 -39.98 -21.96
N PRO A 406 -25.61 -40.74 -22.69
CA PRO A 406 -26.11 -42.04 -22.21
C PRO A 406 -25.03 -43.14 -22.25
N ASN A 407 -24.01 -42.93 -23.08
CA ASN A 407 -22.91 -43.88 -23.27
C ASN A 407 -21.67 -43.65 -22.37
N TRP A 408 -21.67 -42.61 -21.53
CA TRP A 408 -20.49 -42.36 -20.68
C TRP A 408 -20.39 -43.43 -19.58
N THR A 409 -19.19 -44.00 -19.44
CA THR A 409 -18.95 -45.14 -18.52
C THR A 409 -18.49 -44.72 -17.12
N GLY A 410 -18.25 -43.44 -16.92
CA GLY A 410 -17.88 -42.96 -15.60
C GLY A 410 -19.09 -42.39 -14.86
N PRO A 411 -18.93 -42.15 -13.55
CA PRO A 411 -20.00 -41.55 -12.76
C PRO A 411 -20.12 -40.02 -12.97
N GLY A 412 -21.14 -39.40 -12.40
CA GLY A 412 -21.31 -37.95 -12.51
C GLY A 412 -22.27 -37.59 -13.62
N GLU A 413 -22.54 -36.32 -13.79
CA GLU A 413 -23.39 -35.87 -14.89
C GLU A 413 -22.49 -35.40 -16.02
N ALA A 414 -22.57 -36.12 -17.15
CA ALA A 414 -21.59 -36.02 -18.22
C ALA A 414 -22.21 -35.63 -19.58
N TYR A 415 -21.54 -34.73 -20.29
CA TYR A 415 -22.00 -34.28 -21.60
C TYR A 415 -20.94 -34.60 -22.67
N PRO A 416 -21.36 -35.03 -23.88
CA PRO A 416 -20.42 -35.56 -24.89
C PRO A 416 -19.66 -34.49 -25.71
N LEU A 417 -19.32 -33.38 -25.06
CA LEU A 417 -18.45 -32.38 -25.62
C LEU A 417 -17.88 -31.60 -24.43
N ASP A 418 -16.84 -30.80 -24.65
CA ASP A 418 -16.29 -29.96 -23.57
C ASP A 418 -16.40 -28.44 -23.87
N TYR A 419 -17.26 -28.06 -24.81
CA TYR A 419 -17.72 -26.69 -24.88
C TYR A 419 -19.09 -26.67 -24.16
N ALA A 420 -19.06 -26.44 -22.86
CA ALA A 420 -20.29 -26.32 -22.08
C ALA A 420 -19.96 -25.50 -20.86
N GLU A 421 -20.99 -25.05 -20.15
CA GLU A 421 -20.82 -24.29 -18.91
C GLU A 421 -21.61 -24.91 -17.76
N ALA A 422 -21.97 -26.19 -17.93
CA ALA A 422 -22.64 -26.96 -16.88
C ALA A 422 -21.79 -27.13 -15.62
N ASN A 423 -20.50 -27.36 -15.80
CA ASN A 423 -19.56 -27.44 -14.66
C ASN A 423 -19.46 -26.15 -13.85
N GLN A 424 -19.31 -25.02 -14.54
CA GLN A 424 -19.25 -23.71 -13.84
C GLN A 424 -20.55 -23.42 -13.08
N ARG A 425 -21.68 -23.82 -13.68
CA ARG A 425 -22.98 -23.63 -13.06
C ARG A 425 -23.14 -24.44 -11.78
N ASN A 426 -22.73 -25.71 -11.83
CA ASN A 426 -22.69 -26.61 -10.69
C ASN A 426 -21.77 -26.10 -9.58
N PHE A 427 -20.65 -25.52 -9.96
CA PHE A 427 -19.70 -25.01 -8.97
C PHE A 427 -20.37 -23.84 -8.24
N LEU A 428 -20.95 -22.91 -9.00
CA LEU A 428 -21.54 -21.71 -8.42
C LEU A 428 -22.81 -22.01 -7.68
N GLU A 429 -23.56 -23.01 -8.13
CA GLU A 429 -24.76 -23.46 -7.41
C GLU A 429 -24.39 -23.93 -6.01
N TYR A 430 -23.37 -24.77 -5.92
CA TYR A 430 -22.91 -25.25 -4.61
C TYR A 430 -22.38 -24.09 -3.76
N TRP A 431 -21.64 -23.18 -4.38
CA TRP A 431 -21.09 -22.01 -3.67
C TRP A 431 -22.28 -21.22 -3.09
N MET A 432 -23.32 -21.01 -3.89
CA MET A 432 -24.49 -20.25 -3.47
C MET A 432 -25.28 -20.97 -2.37
N GLN A 433 -25.42 -22.30 -2.47
CA GLN A 433 -26.05 -23.07 -1.40
C GLN A 433 -25.29 -22.87 -0.07
N LEU A 434 -23.96 -22.93 -0.12
CA LEU A 434 -23.15 -22.80 1.08
C LEU A 434 -23.24 -21.39 1.68
N MET A 435 -23.25 -20.39 0.80
CA MET A 435 -23.40 -18.98 1.18
C MET A 435 -24.72 -18.72 1.92
N LEU A 436 -25.77 -19.43 1.51
CA LEU A 436 -27.10 -19.27 2.12
C LEU A 436 -27.37 -20.17 3.31
N ALA A 437 -26.48 -21.14 3.57
CA ALA A 437 -26.70 -22.07 4.67
C ALA A 437 -26.58 -21.35 6.03
N GLU A 438 -27.70 -21.24 6.74
CA GLU A 438 -27.71 -20.61 8.08
C GLU A 438 -27.15 -21.59 9.11
N SER A 439 -27.48 -22.87 8.91
CA SER A 439 -26.79 -23.99 9.55
C SER A 439 -26.13 -24.89 8.49
N PRO A 440 -24.91 -25.36 8.74
CA PRO A 440 -24.10 -26.15 7.79
C PRO A 440 -24.79 -27.18 6.87
N LEU A 441 -24.15 -27.40 5.71
CA LEU A 441 -24.59 -28.29 4.62
C LEU A 441 -25.66 -27.64 3.73
N ARG B 6 42.11 -11.24 -12.18
CA ARG B 6 41.91 -9.94 -11.46
C ARG B 6 41.97 -8.72 -12.38
N VAL B 7 41.33 -7.62 -11.97
CA VAL B 7 41.34 -6.32 -12.68
C VAL B 7 40.55 -6.28 -14.01
N SER B 8 40.29 -5.07 -14.53
CA SER B 8 39.67 -4.88 -15.85
C SER B 8 39.88 -3.46 -16.46
N ASP B 9 38.95 -2.54 -16.15
CA ASP B 9 38.99 -1.08 -16.38
C ASP B 9 38.28 -0.48 -17.61
N THR B 10 38.89 -0.59 -18.79
CA THR B 10 38.19 -0.26 -20.02
C THR B 10 37.06 -1.29 -20.18
N THR B 11 37.33 -2.51 -19.73
CA THR B 11 36.36 -3.60 -19.74
C THR B 11 35.15 -3.33 -18.83
N VAL B 12 35.40 -2.80 -17.63
CA VAL B 12 34.34 -2.43 -16.71
C VAL B 12 33.36 -1.45 -17.38
N ARG B 13 33.93 -0.44 -18.04
CA ARG B 13 33.16 0.56 -18.75
C ARG B 13 32.27 -0.09 -19.82
N GLU B 14 32.88 -0.90 -20.67
CA GLU B 14 32.18 -1.57 -21.74
C GLU B 14 31.05 -2.44 -21.21
N ILE B 15 31.34 -3.22 -20.17
CA ILE B 15 30.36 -4.13 -19.60
C ILE B 15 29.22 -3.33 -18.96
N THR B 16 29.58 -2.28 -18.25
CA THR B 16 28.58 -1.42 -17.62
C THR B 16 27.68 -0.80 -18.70
N GLU B 17 28.30 -0.28 -19.77
CA GLU B 17 27.54 0.30 -20.88
C GLU B 17 26.67 -0.76 -21.54
N TRP B 18 27.17 -1.98 -21.63
CA TRP B 18 26.40 -3.08 -22.23
C TRP B 18 25.15 -3.34 -21.37
N LEU B 19 25.32 -3.36 -20.05
CA LEU B 19 24.18 -3.61 -19.16
C LEU B 19 23.11 -2.53 -19.28
N TYR B 20 23.55 -1.28 -19.43
CA TYR B 20 22.60 -0.18 -19.50
C TYR B 20 21.89 -0.20 -20.85
N MET B 21 22.60 -0.58 -21.90
CA MET B 21 22.00 -0.76 -23.23
C MET B 21 20.97 -1.90 -23.24
N GLU B 22 21.27 -2.96 -22.50
CA GLU B 22 20.39 -4.10 -22.44
C GLU B 22 19.10 -3.71 -21.76
N ALA B 23 19.22 -3.08 -20.59
CA ALA B 23 18.07 -2.56 -19.84
C ALA B 23 17.21 -1.57 -20.67
N GLU B 24 17.87 -0.67 -21.39
CA GLU B 24 17.18 0.26 -22.27
C GLU B 24 16.32 -0.41 -23.31
N LEU B 25 16.87 -1.43 -23.98
CA LEU B 25 16.10 -2.22 -24.95
C LEU B 25 14.87 -2.83 -24.27
N LEU B 26 15.07 -3.47 -23.11
CA LEU B 26 13.93 -4.09 -22.42
C LEU B 26 12.88 -3.04 -22.06
N ASP B 27 13.30 -1.91 -21.55
CA ASP B 27 12.33 -0.88 -21.15
C ASP B 27 11.66 -0.21 -22.36
N ALA B 28 12.17 -0.42 -23.56
CA ALA B 28 11.54 0.15 -24.75
C ALA B 28 10.73 -0.92 -25.47
N GLY B 29 10.69 -2.12 -24.90
CA GLY B 29 9.94 -3.22 -25.47
C GLY B 29 10.57 -3.72 -26.75
N LYS B 30 11.88 -3.50 -26.91
CA LYS B 30 12.60 -4.00 -28.09
C LYS B 30 13.08 -5.43 -27.90
N TYR B 31 12.15 -6.36 -27.83
CA TYR B 31 12.46 -7.75 -27.51
C TYR B 31 13.31 -8.50 -28.57
N ARG B 32 13.04 -8.21 -29.84
CA ARG B 32 13.74 -8.84 -30.96
C ARG B 32 15.21 -8.44 -30.93
N GLU B 33 15.45 -7.14 -30.72
CA GLU B 33 16.82 -6.64 -30.53
C GLU B 33 17.51 -7.25 -29.33
N TRP B 34 16.80 -7.39 -28.22
CA TRP B 34 17.35 -7.98 -27.02
C TRP B 34 17.76 -9.44 -27.30
N LEU B 35 16.90 -10.16 -28.03
CA LEU B 35 17.16 -11.55 -28.32
C LEU B 35 18.51 -11.77 -29.03
N ALA B 36 18.96 -10.77 -29.81
CA ALA B 36 20.24 -10.81 -30.49
C ALA B 36 21.43 -10.71 -29.51
N LEU B 37 21.19 -10.32 -28.26
CA LEU B 37 22.27 -10.21 -27.28
C LEU B 37 22.56 -11.53 -26.59
N VAL B 38 21.80 -12.56 -26.92
CA VAL B 38 21.98 -13.80 -26.17
C VAL B 38 22.69 -14.84 -26.96
N THR B 39 23.23 -15.76 -26.23
CA THR B 39 24.10 -16.77 -26.74
C THR B 39 23.28 -18.02 -27.09
N GLU B 40 23.85 -18.83 -27.96
CA GLU B 40 23.24 -20.07 -28.43
C GLU B 40 23.03 -21.11 -27.29
N ASP B 41 23.93 -21.11 -26.29
CA ASP B 41 23.79 -21.97 -25.12
C ASP B 41 23.22 -21.20 -23.89
N LEU B 42 22.44 -20.15 -24.15
CA LEU B 42 21.80 -19.37 -23.07
C LEU B 42 21.18 -20.24 -22.01
N SER B 43 21.43 -19.88 -20.75
CA SER B 43 20.65 -20.34 -19.60
C SER B 43 20.14 -19.13 -18.81
N TYR B 44 18.82 -18.99 -18.73
CA TYR B 44 18.19 -17.88 -18.06
C TYR B 44 17.29 -18.44 -16.98
N VAL B 45 17.67 -18.27 -15.71
CA VAL B 45 16.82 -18.83 -14.63
C VAL B 45 16.47 -17.90 -13.46
N VAL B 46 15.24 -18.04 -12.99
CA VAL B 46 14.72 -17.33 -11.82
C VAL B 46 14.29 -18.37 -10.80
N PRO B 47 15.12 -18.61 -9.77
CA PRO B 47 14.83 -19.60 -8.75
C PRO B 47 13.71 -19.22 -7.79
N ILE B 48 13.15 -20.24 -7.15
CA ILE B 48 12.19 -20.06 -6.07
C ILE B 48 12.97 -20.05 -4.77
N ARG B 49 12.55 -19.18 -3.85
CA ARG B 49 13.08 -19.14 -2.50
C ARG B 49 11.95 -19.34 -1.51
N VAL B 50 12.27 -19.96 -0.38
CA VAL B 50 11.35 -20.11 0.75
C VAL B 50 12.01 -19.59 2.03
N THR B 51 11.21 -19.03 2.94
CA THR B 51 11.72 -18.58 4.25
C THR B 51 12.27 -19.78 5.03
N ARG B 52 13.48 -19.65 5.54
CA ARG B 52 14.09 -20.69 6.37
C ARG B 52 14.88 -20.10 7.52
N GLU B 53 15.08 -20.88 8.57
CA GLU B 53 15.97 -20.44 9.65
C GLU B 53 17.35 -20.11 9.10
N ARG B 54 18.06 -19.24 9.81
CA ARG B 54 19.40 -18.78 9.44
C ARG B 54 20.35 -19.98 9.25
N GLU B 55 20.10 -21.04 10.04
CA GLU B 55 20.94 -22.24 10.04
C GLU B 55 20.93 -23.00 8.71
N ALA B 56 19.83 -22.90 7.95
CA ALA B 56 19.71 -23.60 6.68
C ALA B 56 20.85 -23.23 5.75
N VAL B 57 21.40 -24.23 5.07
CA VAL B 57 22.51 -24.02 4.13
C VAL B 57 22.05 -23.16 2.94
N THR B 58 20.83 -23.40 2.50
CA THR B 58 20.27 -22.58 1.44
C THR B 58 18.77 -22.43 1.59
N ASP B 59 18.23 -21.33 1.06
CA ASP B 59 16.80 -21.17 0.98
C ASP B 59 16.28 -21.21 -0.45
N VAL B 60 17.16 -21.60 -1.38
CA VAL B 60 16.82 -21.72 -2.80
C VAL B 60 16.30 -23.13 -3.10
N VAL B 61 15.13 -23.19 -3.74
CA VAL B 61 14.48 -24.46 -4.06
C VAL B 61 15.26 -25.27 -5.13
N GLU B 62 15.39 -26.56 -4.87
CA GLU B 62 16.01 -27.47 -5.81
C GLU B 62 14.94 -28.15 -6.69
N GLY B 63 15.17 -28.13 -8.00
CA GLY B 63 14.38 -28.91 -8.94
C GLY B 63 13.21 -28.17 -9.56
N MET B 64 12.86 -27.02 -8.98
CA MET B 64 11.73 -26.19 -9.42
C MET B 64 12.17 -24.75 -9.42
N THR B 65 11.53 -23.99 -10.27
CA THR B 65 12.03 -22.69 -10.67
C THR B 65 10.79 -21.81 -11.07
N HIS B 66 10.93 -20.49 -11.07
CA HIS B 66 9.92 -19.61 -11.64
C HIS B 66 10.05 -19.51 -13.16
N MET B 67 11.28 -19.69 -13.65
CA MET B 67 11.62 -19.57 -15.05
C MET B 67 12.96 -20.26 -15.24
N ASP B 68 13.09 -21.00 -16.33
CA ASP B 68 14.30 -21.76 -16.62
C ASP B 68 14.35 -21.88 -18.15
N ASP B 69 14.85 -20.83 -18.78
CA ASP B 69 14.85 -20.74 -20.24
C ASP B 69 16.17 -21.11 -20.89
N ASP B 70 16.09 -21.66 -22.09
CA ASP B 70 17.26 -21.77 -22.96
C ASP B 70 17.02 -20.86 -24.17
N ALA B 71 17.87 -20.95 -25.20
CA ALA B 71 17.71 -20.05 -26.35
C ALA B 71 16.40 -20.30 -27.10
N ASP B 72 16.03 -21.56 -27.28
CA ASP B 72 14.79 -21.88 -27.97
C ASP B 72 13.53 -21.37 -27.20
N SER B 73 13.54 -21.48 -25.88
CA SER B 73 12.35 -21.09 -25.13
C SER B 73 12.27 -19.58 -24.98
N MET B 74 13.42 -18.94 -24.87
CA MET B 74 13.48 -17.48 -24.87
C MET B 74 13.01 -16.93 -26.23
N GLU B 75 13.33 -17.61 -27.32
CA GLU B 75 12.84 -17.22 -28.64
C GLU B 75 11.31 -17.27 -28.70
N MET B 76 10.76 -18.40 -28.24
CA MET B 76 9.31 -18.57 -28.12
C MET B 76 8.65 -17.41 -27.33
N ARG B 77 9.29 -17.01 -26.23
CA ARG B 77 8.81 -15.92 -25.36
C ARG B 77 8.71 -14.64 -26.19
N VAL B 78 9.72 -14.38 -27.03
CA VAL B 78 9.75 -13.17 -27.85
C VAL B 78 8.77 -13.31 -29.02
N LEU B 79 8.73 -14.49 -29.63
CA LEU B 79 7.78 -14.71 -30.72
C LEU B 79 6.36 -14.47 -30.20
N ARG B 80 6.07 -14.88 -28.98
CA ARG B 80 4.73 -14.72 -28.42
C ARG B 80 4.38 -13.24 -28.34
N LEU B 81 5.31 -12.46 -27.82
CA LEU B 81 5.14 -10.99 -27.69
C LEU B 81 5.02 -10.25 -29.03
N GLU B 82 5.40 -10.91 -30.13
CA GLU B 82 5.31 -10.35 -31.47
C GLU B 82 3.99 -10.73 -32.17
N THR B 83 3.16 -11.56 -31.54
CA THR B 83 1.80 -11.74 -32.05
C THR B 83 0.92 -10.54 -31.69
N GLU B 84 -0.30 -10.57 -32.18
CA GLU B 84 -1.25 -9.48 -31.89
C GLU B 84 -2.09 -9.82 -30.67
N TYR B 85 -1.67 -10.85 -29.93
CA TYR B 85 -2.52 -11.51 -28.94
C TYR B 85 -1.84 -11.80 -27.61
N ALA B 86 -0.68 -11.17 -27.36
CA ALA B 86 -0.02 -11.37 -26.07
C ALA B 86 -0.66 -10.49 -24.99
N TRP B 87 -1.79 -10.93 -24.47
CA TRP B 87 -2.68 -10.03 -23.73
C TRP B 87 -2.08 -9.45 -22.46
N ALA B 88 -1.23 -10.25 -21.78
CA ALA B 88 -0.50 -9.86 -20.58
C ALA B 88 0.39 -8.63 -20.80
N GLU B 89 0.84 -8.43 -22.03
CA GLU B 89 1.72 -7.30 -22.36
C GLU B 89 1.22 -6.50 -23.57
N ASP B 90 -0.08 -6.54 -23.80
CA ASP B 90 -0.71 -5.73 -24.82
C ASP B 90 -2.08 -5.35 -24.34
N PRO B 91 -2.25 -4.12 -23.82
CA PRO B 91 -1.21 -3.08 -23.75
C PRO B 91 0.04 -3.40 -22.89
N PRO B 92 1.20 -2.91 -23.31
CA PRO B 92 2.46 -3.13 -22.57
C PRO B 92 2.46 -2.46 -21.19
N SER B 93 3.12 -3.13 -20.24
CA SER B 93 3.51 -2.53 -18.98
C SER B 93 4.47 -1.37 -19.27
N ARG B 94 4.49 -0.37 -18.39
CA ARG B 94 5.57 0.60 -18.32
C ARG B 94 6.53 0.02 -17.29
N SER B 95 7.77 -0.23 -17.69
CA SER B 95 8.72 -0.78 -16.74
C SER B 95 10.00 0.04 -16.69
N ARG B 96 10.75 -0.10 -15.59
CA ARG B 96 12.10 0.46 -15.55
C ARG B 96 13.01 -0.50 -14.84
N HIS B 97 14.10 -0.85 -15.51
CA HIS B 97 15.14 -1.66 -14.95
C HIS B 97 16.19 -0.71 -14.34
N PHE B 98 16.18 -0.54 -13.03
CA PHE B 98 17.27 0.17 -12.36
C PHE B 98 18.36 -0.86 -12.04
N VAL B 99 19.56 -0.62 -12.58
CA VAL B 99 20.67 -1.56 -12.51
C VAL B 99 21.77 -0.80 -11.75
N THR B 100 22.17 -1.33 -10.58
CA THR B 100 23.12 -0.64 -9.73
C THR B 100 24.06 -1.63 -9.13
N ASN B 101 25.05 -1.12 -8.39
CA ASN B 101 26.01 -1.99 -7.69
C ASN B 101 26.65 -2.99 -8.69
N VAL B 102 27.12 -2.52 -9.84
CA VAL B 102 27.69 -3.44 -10.86
C VAL B 102 29.05 -3.96 -10.44
N ARG B 103 29.19 -5.28 -10.31
CA ARG B 103 30.48 -5.89 -10.00
C ARG B 103 30.92 -6.77 -11.16
N VAL B 104 32.15 -6.60 -11.60
CA VAL B 104 32.69 -7.37 -12.73
C VAL B 104 33.90 -8.19 -12.27
N ALA B 105 33.88 -9.48 -12.57
CA ALA B 105 35.01 -10.36 -12.27
C ALA B 105 35.36 -11.17 -13.52
N THR B 106 36.60 -11.70 -13.59
CA THR B 106 36.98 -12.60 -14.69
C THR B 106 36.22 -13.91 -14.62
N GLY B 107 35.96 -14.50 -15.80
CA GLY B 107 35.19 -15.73 -15.89
C GLY B 107 36.07 -16.96 -15.82
N ASP B 108 35.48 -18.12 -16.13
CA ASP B 108 36.18 -19.39 -16.06
C ASP B 108 37.08 -19.57 -17.28
N SER B 109 36.69 -18.93 -18.38
CA SER B 109 37.56 -18.81 -19.55
C SER B 109 37.97 -17.35 -19.74
N GLU B 110 39.06 -17.16 -20.48
CA GLU B 110 39.39 -15.85 -21.04
C GLU B 110 38.21 -15.52 -21.96
N ASP B 111 37.95 -14.23 -22.20
CA ASP B 111 36.80 -13.83 -23.03
C ASP B 111 35.41 -14.02 -22.34
N GLU B 112 35.41 -14.52 -21.11
CA GLU B 112 34.19 -14.62 -20.30
C GLU B 112 34.33 -13.77 -19.04
N PHE B 113 33.22 -13.13 -18.65
CA PHE B 113 33.18 -12.30 -17.45
C PHE B 113 31.97 -12.62 -16.56
N LYS B 114 32.19 -12.63 -15.24
CA LYS B 114 31.13 -12.79 -14.26
C LYS B 114 30.66 -11.41 -13.81
N VAL B 115 29.40 -11.12 -14.10
CA VAL B 115 28.88 -9.79 -13.91
C VAL B 115 27.66 -9.89 -13.00
N THR B 116 27.75 -9.19 -11.88
CA THR B 116 26.73 -9.19 -10.82
C THR B 116 26.17 -7.77 -10.63
N SER B 117 24.86 -7.63 -10.75
CA SER B 117 24.23 -6.33 -10.52
C SER B 117 22.98 -6.42 -9.66
N ASN B 118 22.68 -5.34 -8.92
CA ASN B 118 21.40 -5.21 -8.25
C ASN B 118 20.33 -4.69 -9.21
N LEU B 119 19.15 -5.28 -9.17
CA LEU B 119 18.09 -4.90 -10.10
C LEU B 119 16.91 -4.51 -9.25
N LEU B 120 16.42 -3.30 -9.48
CA LEU B 120 15.08 -2.97 -9.02
C LEU B 120 14.20 -2.73 -10.26
N LEU B 121 13.16 -3.55 -10.39
CA LEU B 121 12.30 -3.46 -11.57
C LEU B 121 10.98 -2.84 -11.15
N TYR B 122 10.62 -1.69 -11.78
CA TYR B 122 9.41 -0.96 -11.49
C TYR B 122 8.39 -1.29 -12.56
N ARG B 123 7.11 -1.43 -12.21
CA ARG B 123 6.08 -1.85 -13.21
C ARG B 123 4.70 -1.24 -12.96
N THR B 124 4.09 -0.57 -13.97
CA THR B 124 2.67 -0.20 -13.92
C THR B 124 1.94 -0.73 -15.15
N ARG B 125 0.64 -0.91 -15.02
CA ARG B 125 -0.24 -1.28 -16.16
C ARG B 125 -1.54 -0.51 -16.10
N GLY B 126 -2.04 -0.10 -17.26
CA GLY B 126 -3.34 0.57 -17.33
C GLY B 126 -3.39 1.87 -16.57
N ASP B 127 -4.58 2.24 -16.11
CA ASP B 127 -4.72 3.54 -15.47
C ASP B 127 -5.04 3.45 -13.99
N VAL B 128 -4.82 2.26 -13.42
CA VAL B 128 -5.02 2.05 -11.99
C VAL B 128 -3.82 2.61 -11.19
N ALA B 129 -4.10 3.34 -10.11
CA ALA B 129 -3.06 3.97 -9.32
C ALA B 129 -2.31 3.03 -8.34
N THR B 130 -1.62 2.05 -8.92
CA THR B 130 -0.82 1.11 -8.16
C THR B 130 0.38 0.72 -9.04
N TYR B 131 1.38 0.07 -8.44
CA TYR B 131 2.62 -0.31 -9.08
C TYR B 131 3.23 -1.49 -8.32
N ASP B 132 4.06 -2.25 -9.03
CA ASP B 132 4.78 -3.37 -8.47
C ASP B 132 6.23 -3.01 -8.45
N VAL B 133 6.95 -3.57 -7.50
CA VAL B 133 8.40 -3.50 -7.46
C VAL B 133 8.95 -4.91 -7.30
N LEU B 134 9.86 -5.31 -8.19
CA LEU B 134 10.65 -6.52 -7.98
C LEU B 134 12.09 -6.10 -7.65
N SER B 135 12.68 -6.72 -6.62
CA SER B 135 14.08 -6.43 -6.27
C SER B 135 14.87 -7.72 -6.30
N GLY B 136 16.12 -7.68 -6.70
CA GLY B 136 16.89 -8.92 -6.75
C GLY B 136 18.31 -8.75 -7.18
N GLU B 137 19.05 -9.85 -7.20
CA GLU B 137 20.39 -9.81 -7.70
C GLU B 137 20.51 -10.68 -8.95
N ARG B 138 21.14 -10.12 -9.98
CA ARG B 138 21.40 -10.85 -11.22
C ARG B 138 22.86 -11.20 -11.25
N THR B 139 23.13 -12.49 -11.44
CA THR B 139 24.46 -12.99 -11.70
C THR B 139 24.52 -13.53 -13.11
N ASP B 140 25.39 -12.93 -13.93
CA ASP B 140 25.48 -13.18 -15.37
C ASP B 140 26.86 -13.72 -15.75
N VAL B 141 26.87 -14.45 -16.86
CA VAL B 141 28.11 -14.74 -17.58
C VAL B 141 27.98 -14.05 -18.92
N LEU B 142 28.88 -13.10 -19.16
CA LEU B 142 28.99 -12.43 -20.47
C LEU B 142 30.19 -12.97 -21.24
N ARG B 143 30.04 -13.11 -22.55
CA ARG B 143 31.09 -13.60 -23.43
C ARG B 143 31.41 -12.55 -24.48
N ARG B 144 32.70 -12.28 -24.71
CA ARG B 144 33.11 -11.40 -25.80
C ARG B 144 32.64 -11.95 -27.13
N ALA B 145 32.16 -11.06 -27.99
CA ALA B 145 31.70 -11.44 -29.33
C ALA B 145 31.91 -10.22 -30.21
N GLY B 146 32.87 -10.33 -31.13
CA GLY B 146 33.30 -9.19 -31.92
C GLY B 146 33.82 -8.10 -31.01
N ASP B 147 33.24 -6.90 -31.14
CA ASP B 147 33.63 -5.75 -30.32
C ASP B 147 32.66 -5.48 -29.17
N SER B 148 31.75 -6.43 -28.93
CA SER B 148 30.81 -6.36 -27.83
C SER B 148 30.74 -7.66 -27.01
N PHE B 149 29.55 -7.93 -26.46
CA PHE B 149 29.35 -9.07 -25.58
C PHE B 149 28.03 -9.74 -25.88
N LEU B 150 27.96 -11.02 -25.54
CA LEU B 150 26.72 -11.77 -25.56
C LEU B 150 26.53 -12.39 -24.19
N MET B 151 25.27 -12.55 -23.82
CA MET B 151 24.92 -13.15 -22.55
C MET B 151 24.74 -14.65 -22.70
N ALA B 152 25.57 -15.40 -22.00
CA ALA B 152 25.52 -16.85 -21.98
C ALA B 152 24.68 -17.36 -20.85
N LYS B 153 24.60 -16.59 -19.75
CA LYS B 153 23.90 -17.06 -18.54
C LYS B 153 23.40 -15.89 -17.72
N ARG B 154 22.25 -16.07 -17.10
CA ARG B 154 21.77 -15.14 -16.09
C ARG B 154 20.95 -15.91 -15.07
N VAL B 155 21.24 -15.65 -13.79
CA VAL B 155 20.38 -16.09 -12.70
C VAL B 155 19.83 -14.85 -11.99
N VAL B 156 18.50 -14.73 -11.94
CA VAL B 156 17.87 -13.61 -11.21
C VAL B 156 17.35 -14.15 -9.90
N LEU B 157 18.04 -13.82 -8.82
CA LEU B 157 17.60 -14.16 -7.47
C LEU B 157 16.82 -13.01 -6.80
N LEU B 158 15.50 -13.17 -6.68
CA LEU B 158 14.69 -12.09 -6.12
C LEU B 158 14.71 -12.12 -4.61
N ASP B 159 14.65 -10.94 -3.99
CA ASP B 159 14.50 -10.78 -2.54
C ASP B 159 13.09 -11.00 -2.02
N GLN B 160 12.46 -12.05 -2.52
CA GLN B 160 11.07 -12.36 -2.24
C GLN B 160 10.93 -13.86 -2.20
N THR B 161 9.94 -14.35 -1.47
CA THR B 161 9.60 -15.78 -1.61
C THR B 161 8.28 -15.82 -2.40
N THR B 162 7.20 -15.34 -1.81
CA THR B 162 5.95 -15.04 -2.55
C THR B 162 6.22 -13.84 -3.49
N ILE B 163 6.08 -14.02 -4.79
CA ILE B 163 6.38 -12.95 -5.74
C ILE B 163 5.28 -11.89 -5.76
N MET B 164 5.69 -10.63 -5.74
CA MET B 164 4.74 -9.54 -5.63
C MET B 164 4.45 -8.81 -6.96
N THR B 165 4.13 -9.59 -7.97
CA THR B 165 3.57 -9.11 -9.23
C THR B 165 2.75 -10.25 -9.82
N HIS B 166 1.82 -9.94 -10.71
CA HIS B 166 0.79 -10.91 -11.12
C HIS B 166 1.26 -11.89 -12.21
N ASN B 167 2.43 -11.67 -12.79
CA ASN B 167 3.04 -12.63 -13.72
C ASN B 167 4.49 -12.22 -13.97
N LEU B 168 5.30 -13.11 -14.52
CA LEU B 168 6.62 -12.71 -14.94
C LEU B 168 6.64 -12.63 -16.44
N ALA B 169 5.87 -11.68 -16.94
CA ALA B 169 5.73 -11.43 -18.37
C ALA B 169 6.90 -10.59 -18.92
N LEU B 170 7.63 -9.93 -18.02
CA LEU B 170 8.76 -9.06 -18.38
C LEU B 170 10.09 -9.79 -18.19
N ILE B 171 10.99 -9.64 -19.14
CA ILE B 171 12.36 -10.10 -18.97
C ILE B 171 13.14 -9.19 -18.00
N MET B 172 13.87 -9.80 -17.06
CA MET B 172 14.59 -9.06 -16.01
C MET B 172 16.11 -9.03 -16.30
N MET C 1 -29.11 0.92 3.96
CA MET C 1 -29.75 1.90 4.88
C MET C 1 -28.69 2.76 5.58
N LEU C 2 -29.06 3.99 5.94
CA LEU C 2 -28.19 4.82 6.74
C LEU C 2 -28.17 4.31 8.17
N SER C 3 -27.00 4.38 8.80
CA SER C 3 -26.91 4.22 10.24
C SER C 3 -27.72 5.35 10.86
N ASN C 4 -28.16 5.16 12.10
CA ASN C 4 -28.96 6.19 12.76
C ASN C 4 -28.11 7.43 12.97
N GLU C 5 -26.84 7.24 13.32
CA GLU C 5 -25.88 8.32 13.52
C GLU C 5 -25.76 9.17 12.23
N LEU C 6 -25.58 8.50 11.08
CA LEU C 6 -25.42 9.25 9.84
C LEU C 6 -26.71 9.98 9.49
N ARG C 7 -27.84 9.27 9.56
CA ARG C 7 -29.15 9.89 9.31
C ARG C 7 -29.33 11.15 10.14
N GLN C 8 -29.05 11.07 11.43
CA GLN C 8 -29.31 12.19 12.33
C GLN C 8 -28.39 13.36 12.00
N THR C 9 -27.14 13.04 11.67
CA THR C 9 -26.16 14.04 11.29
C THR C 9 -26.60 14.80 10.04
N LEU C 10 -27.08 14.08 9.03
CA LEU C 10 -27.55 14.69 7.80
C LEU C 10 -28.80 15.56 8.04
N GLN C 11 -29.71 15.07 8.87
CA GLN C 11 -30.92 15.83 9.21
C GLN C 11 -30.55 17.11 9.95
N LYS C 12 -29.70 16.99 10.96
CA LYS C 12 -29.22 18.18 11.66
C LYS C 12 -28.56 19.16 10.69
N GLY C 13 -27.72 18.64 9.79
CA GLY C 13 -27.02 19.46 8.84
C GLY C 13 -27.92 20.23 7.89
N LEU C 14 -29.01 19.57 7.46
CA LEU C 14 -29.96 20.19 6.57
C LEU C 14 -30.67 21.37 7.24
N HIS C 15 -30.87 21.31 8.57
CA HIS C 15 -31.34 22.47 9.31
C HIS C 15 -30.22 23.53 9.49
N ASP C 16 -28.99 23.11 9.78
CA ASP C 16 -27.93 24.06 10.15
C ASP C 16 -27.44 24.91 8.99
N VAL C 17 -27.50 24.34 7.78
CA VAL C 17 -26.94 24.98 6.60
C VAL C 17 -27.59 26.33 6.27
N ASN C 18 -28.88 26.48 6.59
CA ASN C 18 -29.55 27.76 6.39
C ASN C 18 -29.95 28.56 7.63
N SER C 19 -29.61 28.05 8.82
CA SER C 19 -29.87 28.82 10.05
C SER C 19 -28.56 29.28 10.64
N ASP C 20 -27.80 28.35 11.21
CA ASP C 20 -26.43 28.67 11.71
C ASP C 20 -25.45 28.99 10.57
N TRP C 21 -25.77 28.52 9.36
CA TRP C 21 -24.85 28.53 8.19
C TRP C 21 -23.59 27.69 8.50
N THR C 22 -23.79 26.51 9.06
CA THR C 22 -22.70 25.57 9.28
C THR C 22 -23.09 24.22 8.71
N VAL C 23 -22.08 23.35 8.53
CA VAL C 23 -22.34 21.98 8.05
C VAL C 23 -21.53 21.03 8.92
N PRO C 24 -22.07 19.86 9.30
CA PRO C 24 -21.31 18.89 10.06
C PRO C 24 -20.01 18.48 9.38
N ALA C 25 -18.92 18.45 10.15
CA ALA C 25 -17.60 18.09 9.62
C ALA C 25 -17.46 16.61 9.22
N ALA C 26 -18.35 15.77 9.73
CA ALA C 26 -18.30 14.31 9.51
C ALA C 26 -18.49 13.96 8.03
N ILE C 27 -18.93 14.91 7.22
CA ILE C 27 -19.13 14.60 5.79
C ILE C 27 -17.87 14.48 4.95
N ILE C 28 -16.71 14.91 5.47
CA ILE C 28 -15.54 15.04 4.63
C ILE C 28 -14.82 13.72 4.40
N ASN C 29 -14.51 12.97 5.46
CA ASN C 29 -13.69 11.79 5.34
C ASN C 29 -14.26 10.70 6.25
N ASP C 30 -15.14 9.89 5.70
CA ASP C 30 -15.82 8.87 6.50
C ASP C 30 -16.24 7.72 5.60
N PRO C 31 -15.86 6.50 5.94
CA PRO C 31 -16.16 5.32 5.08
C PRO C 31 -17.66 5.11 4.85
N GLU C 32 -18.53 5.32 5.85
CA GLU C 32 -19.96 5.18 5.63
C GLU C 32 -20.47 6.27 4.69
N VAL C 33 -20.06 7.52 4.94
CA VAL C 33 -20.42 8.64 4.07
C VAL C 33 -20.06 8.31 2.63
N HIS C 34 -18.82 7.85 2.44
CA HIS C 34 -18.40 7.53 1.09
C HIS C 34 -19.22 6.40 0.43
N ASP C 35 -19.60 5.38 1.21
CA ASP C 35 -20.32 4.28 0.64
C ASP C 35 -21.75 4.70 0.31
N VAL C 36 -22.36 5.51 1.16
CA VAL C 36 -23.72 5.96 0.92
C VAL C 36 -23.76 6.93 -0.28
N GLU C 37 -22.81 7.85 -0.28
CA GLU C 37 -22.62 8.81 -1.35
C GLU C 37 -22.45 8.20 -2.72
N ARG C 38 -21.69 7.10 -2.79
CA ARG C 38 -21.49 6.36 -4.04
C ARG C 38 -22.87 6.06 -4.70
N GLU C 39 -23.79 5.51 -3.92
CA GLU C 39 -25.10 5.19 -4.44
C GLU C 39 -25.96 6.48 -4.59
N ARG C 40 -26.05 7.24 -3.52
CA ARG C 40 -27.04 8.31 -3.48
C ARG C 40 -26.64 9.54 -4.31
N ILE C 41 -25.36 9.85 -4.39
CA ILE C 41 -24.92 10.90 -5.32
C ILE C 41 -24.54 10.29 -6.68
N PHE C 42 -23.52 9.46 -6.70
CA PHE C 42 -22.96 9.03 -7.98
C PHE C 42 -23.77 8.03 -8.75
N GLY C 43 -24.76 7.41 -8.09
CA GLY C 43 -25.73 6.56 -8.75
C GLY C 43 -26.98 7.30 -9.25
N HIS C 44 -27.03 8.61 -9.08
CA HIS C 44 -28.21 9.38 -9.49
C HIS C 44 -27.88 10.66 -10.26
N ALA C 45 -26.88 11.41 -9.79
CA ALA C 45 -26.54 12.67 -10.44
C ALA C 45 -26.01 12.52 -11.87
N TRP C 46 -25.98 13.62 -12.63
CA TRP C 46 -25.35 13.59 -13.94
C TRP C 46 -23.87 13.91 -13.75
N VAL C 47 -23.01 13.06 -14.32
CA VAL C 47 -21.55 13.12 -14.13
C VAL C 47 -20.87 13.32 -15.47
N PHE C 48 -20.01 14.34 -15.55
CA PHE C 48 -19.24 14.62 -16.74
C PHE C 48 -18.25 13.49 -17.10
N LEU C 49 -18.21 13.14 -18.38
CA LEU C 49 -17.38 12.02 -18.87
C LEU C 49 -16.28 12.44 -19.84
N ALA C 50 -16.65 13.25 -20.81
CA ALA C 50 -15.76 13.54 -21.93
C ALA C 50 -16.27 14.75 -22.69
N HIS C 51 -15.37 15.39 -23.42
CA HIS C 51 -15.79 16.45 -24.31
C HIS C 51 -15.86 15.88 -25.73
N GLU C 52 -16.86 16.29 -26.50
CA GLU C 52 -17.02 15.73 -27.85
C GLU C 52 -15.80 15.88 -28.77
N SER C 53 -15.00 16.91 -28.52
CA SER C 53 -13.80 17.13 -29.31
C SER C 53 -12.70 16.12 -29.01
N GLU C 54 -12.85 15.31 -27.95
CA GLU C 54 -11.90 14.20 -27.68
C GLU C 54 -12.11 12.99 -28.60
N ILE C 55 -13.31 12.89 -29.17
CA ILE C 55 -13.69 11.74 -29.98
C ILE C 55 -14.37 12.30 -31.25
N PRO C 56 -13.59 13.01 -32.04
CA PRO C 56 -14.14 13.71 -33.23
C PRO C 56 -14.39 12.80 -34.43
N GLU C 57 -13.65 11.69 -34.55
CA GLU C 57 -13.80 10.81 -35.70
C GLU C 57 -14.59 9.57 -35.34
N ARG C 58 -15.24 8.97 -36.33
CA ARG C 58 -15.93 7.69 -36.13
C ARG C 58 -14.95 6.61 -35.69
N GLY C 59 -15.29 5.93 -34.60
CA GLY C 59 -14.40 4.93 -34.04
C GLY C 59 -13.53 5.40 -32.87
N ASP C 60 -13.39 6.72 -32.68
CA ASP C 60 -12.67 7.33 -31.59
C ASP C 60 -13.36 7.03 -30.24
N TYR C 61 -12.57 6.75 -29.22
CA TYR C 61 -13.12 6.44 -27.90
C TYR C 61 -12.14 6.89 -26.80
N VAL C 62 -12.71 7.21 -25.63
CA VAL C 62 -11.96 7.38 -24.40
C VAL C 62 -12.66 6.51 -23.36
N VAL C 63 -11.95 6.19 -22.29
CA VAL C 63 -12.48 5.36 -21.23
C VAL C 63 -12.56 6.22 -19.97
N ARG C 64 -13.75 6.32 -19.42
CA ARG C 64 -14.04 7.29 -18.35
C ARG C 64 -14.98 6.63 -17.32
N TYR C 65 -15.37 7.36 -16.28
CA TYR C 65 -15.85 6.72 -15.05
C TYR C 65 -17.05 7.37 -14.43
N ILE C 66 -17.88 6.56 -13.77
CA ILE C 66 -18.74 7.05 -12.71
C ILE C 66 -18.36 6.20 -11.48
N SER C 67 -17.64 6.84 -10.56
CA SER C 67 -16.95 6.16 -9.47
C SER C 67 -16.17 4.96 -10.04
N GLU C 68 -16.35 3.76 -9.48
CA GLU C 68 -15.61 2.58 -9.93
C GLU C 68 -16.10 2.01 -11.27
N ASP C 69 -17.24 2.45 -11.79
CA ASP C 69 -17.73 1.88 -13.05
C ASP C 69 -17.02 2.51 -14.24
N GLN C 70 -16.57 1.68 -15.14
CA GLN C 70 -15.77 2.13 -16.26
C GLN C 70 -16.63 2.04 -17.53
N PHE C 71 -16.59 3.10 -18.34
CA PHE C 71 -17.41 3.24 -19.54
C PHE C 71 -16.54 3.62 -20.71
N ILE C 72 -16.78 2.94 -21.82
CA ILE C 72 -16.28 3.39 -23.12
C ILE C 72 -17.19 4.49 -23.65
N VAL C 73 -16.62 5.67 -23.92
CA VAL C 73 -17.37 6.75 -24.51
C VAL C 73 -16.79 6.95 -25.89
N CYS C 74 -17.60 6.68 -26.93
CA CYS C 74 -17.07 6.66 -28.28
C CYS C 74 -18.04 7.28 -29.29
N ARG C 75 -17.52 7.61 -30.47
CA ARG C 75 -18.34 7.97 -31.61
C ARG C 75 -18.37 6.71 -32.48
N ASP C 76 -19.55 6.16 -32.70
CA ASP C 76 -19.66 4.88 -33.38
C ASP C 76 -19.59 5.00 -34.92
N GLU C 77 -19.71 3.89 -35.63
CA GLU C 77 -19.50 3.90 -37.09
C GLU C 77 -20.62 4.59 -37.86
N GLY C 78 -21.73 4.86 -37.17
CA GLY C 78 -22.82 5.69 -37.65
C GLY C 78 -22.75 7.15 -37.25
N GLY C 79 -21.74 7.54 -36.48
CA GLY C 79 -21.60 8.92 -36.04
C GLY C 79 -22.32 9.25 -34.74
N GLU C 80 -22.86 8.24 -34.08
CA GLU C 80 -23.56 8.45 -32.81
C GLU C 80 -22.61 8.34 -31.60
N ILE C 81 -22.83 9.20 -30.58
CA ILE C 81 -22.07 9.12 -29.33
C ILE C 81 -22.71 8.04 -28.49
N ARG C 82 -21.85 7.13 -28.02
CA ARG C 82 -22.26 6.02 -27.18
C ARG C 82 -21.50 6.04 -25.88
N GLY C 83 -22.10 5.40 -24.87
CA GLY C 83 -21.45 5.11 -23.61
C GLY C 83 -21.79 3.67 -23.26
N HIS C 84 -20.77 2.80 -23.29
CA HIS C 84 -20.89 1.37 -23.04
C HIS C 84 -20.18 1.02 -21.75
N LEU C 85 -20.83 0.31 -20.83
CA LEU C 85 -20.09 -0.27 -19.71
C LEU C 85 -18.97 -1.18 -20.22
N ASN C 86 -17.74 -0.97 -19.75
CA ASN C 86 -16.56 -1.73 -20.22
C ASN C 86 -16.37 -3.11 -19.55
N ALA C 87 -17.38 -3.92 -19.73
CA ALA C 87 -17.49 -5.19 -19.06
C ALA C 87 -18.23 -6.14 -19.99
N CYS C 88 -17.50 -7.13 -20.53
CA CYS C 88 -18.06 -8.06 -21.46
C CYS C 88 -19.29 -8.76 -20.86
N ARG C 89 -20.36 -8.94 -21.63
CA ARG C 89 -21.57 -9.59 -21.12
C ARG C 89 -21.43 -11.06 -20.76
N HIS C 90 -20.35 -11.69 -21.20
CA HIS C 90 -20.11 -13.12 -20.93
C HIS C 90 -19.56 -13.36 -19.49
N ARG C 91 -18.35 -12.89 -19.20
CA ARG C 91 -17.77 -13.12 -17.86
C ARG C 91 -17.20 -11.82 -17.33
N GLY C 92 -17.63 -10.69 -17.91
CA GLY C 92 -17.28 -9.38 -17.40
C GLY C 92 -15.89 -8.82 -17.67
N MET C 93 -15.14 -9.35 -18.64
CA MET C 93 -13.81 -8.80 -18.93
C MET C 93 -13.86 -7.41 -19.56
N GLN C 94 -12.83 -6.60 -19.36
CA GLN C 94 -12.77 -5.30 -20.08
C GLN C 94 -12.59 -5.60 -21.56
N VAL C 95 -13.47 -5.05 -22.40
CA VAL C 95 -13.29 -5.19 -23.85
C VAL C 95 -12.37 -4.12 -24.42
N CYS C 96 -11.91 -3.23 -23.58
CA CYS C 96 -10.97 -2.20 -23.99
C CYS C 96 -10.12 -1.90 -22.77
N ARG C 97 -8.82 -2.18 -22.87
CA ARG C 97 -7.90 -1.93 -21.76
C ARG C 97 -6.96 -0.74 -22.01
N ALA C 98 -7.18 -0.03 -23.12
CA ALA C 98 -6.48 1.26 -23.41
C ALA C 98 -7.29 2.41 -22.78
N GLU C 99 -6.66 3.58 -22.62
CA GLU C 99 -7.36 4.78 -22.07
C GLU C 99 -8.10 5.58 -23.14
N MET C 100 -7.69 5.39 -24.38
CA MET C 100 -8.28 6.05 -25.54
C MET C 100 -7.71 5.39 -26.79
N GLY C 101 -8.29 5.67 -27.95
CA GLY C 101 -7.89 5.06 -29.22
C GLY C 101 -8.95 5.20 -30.27
N ASN C 102 -8.84 4.41 -31.33
CA ASN C 102 -9.81 4.36 -32.41
C ASN C 102 -9.92 2.90 -32.86
N THR C 103 -11.16 2.42 -32.90
CA THR C 103 -11.46 1.07 -33.35
C THR C 103 -12.92 0.98 -33.83
N SER C 104 -13.15 0.07 -34.77
CA SER C 104 -14.51 -0.17 -35.26
C SER C 104 -15.20 -1.23 -34.41
N HIS C 105 -14.42 -2.02 -33.68
CA HIS C 105 -14.93 -3.15 -32.89
C HIS C 105 -14.12 -3.35 -31.61
N PHE C 106 -14.82 -3.85 -30.58
CA PHE C 106 -14.17 -4.23 -29.32
C PHE C 106 -14.26 -5.74 -29.17
N ARG C 107 -13.11 -6.38 -29.12
CA ARG C 107 -13.02 -7.82 -29.07
C ARG C 107 -12.57 -8.24 -27.67
N CYS C 108 -13.38 -9.08 -27.01
CA CYS C 108 -13.01 -9.51 -25.64
C CYS C 108 -11.86 -10.54 -25.67
N PRO C 109 -10.76 -10.28 -24.97
CA PRO C 109 -9.62 -11.21 -24.98
C PRO C 109 -9.90 -12.58 -24.34
N TYR C 110 -10.94 -12.66 -23.51
CA TYR C 110 -11.15 -13.90 -22.75
C TYR C 110 -11.65 -15.03 -23.68
N HIS C 111 -12.82 -14.87 -24.30
CA HIS C 111 -13.34 -15.84 -25.27
C HIS C 111 -13.63 -15.31 -26.68
N GLY C 112 -13.37 -14.04 -26.95
CA GLY C 112 -13.49 -13.53 -28.30
C GLY C 112 -14.85 -13.03 -28.73
N TRP C 113 -15.80 -12.86 -27.82
CA TRP C 113 -17.04 -12.13 -28.16
C TRP C 113 -16.64 -10.77 -28.69
N THR C 114 -17.28 -10.37 -29.78
CA THR C 114 -16.88 -9.24 -30.57
C THR C 114 -18.06 -8.30 -30.66
N TYR C 115 -17.81 -7.07 -30.25
CA TYR C 115 -18.85 -6.03 -30.28
C TYR C 115 -18.54 -4.91 -31.29
N SER C 116 -19.56 -4.42 -32.01
CA SER C 116 -19.42 -3.17 -32.76
C SER C 116 -19.24 -1.99 -31.79
N ASN C 117 -18.58 -0.91 -32.23
CA ASN C 117 -18.53 0.29 -31.38
C ASN C 117 -19.93 0.88 -31.17
N THR C 118 -20.89 0.36 -31.93
CA THR C 118 -22.29 0.59 -31.72
C THR C 118 -22.79 0.03 -30.34
N GLY C 119 -22.02 -0.91 -29.78
CA GLY C 119 -22.47 -1.71 -28.66
C GLY C 119 -23.02 -3.11 -28.99
N SER C 120 -23.44 -3.33 -30.24
CA SER C 120 -24.02 -4.61 -30.61
C SER C 120 -23.01 -5.73 -30.57
N LEU C 121 -23.41 -6.85 -29.96
CA LEU C 121 -22.69 -8.11 -30.04
C LEU C 121 -22.89 -8.64 -31.44
N VAL C 122 -21.81 -8.75 -32.22
CA VAL C 122 -21.94 -9.10 -33.63
C VAL C 122 -21.28 -10.43 -33.92
N GLY C 123 -20.43 -10.91 -33.00
CA GLY C 123 -19.63 -12.10 -33.23
C GLY C 123 -19.41 -12.94 -31.98
N VAL C 124 -19.76 -14.22 -32.08
CA VAL C 124 -19.55 -15.16 -30.99
C VAL C 124 -18.85 -16.43 -31.47
N PRO C 125 -17.58 -16.63 -31.10
CA PRO C 125 -16.86 -17.85 -31.51
C PRO C 125 -17.58 -19.11 -31.07
N ALA C 126 -17.60 -20.13 -31.94
CA ALA C 126 -18.37 -21.34 -31.70
C ALA C 126 -19.88 -21.11 -31.53
N GLY C 127 -20.42 -20.09 -32.19
CA GLY C 127 -21.85 -19.83 -32.15
C GLY C 127 -22.70 -21.07 -32.45
N LYS C 128 -22.20 -21.89 -33.36
CA LYS C 128 -22.82 -23.15 -33.75
C LYS C 128 -22.36 -24.29 -32.82
N ASP C 129 -21.05 -24.54 -32.78
CA ASP C 129 -20.51 -25.73 -32.12
C ASP C 129 -20.77 -25.70 -30.61
N ALA C 130 -20.70 -24.53 -29.99
CA ALA C 130 -20.92 -24.46 -28.55
C ALA C 130 -22.35 -24.03 -28.18
N TYR C 131 -22.92 -23.08 -28.93
CA TYR C 131 -24.21 -22.51 -28.54
C TYR C 131 -25.42 -23.06 -29.35
N GLY C 132 -25.14 -23.90 -30.35
CA GLY C 132 -26.19 -24.46 -31.19
C GLY C 132 -27.02 -23.39 -31.86
N ASN C 133 -26.38 -22.23 -32.12
CA ASN C 133 -27.06 -21.03 -32.63
C ASN C 133 -28.24 -20.55 -31.76
N GLN C 134 -28.24 -20.87 -30.47
CA GLN C 134 -29.40 -20.50 -29.64
C GLN C 134 -29.23 -19.14 -28.96
N LEU C 135 -28.01 -18.65 -28.94
CA LEU C 135 -27.71 -17.42 -28.21
C LEU C 135 -28.21 -16.21 -28.99
N LYS C 136 -29.15 -15.47 -28.40
CA LYS C 136 -29.70 -14.30 -29.03
C LYS C 136 -28.78 -13.08 -28.83
N LYS C 137 -27.98 -12.74 -29.83
CA LYS C 137 -26.91 -11.75 -29.64
C LYS C 137 -27.43 -10.38 -29.18
N SER C 138 -28.59 -10.00 -29.71
CA SER C 138 -29.17 -8.72 -29.34
C SER C 138 -29.59 -8.62 -27.86
N ASP C 139 -29.66 -9.74 -27.14
CA ASP C 139 -29.91 -9.70 -25.67
C ASP C 139 -28.62 -9.49 -24.86
N TRP C 140 -27.47 -9.53 -25.52
CA TRP C 140 -26.16 -9.44 -24.84
C TRP C 140 -25.24 -8.42 -25.47
N ASN C 141 -25.81 -7.30 -25.90
CA ASN C 141 -25.06 -6.11 -26.28
C ASN C 141 -24.33 -5.51 -25.07
N LEU C 142 -23.31 -4.70 -25.31
CA LEU C 142 -22.69 -4.00 -24.19
C LEU C 142 -23.79 -3.19 -23.47
N ARG C 143 -23.74 -3.16 -22.14
CA ARG C 143 -24.76 -2.43 -21.37
C ARG C 143 -24.59 -0.93 -21.52
N PRO C 144 -25.64 -0.23 -21.98
CA PRO C 144 -25.57 1.20 -22.20
C PRO C 144 -25.50 1.93 -20.85
N MET C 145 -24.85 3.08 -20.85
CA MET C 145 -25.09 4.08 -19.81
C MET C 145 -26.62 4.36 -19.74
N PRO C 146 -27.25 4.19 -18.58
CA PRO C 146 -28.71 4.33 -18.46
C PRO C 146 -29.20 5.65 -19.01
N ASN C 147 -28.48 6.73 -18.74
CA ASN C 147 -28.83 8.01 -19.32
C ASN C 147 -27.55 8.68 -19.83
N LEU C 148 -27.55 9.05 -21.10
CA LEU C 148 -26.42 9.73 -21.70
C LEU C 148 -26.96 10.91 -22.45
N ALA C 149 -26.26 12.05 -22.30
CA ALA C 149 -26.64 13.28 -22.98
C ALA C 149 -25.47 14.25 -23.06
N SER C 150 -25.67 15.27 -23.89
CA SER C 150 -24.67 16.29 -24.18
C SER C 150 -25.26 17.69 -23.99
N TYR C 151 -24.49 18.60 -23.41
CA TYR C 151 -24.81 20.01 -23.51
C TYR C 151 -23.62 20.79 -24.01
N LYS C 152 -23.76 21.32 -25.23
CA LYS C 152 -22.72 22.14 -25.88
C LYS C 152 -21.33 21.48 -25.88
N GLY C 153 -21.28 20.21 -26.26
CA GLY C 153 -20.02 19.51 -26.36
C GLY C 153 -19.64 18.69 -25.14
N LEU C 154 -20.25 18.97 -23.99
CA LEU C 154 -19.99 18.22 -22.73
C LEU C 154 -20.86 16.97 -22.63
N ILE C 155 -20.24 15.79 -22.60
CA ILE C 155 -20.96 14.52 -22.47
C ILE C 155 -21.09 14.15 -20.98
N PHE C 156 -22.33 14.00 -20.52
CA PHE C 156 -22.63 13.53 -19.18
C PHE C 156 -23.36 12.19 -19.21
N GLY C 157 -23.21 11.45 -18.13
CA GLY C 157 -23.96 10.24 -17.93
C GLY C 157 -24.59 10.18 -16.55
N SER C 158 -25.69 9.43 -16.48
CA SER C 158 -26.27 9.16 -15.20
C SER C 158 -26.60 7.68 -15.10
N LEU C 159 -26.39 7.12 -13.91
CA LEU C 159 -26.70 5.72 -13.64
C LEU C 159 -28.16 5.43 -13.42
N ASP C 160 -28.97 6.49 -13.35
CA ASP C 160 -30.39 6.42 -13.05
C ASP C 160 -31.21 6.54 -14.35
N PRO C 161 -31.90 5.45 -14.72
CA PRO C 161 -32.76 5.48 -15.94
C PRO C 161 -33.90 6.48 -15.81
N HIS C 162 -34.26 6.85 -14.57
CA HIS C 162 -35.38 7.77 -14.34
C HIS C 162 -34.93 9.18 -13.93
N ALA C 163 -33.68 9.53 -14.23
CA ALA C 163 -33.16 10.86 -13.94
C ALA C 163 -33.94 11.88 -14.75
N ASP C 164 -34.04 13.08 -14.20
CA ASP C 164 -34.44 14.24 -14.96
C ASP C 164 -33.49 14.40 -16.16
N SER C 165 -33.99 14.98 -17.25
CA SER C 165 -33.12 15.23 -18.39
C SER C 165 -31.92 16.12 -17.97
N LEU C 166 -30.82 15.97 -18.71
CA LEU C 166 -29.63 16.78 -18.47
C LEU C 166 -29.98 18.27 -18.47
N GLU C 167 -30.83 18.69 -19.42
CA GLU C 167 -31.17 20.10 -19.57
C GLU C 167 -31.95 20.63 -18.36
N ASP C 168 -32.86 19.82 -17.80
CA ASP C 168 -33.54 20.21 -16.58
C ASP C 168 -32.55 20.21 -15.40
N TYR C 169 -31.62 19.28 -15.37
CA TYR C 169 -30.65 19.15 -14.27
C TYR C 169 -29.70 20.34 -14.22
N LEU C 170 -29.27 20.79 -15.40
CA LEU C 170 -28.45 21.98 -15.52
C LEU C 170 -29.33 23.21 -15.24
N GLY C 171 -30.55 23.24 -15.77
CA GLY C 171 -31.50 24.31 -15.47
C GLY C 171 -30.94 25.69 -15.80
N ASP C 172 -31.04 26.64 -14.87
CA ASP C 172 -30.58 28.00 -15.08
C ASP C 172 -29.06 28.14 -15.28
N LEU C 173 -28.29 27.14 -14.86
CA LEU C 173 -26.85 27.14 -15.07
C LEU C 173 -26.47 27.20 -16.54
N LYS C 174 -27.38 26.73 -17.40
CA LYS C 174 -27.15 26.71 -18.84
C LYS C 174 -26.80 28.07 -19.39
N PHE C 175 -27.45 29.11 -18.87
CA PHE C 175 -27.20 30.49 -19.25
C PHE C 175 -25.71 30.84 -19.09
N TYR C 176 -25.10 30.36 -18.00
CA TYR C 176 -23.68 30.67 -17.69
C TYR C 176 -22.68 29.74 -18.36
N LEU C 177 -23.07 28.48 -18.54
CA LEU C 177 -22.23 27.55 -19.28
C LEU C 177 -22.01 28.04 -20.72
N ASP C 178 -23.04 28.62 -21.32
CA ASP C 178 -22.97 29.18 -22.68
C ASP C 178 -21.84 30.20 -22.81
N ILE C 179 -21.70 31.03 -21.78
CA ILE C 179 -20.69 32.07 -21.76
C ILE C 179 -19.28 31.49 -21.89
N VAL C 180 -19.09 30.29 -21.36
CA VAL C 180 -17.80 29.63 -21.37
C VAL C 180 -17.68 28.65 -22.56
N LEU C 181 -18.77 27.95 -22.89
CA LEU C 181 -18.72 26.88 -23.89
C LEU C 181 -19.08 27.25 -25.34
N ASP C 182 -19.89 28.29 -25.52
CA ASP C 182 -20.54 28.56 -26.81
C ASP C 182 -20.11 29.87 -27.50
N ARG C 183 -18.88 30.31 -27.25
CA ARG C 183 -18.41 31.58 -27.80
C ARG C 183 -18.12 31.54 -29.29
N SER C 184 -17.72 30.39 -29.81
CA SER C 184 -17.22 30.31 -31.17
C SER C 184 -18.01 29.33 -32.04
N ASP C 185 -17.97 29.56 -33.35
CA ASP C 185 -18.71 28.76 -34.33
C ASP C 185 -18.20 27.33 -34.41
N ALA C 186 -16.88 27.17 -34.48
CA ALA C 186 -16.28 25.83 -34.55
C ALA C 186 -16.26 25.13 -33.19
N GLY C 187 -16.50 25.87 -32.11
CA GLY C 187 -16.53 25.26 -30.79
C GLY C 187 -15.17 25.11 -30.10
N LEU C 188 -15.21 24.63 -28.87
CA LEU C 188 -14.03 24.35 -28.06
C LEU C 188 -13.34 23.04 -28.45
N GLN C 189 -12.03 22.95 -28.20
CA GLN C 189 -11.35 21.66 -28.29
C GLN C 189 -10.53 21.39 -27.03
N VAL C 190 -10.58 20.14 -26.55
CA VAL C 190 -9.67 19.69 -25.51
C VAL C 190 -8.34 19.52 -26.18
N VAL C 191 -7.30 20.12 -25.63
CA VAL C 191 -6.00 19.92 -26.24
C VAL C 191 -5.33 18.69 -25.60
N GLY C 192 -4.97 17.74 -26.45
CA GLY C 192 -4.35 16.51 -26.03
C GLY C 192 -5.25 15.61 -25.20
N ALA C 193 -4.96 15.55 -23.91
CA ALA C 193 -5.64 14.66 -22.97
C ALA C 193 -5.59 15.34 -21.63
N PRO C 194 -6.41 14.92 -20.69
CA PRO C 194 -6.35 15.47 -19.33
C PRO C 194 -5.07 15.04 -18.59
N GLN C 195 -4.55 15.90 -17.73
CA GLN C 195 -3.60 15.48 -16.69
C GLN C 195 -4.40 14.68 -15.67
N ARG C 196 -3.92 13.48 -15.36
CA ARG C 196 -4.54 12.69 -14.29
C ARG C 196 -3.53 12.35 -13.22
N TRP C 197 -3.91 12.61 -11.97
CA TRP C 197 -3.08 12.24 -10.83
C TRP C 197 -3.88 12.13 -9.57
N VAL C 198 -3.26 11.53 -8.55
CA VAL C 198 -3.93 11.15 -7.31
C VAL C 198 -3.60 12.13 -6.20
N ILE C 199 -4.63 12.66 -5.55
CA ILE C 199 -4.44 13.48 -4.33
C ILE C 199 -5.09 12.69 -3.22
N ASP C 200 -4.40 12.54 -2.09
CA ASP C 200 -5.00 12.00 -0.89
C ASP C 200 -5.96 12.99 -0.21
N ALA C 201 -7.05 13.36 -0.90
CA ALA C 201 -8.06 14.25 -0.28
C ALA C 201 -9.46 13.82 -0.72
N ASN C 202 -10.50 14.22 0.03
CA ASN C 202 -11.85 13.93 -0.42
C ASN C 202 -12.23 14.84 -1.62
N TRP C 203 -12.95 14.29 -2.57
CA TRP C 203 -13.31 15.02 -3.79
C TRP C 203 -14.10 16.33 -3.57
N LYS C 204 -14.96 16.29 -2.54
CA LYS C 204 -15.78 17.44 -2.17
C LYS C 204 -15.00 18.70 -1.89
N LEU C 205 -13.74 18.57 -1.45
CA LEU C 205 -12.98 19.77 -1.08
C LEU C 205 -12.64 20.56 -2.34
N GLY C 206 -12.41 19.85 -3.45
CA GLY C 206 -12.17 20.52 -4.72
C GLY C 206 -13.42 21.17 -5.28
N ALA C 207 -14.56 20.46 -5.18
CA ALA C 207 -15.84 21.02 -5.62
C ALA C 207 -16.24 22.27 -4.83
N ASP C 208 -16.11 22.18 -3.50
CA ASP C 208 -16.38 23.26 -2.52
C ASP C 208 -15.57 24.51 -2.89
N ASN C 209 -14.31 24.28 -3.22
CA ASN C 209 -13.41 25.37 -3.56
C ASN C 209 -13.87 26.11 -4.83
N PHE C 210 -14.09 25.37 -5.92
CA PHE C 210 -14.42 26.00 -7.20
C PHE C 210 -15.86 26.54 -7.25
N VAL C 211 -16.77 25.97 -6.46
CA VAL C 211 -18.18 26.45 -6.51
C VAL C 211 -18.32 27.91 -6.03
N GLY C 212 -17.48 28.35 -5.10
CA GLY C 212 -17.71 29.69 -4.56
C GLY C 212 -16.57 30.41 -3.88
N ASP C 213 -15.38 29.82 -3.89
CA ASP C 213 -14.31 30.29 -3.02
C ASP C 213 -13.25 31.13 -3.73
N ALA C 214 -13.38 32.44 -3.61
CA ALA C 214 -12.35 33.37 -4.07
C ALA C 214 -11.53 33.81 -2.87
N TYR C 215 -12.16 33.77 -1.69
CA TYR C 215 -11.55 34.13 -0.40
C TYR C 215 -10.15 33.51 -0.18
N HIS C 216 -9.98 32.24 -0.56
CA HIS C 216 -8.71 31.53 -0.29
C HIS C 216 -7.50 32.09 -1.02
N THR C 217 -7.75 32.81 -2.10
CA THR C 217 -6.67 33.42 -2.88
C THR C 217 -5.66 34.16 -2.03
N MET C 218 -6.11 34.99 -1.07
CA MET C 218 -5.20 35.88 -0.35
C MET C 218 -4.18 35.15 0.48
N MET C 219 -4.54 34.00 1.02
CA MET C 219 -3.60 33.24 1.84
C MET C 219 -2.98 32.04 1.11
N THR C 220 -3.82 31.19 0.53
CA THR C 220 -3.37 29.99 -0.19
C THR C 220 -2.43 30.38 -1.31
N HIS C 221 -2.77 31.47 -2.02
CA HIS C 221 -1.98 31.91 -3.15
C HIS C 221 -1.20 33.19 -2.90
N ARG C 222 -0.87 33.43 -1.63
CA ARG C 222 -0.01 34.55 -1.25
C ARG C 222 1.34 34.57 -1.97
N SER C 223 1.96 33.41 -2.18
CA SER C 223 3.19 33.35 -2.96
C SER C 223 2.97 34.00 -4.35
N MET C 224 1.86 33.64 -5.00
CA MET C 224 1.53 34.19 -6.32
C MET C 224 1.17 35.67 -6.31
N VAL C 225 0.53 36.15 -5.23
CA VAL C 225 0.29 37.57 -5.02
C VAL C 225 1.64 38.31 -4.98
N GLU C 226 2.62 37.76 -4.26
CA GLU C 226 3.95 38.37 -4.17
C GLU C 226 4.73 38.38 -5.47
N LEU C 227 4.50 37.37 -6.32
CA LEU C 227 5.19 37.29 -7.61
C LEU C 227 4.49 38.12 -8.68
N GLY C 228 3.32 38.66 -8.35
CA GLY C 228 2.53 39.45 -9.30
C GLY C 228 1.59 38.66 -10.19
N LEU C 229 1.37 37.37 -9.88
CA LEU C 229 0.51 36.52 -10.70
C LEU C 229 -0.93 36.43 -10.22
N ALA C 230 -1.14 36.60 -8.93
CA ALA C 230 -2.51 36.63 -8.39
C ALA C 230 -2.87 38.09 -8.13
N PRO C 231 -4.17 38.43 -8.10
CA PRO C 231 -4.59 39.83 -7.85
C PRO C 231 -4.03 40.35 -6.53
N PRO C 232 -3.38 41.52 -6.53
CA PRO C 232 -2.79 42.08 -5.29
C PRO C 232 -3.80 42.77 -4.37
N ASP C 233 -4.92 43.20 -4.91
CA ASP C 233 -5.94 43.90 -4.12
C ASP C 233 -6.68 42.91 -3.24
N PRO C 234 -6.58 43.08 -1.91
CA PRO C 234 -7.30 42.20 -0.99
C PRO C 234 -8.82 42.29 -1.17
N GLN C 235 -9.30 43.33 -1.84
CA GLN C 235 -10.73 43.52 -2.08
C GLN C 235 -11.15 43.05 -3.47
N PHE C 236 -10.26 42.36 -4.16
CA PHE C 236 -10.49 42.07 -5.58
C PHE C 236 -11.85 41.41 -5.87
N ALA C 237 -12.34 40.57 -4.95
CA ALA C 237 -13.53 39.76 -5.24
C ALA C 237 -14.81 40.52 -4.92
N LEU C 238 -14.68 41.75 -4.39
CA LEU C 238 -15.82 42.64 -4.20
C LEU C 238 -16.33 43.13 -5.56
N TYR C 239 -15.44 43.13 -6.56
CA TYR C 239 -15.84 43.47 -7.93
C TYR C 239 -16.26 42.21 -8.66
N GLY C 240 -17.36 41.63 -8.21
CA GLY C 240 -17.83 40.38 -8.78
C GLY C 240 -19.20 39.99 -8.30
N GLU C 241 -19.62 38.79 -8.67
CA GLU C 241 -20.97 38.29 -8.45
C GLU C 241 -20.91 36.80 -8.08
N HIS C 242 -21.68 36.43 -7.05
CA HIS C 242 -21.76 35.08 -6.49
C HIS C 242 -23.12 34.50 -6.80
N ILE C 243 -23.18 33.44 -7.60
CA ILE C 243 -24.44 33.00 -8.23
C ILE C 243 -24.69 31.52 -8.02
N HIS C 244 -25.91 31.18 -7.64
CA HIS C 244 -26.22 29.76 -7.58
C HIS C 244 -27.62 29.45 -8.11
N THR C 245 -27.86 28.18 -8.27
CA THR C 245 -28.92 27.69 -9.11
C THR C 245 -29.46 26.47 -8.37
N GLY C 246 -30.57 25.88 -8.86
CA GLY C 246 -31.05 24.62 -8.30
C GLY C 246 -30.03 23.51 -8.58
N HIS C 247 -30.28 22.31 -8.06
CA HIS C 247 -29.37 21.17 -8.19
C HIS C 247 -27.92 21.36 -7.75
N GLY C 248 -27.69 22.22 -6.78
CA GLY C 248 -26.35 22.35 -6.21
C GLY C 248 -25.31 23.16 -6.97
N HIS C 249 -25.69 23.68 -8.14
CA HIS C 249 -24.75 24.34 -9.03
C HIS C 249 -24.51 25.76 -8.58
N GLY C 250 -23.28 26.24 -8.77
CA GLY C 250 -22.92 27.60 -8.41
C GLY C 250 -21.68 28.06 -9.16
N LEU C 251 -21.52 29.38 -9.23
CA LEU C 251 -20.35 30.00 -9.85
C LEU C 251 -20.09 31.40 -9.31
N GLY C 252 -18.87 31.88 -9.48
CA GLY C 252 -18.58 33.28 -9.28
C GLY C 252 -17.95 33.93 -10.49
N ILE C 253 -18.17 35.24 -10.64
CA ILE C 253 -17.64 36.00 -11.77
C ILE C 253 -16.97 37.25 -11.17
N ILE C 254 -15.69 37.45 -11.48
CA ILE C 254 -14.93 38.57 -10.97
C ILE C 254 -14.34 39.37 -12.12
N GLY C 255 -14.46 40.70 -12.05
CA GLY C 255 -13.84 41.59 -13.01
C GLY C 255 -12.89 42.59 -12.34
N PRO C 256 -12.19 43.41 -13.12
CA PRO C 256 -11.27 44.41 -12.56
C PRO C 256 -11.99 45.59 -11.90
N PRO C 257 -11.32 46.30 -10.99
CA PRO C 257 -11.86 47.51 -10.36
C PRO C 257 -12.01 48.68 -11.35
N PRO C 258 -12.83 49.69 -11.04
CA PRO C 258 -13.03 50.86 -11.92
C PRO C 258 -11.74 51.51 -12.46
N GLY C 259 -10.71 51.60 -11.61
CA GLY C 259 -9.45 52.22 -12.00
C GLY C 259 -8.43 51.27 -12.63
N MET C 260 -8.94 50.29 -13.37
CA MET C 260 -8.12 49.28 -14.04
C MET C 260 -8.81 48.84 -15.33
N PRO C 261 -8.40 49.40 -16.45
CA PRO C 261 -8.91 48.95 -17.74
C PRO C 261 -8.19 47.67 -18.15
N LEU C 262 -8.96 46.66 -18.49
CA LEU C 262 -8.42 45.46 -19.08
C LEU C 262 -9.16 45.27 -20.39
N PRO C 263 -8.52 44.69 -21.39
CA PRO C 263 -9.19 44.33 -22.64
C PRO C 263 -10.51 43.60 -22.36
N GLU C 264 -11.53 43.94 -23.13
CA GLU C 264 -12.87 43.35 -22.95
C GLU C 264 -12.85 41.89 -23.34
N PHE C 265 -13.81 41.14 -22.81
CA PHE C 265 -13.96 39.71 -23.14
C PHE C 265 -12.66 38.93 -22.86
N MET C 266 -12.03 39.23 -21.73
CA MET C 266 -10.80 38.52 -21.27
C MET C 266 -9.65 38.63 -22.29
N GLY C 267 -9.73 39.63 -23.15
CA GLY C 267 -8.75 39.79 -24.22
C GLY C 267 -8.73 38.67 -25.24
N LEU C 268 -9.85 37.96 -25.43
CA LEU C 268 -9.93 36.93 -26.47
C LEU C 268 -9.64 37.49 -27.86
N PRO C 269 -9.11 36.65 -28.75
CA PRO C 269 -8.81 37.09 -30.11
C PRO C 269 -10.03 37.70 -30.78
N GLU C 270 -9.76 38.62 -31.70
CA GLU C 270 -10.78 39.36 -32.45
C GLU C 270 -11.85 38.53 -33.14
N ASN C 271 -11.43 37.46 -33.83
CA ASN C 271 -12.37 36.59 -34.52
C ASN C 271 -13.33 35.90 -33.54
N ILE C 272 -12.83 35.55 -32.35
CA ILE C 272 -13.67 34.90 -31.35
C ILE C 272 -14.67 35.91 -30.78
N VAL C 273 -14.20 37.12 -30.54
CA VAL C 273 -15.07 38.18 -30.02
C VAL C 273 -16.23 38.47 -30.99
N GLU C 274 -15.91 38.52 -32.29
CA GLU C 274 -16.90 38.65 -33.36
C GLU C 274 -17.98 37.59 -33.20
N GLU C 275 -17.53 36.35 -33.05
CA GLU C 275 -18.45 35.21 -33.05
C GLU C 275 -19.30 35.24 -31.79
N LEU C 276 -18.67 35.49 -30.62
CA LEU C 276 -19.42 35.49 -29.35
C LEU C 276 -20.52 36.55 -29.29
N GLU C 277 -20.25 37.72 -29.87
CA GLU C 277 -21.24 38.81 -29.96
C GLU C 277 -22.50 38.41 -30.73
N ARG C 278 -22.33 37.44 -31.63
CA ARG C 278 -23.41 36.96 -32.46
C ARG C 278 -23.99 35.64 -31.92
N ARG C 279 -23.21 34.87 -31.15
CA ARG C 279 -23.67 33.58 -30.64
C ARG C 279 -24.42 33.70 -29.31
N LEU C 280 -24.01 34.62 -28.45
CA LEU C 280 -24.59 34.77 -27.12
C LEU C 280 -25.65 35.86 -27.14
N THR C 281 -26.61 35.81 -26.22
CA THR C 281 -27.60 36.91 -26.08
C THR C 281 -26.91 38.17 -25.55
N PRO C 282 -27.50 39.34 -25.83
CA PRO C 282 -26.95 40.60 -25.32
C PRO C 282 -26.71 40.57 -23.81
N GLU C 283 -27.61 39.97 -23.05
CA GLU C 283 -27.44 39.83 -21.60
C GLU C 283 -26.21 39.00 -21.25
N GLN C 284 -25.97 37.92 -22.00
CA GLN C 284 -24.77 37.10 -21.75
C GLN C 284 -23.52 37.87 -22.13
N VAL C 285 -23.58 38.60 -23.23
CA VAL C 285 -22.45 39.39 -23.73
C VAL C 285 -21.99 40.42 -22.72
N GLU C 286 -22.95 41.13 -22.14
CA GLU C 286 -22.62 42.17 -21.17
C GLU C 286 -22.15 41.62 -19.84
N ILE C 287 -22.59 40.42 -19.46
CA ILE C 287 -22.04 39.80 -18.24
C ILE C 287 -20.58 39.38 -18.50
N PHE C 288 -20.32 38.82 -19.68
CA PHE C 288 -18.96 38.40 -20.04
C PHE C 288 -17.97 39.55 -20.31
N ARG C 289 -18.46 40.68 -20.80
CA ARG C 289 -17.59 41.76 -21.26
C ARG C 289 -16.44 42.19 -20.30
N PRO C 290 -16.73 42.43 -19.02
CA PRO C 290 -15.68 42.84 -18.08
C PRO C 290 -15.08 41.69 -17.24
N THR C 291 -15.31 40.44 -17.65
CA THR C 291 -14.79 39.30 -16.89
C THR C 291 -13.28 39.18 -16.87
N ALA C 292 -12.75 38.90 -15.68
CA ALA C 292 -11.37 38.43 -15.47
C ALA C 292 -11.28 36.97 -14.99
N PHE C 293 -12.19 36.55 -14.10
CA PHE C 293 -12.23 35.16 -13.58
C PHE C 293 -13.64 34.61 -13.53
N ILE C 294 -13.79 33.38 -13.98
CA ILE C 294 -15.01 32.63 -13.76
C ILE C 294 -14.65 31.32 -13.12
N HIS C 295 -15.23 31.03 -11.97
CA HIS C 295 -15.03 29.72 -11.31
C HIS C 295 -16.40 29.13 -10.97
N GLY C 296 -16.55 27.83 -11.14
CA GLY C 296 -17.81 27.22 -10.74
C GLY C 296 -17.73 25.73 -10.64
N THR C 297 -18.80 25.16 -10.11
CA THR C 297 -18.94 23.73 -10.05
C THR C 297 -20.31 23.34 -10.55
N VAL C 298 -20.31 22.39 -11.49
CA VAL C 298 -21.50 21.65 -11.89
C VAL C 298 -21.63 20.42 -10.99
N PHE C 299 -22.61 20.46 -10.08
CA PHE C 299 -22.83 19.31 -9.18
C PHE C 299 -22.89 17.98 -9.95
N PRO C 300 -22.24 16.93 -9.45
CA PRO C 300 -21.39 16.97 -8.23
C PRO C 300 -19.94 17.44 -8.37
N ASN C 301 -19.25 16.98 -9.40
CA ASN C 301 -17.79 16.99 -9.32
C ASN C 301 -17.06 17.48 -10.56
N LEU C 302 -17.73 18.26 -11.38
CA LEU C 302 -17.07 18.95 -12.51
C LEU C 302 -16.91 20.42 -12.16
N SER C 303 -15.67 20.90 -12.17
CA SER C 303 -15.42 22.31 -11.95
C SER C 303 -14.84 23.00 -13.17
N ILE C 304 -15.03 24.32 -13.20
CA ILE C 304 -14.67 25.18 -14.32
C ILE C 304 -13.81 26.35 -13.83
N GLY C 305 -12.70 26.59 -14.51
CA GLY C 305 -11.90 27.77 -14.27
C GLY C 305 -11.62 28.48 -15.57
N ASN C 306 -12.17 29.68 -15.74
CA ASN C 306 -11.87 30.49 -16.92
C ASN C 306 -11.20 31.74 -16.37
N PHE C 307 -9.86 31.77 -16.44
CA PHE C 307 -9.05 32.75 -15.70
C PHE C 307 -8.08 33.50 -16.62
N LEU C 308 -7.80 34.74 -16.27
CA LEU C 308 -6.84 35.57 -17.00
C LEU C 308 -5.56 35.58 -16.19
N MET C 309 -4.46 35.03 -16.69
CA MET C 309 -3.26 34.84 -15.85
C MET C 309 -1.95 34.81 -16.63
N GLY C 310 -0.87 35.28 -16.00
CA GLY C 310 0.45 35.23 -16.62
C GLY C 310 1.03 33.83 -16.60
N LYS C 311 1.83 33.49 -17.62
CA LYS C 311 2.51 32.19 -17.71
C LYS C 311 3.81 32.14 -16.89
N ASP C 312 4.19 33.29 -16.34
CA ASP C 312 5.32 33.40 -15.44
C ASP C 312 5.24 34.78 -14.81
N HIS C 313 6.21 35.11 -13.97
CA HIS C 313 6.21 36.37 -13.23
C HIS C 313 6.55 37.62 -14.05
N LEU C 314 6.95 37.45 -15.32
CA LEU C 314 7.35 38.60 -16.15
C LEU C 314 6.38 38.92 -17.29
N SER C 315 5.33 38.10 -17.45
CA SER C 315 4.47 38.14 -18.61
C SER C 315 3.11 38.80 -18.37
N ALA C 316 2.59 39.46 -19.42
CA ALA C 316 1.19 39.88 -19.45
C ALA C 316 0.28 38.63 -19.42
N PRO C 317 -0.87 38.74 -18.76
CA PRO C 317 -1.78 37.60 -18.63
C PRO C 317 -2.54 37.25 -19.90
N THR C 318 -2.80 35.95 -20.09
CA THR C 318 -3.77 35.53 -21.11
C THR C 318 -4.87 34.61 -20.53
N ALA C 319 -6.03 34.60 -21.19
CA ALA C 319 -7.17 33.83 -20.73
C ALA C 319 -6.93 32.35 -21.01
N PHE C 320 -7.37 31.51 -20.10
CA PHE C 320 -7.42 30.07 -20.37
C PHE C 320 -8.65 29.50 -19.73
N LEU C 321 -9.12 28.41 -20.32
CA LEU C 321 -10.22 27.65 -19.77
C LEU C 321 -9.75 26.27 -19.34
N THR C 322 -10.15 25.87 -18.13
CA THR C 322 -9.97 24.48 -17.72
C THR C 322 -11.26 23.90 -17.15
N LEU C 323 -11.52 22.63 -17.46
CA LEU C 323 -12.56 21.85 -16.80
C LEU C 323 -11.82 20.79 -16.03
N ARG C 324 -12.32 20.42 -14.85
CA ARG C 324 -11.69 19.33 -14.10
C ARG C 324 -12.70 18.45 -13.41
N LEU C 325 -12.41 17.15 -13.40
CA LEU C 325 -13.13 16.22 -12.57
C LEU C 325 -12.39 15.98 -11.26
N TRP C 326 -13.15 15.98 -10.17
CA TRP C 326 -12.69 15.50 -8.87
C TRP C 326 -13.22 14.09 -8.75
N HIS C 327 -12.47 13.12 -9.27
CA HIS C 327 -13.00 11.78 -9.38
C HIS C 327 -12.88 11.06 -8.01
N PRO C 328 -13.98 10.57 -7.42
CA PRO C 328 -13.91 9.92 -6.10
C PRO C 328 -13.21 8.53 -6.12
N LEU C 329 -12.20 8.33 -5.30
CA LEU C 329 -11.55 7.02 -5.22
C LEU C 329 -11.84 6.42 -3.86
N GLY C 330 -12.05 7.27 -2.85
CA GLY C 330 -12.27 6.76 -1.50
C GLY C 330 -12.59 7.92 -0.63
N PRO C 331 -12.93 7.66 0.64
CA PRO C 331 -13.25 8.77 1.55
C PRO C 331 -12.08 9.76 1.67
N ASP C 332 -10.87 9.25 1.42
CA ASP C 332 -9.70 10.11 1.61
C ASP C 332 -8.82 10.13 0.38
N LYS C 333 -9.43 9.95 -0.80
CA LYS C 333 -8.62 9.91 -1.99
C LYS C 333 -9.43 10.27 -3.26
N MET C 334 -8.80 11.01 -4.16
CA MET C 334 -9.40 11.30 -5.45
C MET C 334 -8.36 11.30 -6.59
N GLU C 335 -8.87 11.25 -7.80
CA GLU C 335 -8.04 11.38 -8.98
C GLU C 335 -8.53 12.62 -9.69
N VAL C 336 -7.63 13.61 -9.83
CA VAL C 336 -7.97 14.82 -10.58
C VAL C 336 -7.81 14.49 -12.05
N MET C 337 -8.77 14.90 -12.86
CA MET C 337 -8.62 14.86 -14.31
C MET C 337 -8.76 16.31 -14.79
N SER C 338 -7.63 16.94 -15.17
CA SER C 338 -7.64 18.37 -15.54
C SER C 338 -7.47 18.55 -17.05
N PHE C 339 -8.46 19.18 -17.68
CA PHE C 339 -8.52 19.38 -19.12
C PHE C 339 -8.22 20.85 -19.44
N PHE C 340 -7.45 21.07 -20.50
CA PHE C 340 -7.26 22.42 -21.03
C PHE C 340 -8.07 22.53 -22.32
N LEU C 341 -8.89 23.58 -22.43
CA LEU C 341 -9.71 23.79 -23.62
C LEU C 341 -9.44 25.15 -24.23
N VAL C 342 -9.55 25.22 -25.56
CA VAL C 342 -9.42 26.50 -26.27
C VAL C 342 -10.29 26.43 -27.54
N GLU C 343 -10.77 27.59 -27.98
CA GLU C 343 -11.60 27.67 -29.17
C GLU C 343 -10.81 27.18 -30.39
N LYS C 344 -11.41 26.28 -31.16
CA LYS C 344 -10.75 25.66 -32.33
C LYS C 344 -10.19 26.69 -33.29
N ASP C 345 -10.88 27.82 -33.44
CA ASP C 345 -10.48 28.83 -34.45
C ASP C 345 -9.65 29.97 -33.89
N ALA C 346 -9.26 29.86 -32.62
CA ALA C 346 -8.27 30.77 -32.08
C ALA C 346 -6.98 30.64 -32.88
N PRO C 347 -6.28 31.76 -33.10
CA PRO C 347 -4.99 31.71 -33.78
C PRO C 347 -3.99 30.86 -32.95
N ASP C 348 -3.02 30.23 -33.62
CA ASP C 348 -2.10 29.33 -32.95
C ASP C 348 -1.26 30.00 -31.89
N TRP C 349 -0.91 31.27 -32.10
CA TRP C 349 -0.17 32.01 -31.09
C TRP C 349 -0.97 32.05 -29.79
N PHE C 350 -2.29 32.26 -29.89
CA PHE C 350 -3.13 32.38 -28.69
C PHE C 350 -3.31 31.03 -27.98
N LYS C 351 -3.47 29.96 -28.76
CA LYS C 351 -3.54 28.60 -28.21
C LYS C 351 -2.30 28.28 -27.37
N ASP C 352 -1.11 28.56 -27.90
CA ASP C 352 0.14 28.31 -27.17
C ASP C 352 0.22 29.18 -25.89
N GLU C 353 -0.10 30.47 -26.02
CA GLU C 353 -0.05 31.37 -24.87
C GLU C 353 -1.03 31.00 -23.76
N SER C 354 -2.24 30.62 -24.17
CA SER C 354 -3.30 30.22 -23.25
C SER C 354 -2.91 28.94 -22.50
N TYR C 355 -2.36 27.99 -23.26
CA TYR C 355 -1.83 26.74 -22.73
C TYR C 355 -0.78 26.99 -21.65
N LYS C 356 0.16 27.88 -21.91
CA LYS C 356 1.20 28.16 -20.94
C LYS C 356 0.65 28.85 -19.69
N SER C 357 -0.31 29.75 -19.87
CA SER C 357 -0.91 30.46 -18.74
C SER C 357 -1.64 29.47 -17.82
N TYR C 358 -2.37 28.54 -18.42
CA TYR C 358 -2.97 27.42 -17.68
C TYR C 358 -1.90 26.55 -16.98
N LEU C 359 -0.86 26.17 -17.72
CA LEU C 359 0.07 25.16 -17.27
C LEU C 359 0.91 25.54 -16.04
N ARG C 360 1.38 26.78 -15.97
CA ARG C 360 2.20 27.22 -14.86
C ARG C 360 1.39 27.65 -13.65
N THR C 361 0.07 27.77 -13.79
CA THR C 361 -0.77 28.18 -12.66
C THR C 361 -1.62 27.00 -12.12
N PHE C 362 -2.26 26.27 -13.01
CA PHE C 362 -3.14 25.18 -12.60
C PHE C 362 -2.67 23.82 -13.11
N GLY C 363 -3.34 22.75 -12.73
CA GLY C 363 -2.84 21.45 -13.13
C GLY C 363 -1.81 20.98 -12.11
N ILE C 364 -1.23 19.81 -12.38
CA ILE C 364 -0.39 19.08 -11.44
C ILE C 364 0.90 19.81 -10.97
N SER C 365 1.48 20.59 -11.88
CA SER C 365 2.67 21.37 -11.52
C SER C 365 2.43 22.87 -11.43
N GLY C 366 1.17 23.30 -11.48
CA GLY C 366 0.86 24.73 -11.45
C GLY C 366 1.18 25.34 -10.09
N GLY C 367 1.65 26.59 -10.10
CA GLY C 367 2.05 27.30 -8.89
C GLY C 367 0.90 27.65 -7.95
N PHE C 368 -0.34 27.67 -8.48
CA PHE C 368 -1.54 27.82 -7.66
C PHE C 368 -2.01 26.45 -7.16
N GLU C 369 -2.33 25.56 -8.10
CA GLU C 369 -2.99 24.30 -7.74
C GLU C 369 -2.16 23.39 -6.85
N GLN C 370 -0.85 23.48 -6.92
CA GLN C 370 -0.06 22.60 -6.07
C GLN C 370 -0.31 22.90 -4.58
N ASP C 371 -0.51 24.18 -4.24
CA ASP C 371 -0.88 24.58 -2.86
C ASP C 371 -2.33 24.25 -2.47
N ASP C 372 -3.26 24.38 -3.43
CA ASP C 372 -4.62 23.89 -3.25
C ASP C 372 -4.63 22.41 -2.83
N ALA C 373 -3.88 21.57 -3.56
CA ALA C 373 -3.77 20.17 -3.28
C ALA C 373 -3.23 19.89 -1.85
N GLU C 374 -2.24 20.68 -1.44
CA GLU C 374 -1.69 20.54 -0.10
C GLU C 374 -2.73 20.90 0.99
N ASN C 375 -3.49 21.97 0.77
CA ASN C 375 -4.61 22.26 1.69
C ASN C 375 -5.67 21.15 1.81
N TRP C 376 -6.08 20.57 0.68
CA TRP C 376 -7.14 19.58 0.69
C TRP C 376 -6.66 18.30 1.34
N ARG C 377 -5.41 17.90 1.13
CA ARG C 377 -4.96 16.66 1.78
C ARG C 377 -4.81 16.83 3.26
N SER C 378 -4.45 18.03 3.70
CA SER C 378 -4.27 18.33 5.10
C SER C 378 -5.62 18.29 5.86
N ILE C 379 -6.64 18.93 5.29
CA ILE C 379 -8.01 18.90 5.82
C ILE C 379 -8.48 17.45 5.99
N THR C 380 -8.33 16.70 4.93
CA THR C 380 -8.85 15.34 4.86
C THR C 380 -8.25 14.48 5.96
N ARG C 381 -6.97 14.68 6.19
CA ARG C 381 -6.25 13.86 7.15
C ARG C 381 -6.75 14.12 8.57
N VAL C 382 -6.83 15.39 8.93
CA VAL C 382 -7.25 15.67 10.26
C VAL C 382 -8.75 15.43 10.45
N MET C 383 -9.52 15.51 9.37
CA MET C 383 -10.96 15.28 9.43
C MET C 383 -11.37 13.81 9.49
N GLY C 384 -10.41 12.88 9.41
CA GLY C 384 -10.62 11.48 9.77
C GLY C 384 -10.68 11.18 11.26
N GLY C 385 -10.34 12.14 12.13
CA GLY C 385 -10.44 11.94 13.60
C GLY C 385 -11.89 11.90 14.13
N GLN C 386 -12.20 10.98 15.05
CA GLN C 386 -13.57 10.87 15.61
C GLN C 386 -14.04 12.13 16.32
N PHE C 387 -13.14 12.78 17.05
CA PHE C 387 -13.49 14.04 17.68
C PHE C 387 -13.65 15.18 16.66
N ALA C 388 -12.75 15.23 15.69
CA ALA C 388 -12.81 16.29 14.68
C ALA C 388 -14.14 16.25 13.95
N LYS C 389 -14.67 15.06 13.85
CA LYS C 389 -15.91 14.81 13.08
C LYS C 389 -17.20 15.18 13.80
N THR C 390 -17.12 15.41 15.10
CA THR C 390 -18.25 15.93 15.87
C THR C 390 -18.39 17.44 15.75
N GLY C 391 -17.45 18.09 15.07
CA GLY C 391 -17.52 19.53 14.89
C GLY C 391 -18.26 19.95 13.65
N GLU C 392 -18.18 21.24 13.36
CA GLU C 392 -18.91 21.81 12.23
C GLU C 392 -17.93 22.56 11.35
N LEU C 393 -18.32 22.74 10.10
CA LEU C 393 -17.58 23.60 9.18
C LEU C 393 -18.30 24.94 9.15
N ASN C 394 -17.54 26.03 9.16
CA ASN C 394 -18.13 27.36 9.22
C ASN C 394 -18.36 27.87 7.80
N TYR C 395 -19.64 28.01 7.43
CA TYR C 395 -20.02 28.66 6.16
C TYR C 395 -20.76 29.97 6.35
N GLN C 396 -20.34 30.71 7.37
CA GLN C 396 -21.06 31.88 7.84
C GLN C 396 -20.75 33.18 7.10
N MET C 397 -19.89 33.12 6.08
CA MET C 397 -19.54 34.35 5.38
C MET C 397 -20.77 34.96 4.73
N GLY C 398 -21.17 36.14 5.18
CA GLY C 398 -22.36 36.79 4.67
C GLY C 398 -23.57 36.71 5.57
N ARG C 399 -23.53 35.81 6.55
CA ARG C 399 -24.62 35.70 7.52
C ARG C 399 -24.92 37.06 8.13
N GLY C 400 -26.19 37.42 8.10
CA GLY C 400 -26.66 38.69 8.64
C GLY C 400 -26.45 39.87 7.72
N VAL C 401 -25.92 39.65 6.53
CA VAL C 401 -25.48 40.73 5.64
C VAL C 401 -25.90 40.52 4.17
N LEU C 402 -25.86 39.29 3.67
CA LEU C 402 -26.15 39.04 2.25
C LEU C 402 -27.58 39.43 1.86
N GLU C 403 -27.68 40.21 0.77
CA GLU C 403 -28.97 40.53 0.16
C GLU C 403 -28.85 40.26 -1.34
N PRO C 404 -29.82 39.57 -1.91
CA PRO C 404 -29.81 39.31 -3.35
C PRO C 404 -29.67 40.61 -4.14
N ASP C 405 -28.93 40.54 -5.24
CA ASP C 405 -28.73 41.66 -6.13
C ASP C 405 -29.99 41.86 -7.00
N PRO C 406 -30.71 42.96 -6.79
CA PRO C 406 -31.94 43.24 -7.58
C PRO C 406 -31.61 43.58 -9.02
N ASN C 407 -30.38 44.02 -9.27
CA ASN C 407 -29.96 44.50 -10.57
C ASN C 407 -29.27 43.46 -11.47
N TRP C 408 -29.08 42.23 -10.98
CA TRP C 408 -28.43 41.20 -11.79
C TRP C 408 -29.35 40.75 -12.92
N THR C 409 -28.80 40.62 -14.12
CA THR C 409 -29.60 40.37 -15.33
C THR C 409 -29.67 38.90 -15.70
N GLY C 410 -28.91 38.07 -14.99
CA GLY C 410 -28.91 36.64 -15.28
C GLY C 410 -29.83 35.93 -14.32
N PRO C 411 -30.13 34.66 -14.62
CA PRO C 411 -30.96 33.82 -13.76
C PRO C 411 -30.18 33.33 -12.54
N GLY C 412 -30.85 32.70 -11.58
CA GLY C 412 -30.22 32.14 -10.40
C GLY C 412 -30.36 33.07 -9.21
N GLU C 413 -29.80 32.68 -8.07
CA GLU C 413 -29.76 33.55 -6.89
C GLU C 413 -28.38 34.20 -6.86
N ALA C 414 -28.34 35.51 -7.00
CA ALA C 414 -27.09 36.26 -7.20
C ALA C 414 -26.84 37.30 -6.11
N TYR C 415 -25.57 37.43 -5.70
CA TYR C 415 -25.16 38.43 -4.71
C TYR C 415 -24.08 39.32 -5.35
N PRO C 416 -24.09 40.61 -5.04
CA PRO C 416 -23.23 41.58 -5.72
C PRO C 416 -21.76 41.66 -5.21
N LEU C 417 -21.20 40.52 -4.84
CA LEU C 417 -19.78 40.41 -4.46
C LEU C 417 -19.44 38.94 -4.58
N ASP C 418 -18.17 38.61 -4.62
CA ASP C 418 -17.79 37.22 -4.66
C ASP C 418 -16.98 36.77 -3.42
N TYR C 419 -17.13 37.49 -2.31
CA TYR C 419 -16.77 36.97 -0.97
C TYR C 419 -18.08 36.56 -0.30
N ALA C 420 -18.41 35.28 -0.49
CA ALA C 420 -19.63 34.73 0.10
C ALA C 420 -19.47 33.25 0.17
N GLU C 421 -20.30 32.61 0.99
CA GLU C 421 -20.34 31.14 1.04
C GLU C 421 -21.74 30.57 0.74
N ALA C 422 -22.58 31.38 0.07
CA ALA C 422 -23.92 30.91 -0.31
C ALA C 422 -23.81 29.74 -1.31
N ASN C 423 -22.86 29.82 -2.25
CA ASN C 423 -22.74 28.74 -3.25
C ASN C 423 -22.35 27.41 -2.61
N GLN C 424 -21.41 27.46 -1.67
CA GLN C 424 -20.96 26.26 -0.97
C GLN C 424 -22.11 25.65 -0.15
N ARG C 425 -22.88 26.50 0.51
CA ARG C 425 -24.05 26.06 1.25
C ARG C 425 -25.11 25.41 0.39
N ASN C 426 -25.33 25.96 -0.80
CA ASN C 426 -26.30 25.42 -1.78
C ASN C 426 -25.81 24.07 -2.33
N PHE C 427 -24.51 23.98 -2.58
CA PHE C 427 -23.90 22.72 -3.03
C PHE C 427 -24.10 21.60 -1.98
N LEU C 428 -23.73 21.88 -0.74
CA LEU C 428 -23.87 20.90 0.34
C LEU C 428 -25.32 20.65 0.79
N GLU C 429 -26.21 21.62 0.61
CA GLU C 429 -27.64 21.38 0.84
C GLU C 429 -28.20 20.37 -0.18
N TYR C 430 -27.87 20.51 -1.45
CA TYR C 430 -28.33 19.50 -2.43
C TYR C 430 -27.69 18.13 -2.15
N TRP C 431 -26.39 18.12 -1.86
CA TRP C 431 -25.68 16.90 -1.45
C TRP C 431 -26.39 16.17 -0.31
N MET C 432 -26.74 16.91 0.74
CA MET C 432 -27.41 16.32 1.89
C MET C 432 -28.83 15.85 1.51
N GLN C 433 -29.48 16.55 0.61
CA GLN C 433 -30.84 16.14 0.27
C GLN C 433 -30.74 14.80 -0.47
N LEU C 434 -29.74 14.67 -1.33
CA LEU C 434 -29.61 13.43 -2.11
C LEU C 434 -29.21 12.24 -1.19
N MET C 435 -28.33 12.53 -0.23
CA MET C 435 -27.90 11.55 0.77
C MET C 435 -29.06 10.98 1.59
N LEU C 436 -30.05 11.84 1.87
CA LEU C 436 -31.22 11.49 2.66
C LEU C 436 -32.40 10.95 1.83
N ALA C 437 -32.31 11.03 0.50
CA ALA C 437 -33.37 10.52 -0.37
C ALA C 437 -33.49 9.00 -0.30
N GLU C 438 -34.56 8.50 0.31
CA GLU C 438 -34.79 7.06 0.38
C GLU C 438 -35.32 6.57 -0.97
N SER C 439 -36.12 7.41 -1.62
CA SER C 439 -36.44 7.26 -3.04
C SER C 439 -35.98 8.52 -3.82
N PRO C 440 -35.36 8.32 -4.99
CA PRO C 440 -34.74 9.40 -5.79
C PRO C 440 -35.41 10.80 -5.82
N LEU C 441 -34.55 11.81 -6.05
CA LEU C 441 -34.89 13.25 -6.12
C LEU C 441 -35.02 13.90 -4.73
N ARG D 6 31.27 9.53 -31.28
CA ARG D 6 31.46 8.33 -30.41
C ARG D 6 32.51 8.55 -29.31
N VAL D 7 32.41 7.76 -28.23
CA VAL D 7 33.36 7.76 -27.10
C VAL D 7 33.34 9.00 -26.19
N SER D 8 33.97 8.91 -25.01
CA SER D 8 34.14 10.06 -24.10
C SER D 8 35.27 9.88 -23.04
N ASP D 9 34.90 9.35 -21.87
CA ASP D 9 35.76 8.83 -20.77
C ASP D 9 36.03 9.70 -19.53
N THR D 10 36.94 10.67 -19.63
CA THR D 10 37.05 11.72 -18.63
C THR D 10 35.74 12.53 -18.62
N THR D 11 35.13 12.64 -19.79
CA THR D 11 33.87 13.33 -19.96
C THR D 11 32.70 12.60 -19.29
N VAL D 12 32.67 11.28 -19.40
CA VAL D 12 31.67 10.45 -18.71
C VAL D 12 31.70 10.72 -17.20
N ARG D 13 32.90 10.70 -16.64
CA ARG D 13 33.11 10.99 -15.22
C ARG D 13 32.58 12.37 -14.83
N GLU D 14 32.98 13.40 -15.56
CA GLU D 14 32.56 14.77 -15.30
C GLU D 14 31.04 14.92 -15.41
N ILE D 15 30.45 14.36 -16.45
CA ILE D 15 29.00 14.40 -16.62
C ILE D 15 28.28 13.66 -15.50
N THR D 16 28.76 12.46 -15.18
CA THR D 16 28.18 11.67 -14.10
C THR D 16 28.24 12.42 -12.76
N GLU D 17 29.42 12.95 -12.43
CA GLU D 17 29.58 13.75 -11.22
C GLU D 17 28.66 14.98 -11.24
N TRP D 18 28.55 15.62 -12.41
CA TRP D 18 27.61 16.73 -12.61
C TRP D 18 26.15 16.33 -12.28
N LEU D 19 25.71 15.16 -12.75
CA LEU D 19 24.37 14.66 -12.41
C LEU D 19 24.19 14.44 -10.90
N TYR D 20 25.24 13.93 -10.25
CA TYR D 20 25.10 13.61 -8.83
C TYR D 20 25.07 14.89 -8.00
N MET D 21 25.87 15.88 -8.41
CA MET D 21 25.88 17.20 -7.80
C MET D 21 24.53 17.89 -7.96
N GLU D 22 23.98 17.84 -9.17
CA GLU D 22 22.64 18.37 -9.43
C GLU D 22 21.60 17.76 -8.50
N ALA D 23 21.60 16.44 -8.40
CA ALA D 23 20.61 15.71 -7.62
C ALA D 23 20.75 16.08 -6.13
N GLU D 24 22.00 16.16 -5.69
CA GLU D 24 22.33 16.63 -4.34
C GLU D 24 21.76 18.01 -4.03
N LEU D 25 21.93 18.98 -4.93
CA LEU D 25 21.33 20.30 -4.73
C LEU D 25 19.82 20.21 -4.56
N LEU D 26 19.17 19.47 -5.45
CA LEU D 26 17.72 19.29 -5.36
C LEU D 26 17.27 18.66 -4.04
N ASP D 27 17.94 17.59 -3.63
CA ASP D 27 17.61 16.90 -2.40
C ASP D 27 17.97 17.71 -1.14
N ALA D 28 18.74 18.79 -1.32
CA ALA D 28 19.04 19.69 -0.21
C ALA D 28 18.14 20.93 -0.24
N GLY D 29 17.27 21.04 -1.24
CA GLY D 29 16.37 22.18 -1.35
C GLY D 29 17.13 23.44 -1.75
N LYS D 30 18.28 23.24 -2.39
CA LYS D 30 19.11 24.35 -2.86
C LYS D 30 18.70 24.81 -4.25
N TYR D 31 17.50 25.37 -4.35
CA TYR D 31 16.86 25.63 -5.64
C TYR D 31 17.53 26.77 -6.41
N ARG D 32 17.91 27.81 -5.69
CA ARG D 32 18.64 28.96 -6.26
C ARG D 32 19.95 28.51 -6.91
N GLU D 33 20.71 27.66 -6.22
CA GLU D 33 21.96 27.11 -6.76
C GLU D 33 21.71 26.23 -7.98
N TRP D 34 20.65 25.43 -7.92
CA TRP D 34 20.29 24.57 -9.03
C TRP D 34 19.94 25.43 -10.25
N LEU D 35 19.23 26.52 -10.03
CA LEU D 35 18.82 27.41 -11.11
C LEU D 35 20.03 27.96 -11.88
N ALA D 36 21.17 28.07 -11.21
CA ALA D 36 22.43 28.48 -11.85
C ALA D 36 23.03 27.44 -12.81
N LEU D 37 22.50 26.22 -12.78
CA LEU D 37 22.94 25.14 -13.67
C LEU D 37 22.17 25.13 -15.01
N VAL D 38 21.18 26.00 -15.14
CA VAL D 38 20.41 25.93 -16.36
C VAL D 38 20.74 27.04 -17.33
N THR D 39 20.43 26.75 -18.57
CA THR D 39 20.80 27.53 -19.71
C THR D 39 19.68 28.54 -19.96
N GLU D 40 20.03 29.59 -20.68
CA GLU D 40 19.13 30.66 -21.00
C GLU D 40 17.99 30.17 -21.94
N ASP D 41 18.30 29.22 -22.80
CA ASP D 41 17.29 28.63 -23.68
C ASP D 41 16.72 27.30 -23.12
N LEU D 42 16.71 27.16 -21.79
CA LEU D 42 16.23 25.94 -21.14
C LEU D 42 14.88 25.49 -21.69
N SER D 43 14.76 24.20 -21.99
CA SER D 43 13.45 23.55 -22.15
C SER D 43 13.32 22.37 -21.17
N TYR D 44 12.34 22.45 -20.25
CA TYR D 44 12.15 21.41 -19.24
C TYR D 44 10.73 20.85 -19.34
N VAL D 45 10.62 19.61 -19.81
CA VAL D 45 9.27 19.03 -20.00
C VAL D 45 9.00 17.63 -19.43
N VAL D 46 7.79 17.48 -18.87
CA VAL D 46 7.28 16.24 -18.36
C VAL D 46 5.99 15.91 -19.16
N PRO D 47 6.09 15.03 -20.16
CA PRO D 47 4.93 14.64 -20.97
C PRO D 47 3.88 13.82 -20.23
N ILE D 48 2.69 13.77 -20.82
CA ILE D 48 1.60 12.91 -20.37
C ILE D 48 1.64 11.66 -21.21
N ARG D 49 1.38 10.53 -20.57
CA ARG D 49 1.25 9.25 -21.24
C ARG D 49 -0.12 8.67 -21.02
N VAL D 50 -0.61 7.93 -22.00
CA VAL D 50 -1.85 7.18 -21.86
C VAL D 50 -1.61 5.72 -22.22
N THR D 51 -2.34 4.82 -21.59
CA THR D 51 -2.24 3.42 -21.95
C THR D 51 -2.79 3.21 -23.36
N ARG D 52 -2.00 2.54 -24.20
CA ARG D 52 -2.41 2.20 -25.55
C ARG D 52 -1.99 0.80 -25.91
N GLU D 53 -2.67 0.19 -26.88
CA GLU D 53 -2.23 -1.07 -27.45
C GLU D 53 -0.80 -0.95 -28.00
N ARG D 54 -0.11 -2.08 -28.03
CA ARG D 54 1.29 -2.17 -28.45
C ARG D 54 1.51 -1.59 -29.88
N GLU D 55 0.51 -1.81 -30.73
CA GLU D 55 0.51 -1.30 -32.10
C GLU D 55 0.67 0.22 -32.26
N ALA D 56 0.20 0.98 -31.27
CA ALA D 56 0.27 2.43 -31.32
C ALA D 56 1.71 2.87 -31.53
N VAL D 57 1.90 3.85 -32.42
CA VAL D 57 3.21 4.41 -32.69
C VAL D 57 3.77 5.08 -31.43
N THR D 58 2.91 5.77 -30.68
CA THR D 58 3.32 6.41 -29.44
C THR D 58 2.20 6.47 -28.41
N ASP D 59 2.57 6.52 -27.14
CA ASP D 59 1.58 6.68 -26.09
C ASP D 59 1.78 8.02 -25.37
N VAL D 60 2.70 8.85 -25.91
CA VAL D 60 2.94 10.21 -25.43
C VAL D 60 1.92 11.17 -26.01
N VAL D 61 1.24 11.91 -25.13
CA VAL D 61 0.24 12.92 -25.53
C VAL D 61 0.83 14.12 -26.30
N GLU D 62 0.21 14.50 -27.41
CA GLU D 62 0.65 15.65 -28.21
C GLU D 62 -0.12 16.90 -27.81
N GLY D 63 0.61 18.00 -27.62
CA GLY D 63 0.00 19.31 -27.38
C GLY D 63 -0.29 19.65 -25.92
N MET D 64 -0.19 18.68 -25.01
CA MET D 64 -0.46 18.83 -23.59
C MET D 64 0.59 18.07 -22.80
N THR D 65 0.87 18.55 -21.61
CA THR D 65 2.04 18.17 -20.87
C THR D 65 1.68 18.31 -19.36
N HIS D 66 2.44 17.65 -18.45
CA HIS D 66 2.38 17.90 -17.00
C HIS D 66 3.16 19.15 -16.59
N MET D 67 4.19 19.46 -17.37
CA MET D 67 5.12 20.54 -17.07
C MET D 67 5.87 20.85 -18.37
N ASP D 68 6.01 22.14 -18.67
CA ASP D 68 6.64 22.61 -19.91
C ASP D 68 7.26 23.99 -19.63
N ASP D 69 8.46 23.99 -19.08
CA ASP D 69 9.06 25.19 -18.51
C ASP D 69 10.16 25.71 -19.40
N ASP D 70 10.37 27.02 -19.33
CA ASP D 70 11.55 27.62 -19.94
C ASP D 70 12.32 28.29 -18.80
N ALA D 71 13.36 29.07 -19.12
CA ALA D 71 14.18 29.70 -18.07
C ALA D 71 13.37 30.67 -17.19
N ASP D 72 12.47 31.42 -17.81
CA ASP D 72 11.63 32.37 -17.11
C ASP D 72 10.64 31.67 -16.15
N SER D 73 9.98 30.59 -16.57
CA SER D 73 9.00 29.93 -15.72
C SER D 73 9.68 29.11 -14.62
N MET D 74 10.86 28.58 -14.94
CA MET D 74 11.64 27.86 -13.94
C MET D 74 12.15 28.84 -12.86
N GLU D 75 12.47 30.08 -13.25
CA GLU D 75 12.81 31.13 -12.29
C GLU D 75 11.62 31.45 -11.37
N MET D 76 10.42 31.59 -11.98
CA MET D 76 9.20 31.82 -11.22
C MET D 76 9.01 30.72 -10.17
N ARG D 77 9.19 29.46 -10.59
CA ARG D 77 9.08 28.26 -9.74
C ARG D 77 9.98 28.35 -8.51
N VAL D 78 11.24 28.72 -8.72
CA VAL D 78 12.18 28.93 -7.63
C VAL D 78 11.81 30.19 -6.78
N LEU D 79 11.48 31.29 -7.45
CA LEU D 79 11.08 32.47 -6.70
C LEU D 79 9.88 32.17 -5.77
N ARG D 80 8.95 31.34 -6.22
CA ARG D 80 7.79 31.00 -5.42
C ARG D 80 8.26 30.27 -4.13
N LEU D 81 9.13 29.28 -4.30
CA LEU D 81 9.69 28.52 -3.17
C LEU D 81 10.54 29.38 -2.21
N GLU D 82 10.97 30.57 -2.65
CA GLU D 82 11.73 31.47 -1.79
C GLU D 82 10.84 32.45 -1.03
N THR D 83 9.54 32.51 -1.33
CA THR D 83 8.62 33.19 -0.42
C THR D 83 8.42 32.40 0.88
N GLU D 84 7.66 32.99 1.80
CA GLU D 84 7.36 32.37 3.07
C GLU D 84 6.03 31.64 2.97
N TYR D 85 5.52 31.44 1.75
CA TYR D 85 4.15 30.97 1.55
C TYR D 85 3.97 29.83 0.56
N ALA D 86 5.04 29.08 0.26
CA ALA D 86 4.88 28.01 -0.74
C ALA D 86 4.46 26.72 -0.02
N TRP D 87 3.17 26.64 0.30
CA TRP D 87 2.64 25.67 1.27
C TRP D 87 2.86 24.22 0.82
N ALA D 88 2.85 23.97 -0.49
CA ALA D 88 3.07 22.64 -1.01
C ALA D 88 4.44 22.09 -0.53
N GLU D 89 5.41 22.98 -0.35
CA GLU D 89 6.79 22.60 0.05
C GLU D 89 7.26 23.37 1.27
N ASP D 90 6.32 23.73 2.14
CA ASP D 90 6.70 24.36 3.38
C ASP D 90 5.68 23.97 4.42
N PRO D 91 5.96 22.98 5.26
CA PRO D 91 7.25 22.24 5.36
C PRO D 91 7.69 21.46 4.09
N PRO D 92 9.01 21.38 3.85
CA PRO D 92 9.53 20.71 2.65
C PRO D 92 9.33 19.20 2.71
N SER D 93 9.16 18.62 1.54
CA SER D 93 9.21 17.17 1.39
C SER D 93 10.63 16.70 1.74
N ARG D 94 10.77 15.46 2.17
CA ARG D 94 12.06 14.81 2.15
C ARG D 94 12.09 14.05 0.84
N SER D 95 13.12 14.26 0.04
CA SER D 95 13.20 13.59 -1.24
C SER D 95 14.56 12.97 -1.51
N ARG D 96 14.59 11.99 -2.41
CA ARG D 96 15.84 11.43 -2.88
C ARG D 96 15.71 11.14 -4.36
N HIS D 97 16.66 11.71 -5.11
CA HIS D 97 16.80 11.49 -6.52
C HIS D 97 17.84 10.37 -6.70
N PHE D 98 17.36 9.14 -6.90
CA PHE D 98 18.27 8.03 -7.28
C PHE D 98 18.48 8.08 -8.80
N VAL D 99 19.73 8.34 -9.23
CA VAL D 99 20.08 8.53 -10.62
C VAL D 99 20.97 7.34 -11.03
N THR D 100 20.49 6.49 -11.95
CA THR D 100 21.17 5.25 -12.30
C THR D 100 21.19 5.12 -13.81
N ASN D 101 21.84 4.06 -14.29
CA ASN D 101 21.87 3.72 -15.72
C ASN D 101 22.24 4.95 -16.55
N VAL D 102 23.28 5.68 -16.13
CA VAL D 102 23.67 6.87 -16.85
C VAL D 102 24.30 6.53 -18.21
N ARG D 103 23.71 7.05 -19.32
CA ARG D 103 24.27 6.88 -20.66
C ARG D 103 24.64 8.25 -21.22
N VAL D 104 25.84 8.37 -21.78
CA VAL D 104 26.31 9.63 -22.35
C VAL D 104 26.61 9.42 -23.85
N ALA D 105 26.11 10.34 -24.69
CA ALA D 105 26.37 10.33 -26.12
C ALA D 105 26.72 11.75 -26.58
N THR D 106 27.40 11.85 -27.72
CA THR D 106 27.71 13.16 -28.29
C THR D 106 26.43 13.82 -28.80
N GLY D 107 26.39 15.14 -28.72
CA GLY D 107 25.22 15.89 -29.11
C GLY D 107 25.27 16.32 -30.56
N ASP D 108 24.35 17.21 -30.91
CA ASP D 108 24.23 17.69 -32.28
C ASP D 108 25.32 18.68 -32.62
N SER D 109 25.81 19.37 -31.60
CA SER D 109 27.01 20.20 -31.75
C SER D 109 28.13 19.63 -30.90
N GLU D 110 29.36 20.02 -31.24
CA GLU D 110 30.51 19.83 -30.35
C GLU D 110 30.16 20.64 -29.10
N ASP D 111 30.74 20.28 -27.95
CA ASP D 111 30.41 20.97 -26.69
C ASP D 111 28.99 20.67 -26.14
N GLU D 112 28.20 19.86 -26.85
CA GLU D 112 26.90 19.39 -26.34
C GLU D 112 26.90 17.87 -26.17
N PHE D 113 26.20 17.39 -25.15
CA PHE D 113 26.11 15.95 -24.87
C PHE D 113 24.68 15.53 -24.59
N LYS D 114 24.29 14.39 -25.13
CA LYS D 114 22.99 13.78 -24.88
C LYS D 114 23.14 12.83 -23.70
N VAL D 115 22.48 13.17 -22.60
CA VAL D 115 22.64 12.42 -21.35
C VAL D 115 21.28 11.83 -20.93
N THR D 116 21.27 10.50 -20.76
CA THR D 116 20.08 9.73 -20.43
C THR D 116 20.32 8.97 -19.14
N SER D 117 19.45 9.18 -18.16
CA SER D 117 19.55 8.49 -16.88
C SER D 117 18.16 7.99 -16.40
N ASN D 118 18.15 6.91 -15.61
CA ASN D 118 16.93 6.42 -14.95
C ASN D 118 16.84 7.13 -13.61
N LEU D 119 15.66 7.64 -13.27
CA LEU D 119 15.45 8.36 -12.01
C LEU D 119 14.39 7.62 -11.23
N LEU D 120 14.68 7.36 -9.95
CA LEU D 120 13.62 7.01 -9.03
C LEU D 120 13.59 8.11 -7.98
N LEU D 121 12.44 8.73 -7.87
CA LEU D 121 12.32 9.83 -6.91
C LEU D 121 11.47 9.35 -5.75
N TYR D 122 12.04 9.40 -4.55
CA TYR D 122 11.37 9.00 -3.33
C TYR D 122 10.90 10.28 -2.62
N ARG D 123 9.69 10.27 -2.06
CA ARG D 123 9.14 11.47 -1.42
C ARG D 123 8.29 11.17 -0.19
N THR D 124 8.61 11.81 0.94
CA THR D 124 7.67 11.83 2.11
C THR D 124 7.38 13.22 2.57
N ARG D 125 6.27 13.37 3.28
CA ARG D 125 5.87 14.67 3.84
C ARG D 125 5.26 14.43 5.24
N GLY D 126 5.51 15.35 6.16
CA GLY D 126 4.90 15.27 7.47
C GLY D 126 5.21 13.98 8.21
N ASP D 127 4.31 13.59 9.10
CA ASP D 127 4.58 12.44 9.95
C ASP D 127 3.67 11.28 9.62
N VAL D 128 3.00 11.32 8.47
CA VAL D 128 2.17 10.19 8.08
C VAL D 128 3.06 9.04 7.51
N ALA D 129 2.75 7.79 7.88
CA ALA D 129 3.51 6.62 7.45
C ALA D 129 3.18 6.14 6.02
N THR D 130 3.41 7.02 5.05
CA THR D 130 3.26 6.67 3.66
C THR D 130 4.38 7.39 2.87
N TYR D 131 4.55 7.01 1.61
CA TYR D 131 5.57 7.58 0.76
C TYR D 131 5.13 7.46 -0.69
N ASP D 132 5.70 8.33 -1.53
CA ASP D 132 5.46 8.28 -2.98
C ASP D 132 6.75 7.87 -3.69
N VAL D 133 6.59 7.21 -4.83
CA VAL D 133 7.69 6.91 -5.73
C VAL D 133 7.33 7.38 -7.13
N LEU D 134 8.22 8.15 -7.74
CA LEU D 134 8.11 8.38 -9.19
C LEU D 134 9.27 7.67 -9.86
N SER D 135 8.99 6.97 -10.96
CA SER D 135 10.02 6.30 -11.75
C SER D 135 9.94 6.86 -13.18
N GLY D 136 11.10 7.01 -13.81
CA GLY D 136 11.06 7.54 -15.15
C GLY D 136 12.42 7.63 -15.80
N GLU D 137 12.42 8.00 -17.07
CA GLU D 137 13.69 8.23 -17.74
C GLU D 137 13.86 9.69 -18.11
N ARG D 138 15.03 10.23 -17.77
CA ARG D 138 15.36 11.61 -18.11
C ARG D 138 16.29 11.64 -19.29
N THR D 139 15.89 12.38 -20.32
CA THR D 139 16.76 12.61 -21.50
C THR D 139 17.16 14.11 -21.54
N ASP D 140 18.45 14.37 -21.33
CA ASP D 140 19.00 15.71 -21.18
C ASP D 140 19.91 16.12 -22.35
N VAL D 141 19.99 17.41 -22.61
CA VAL D 141 21.10 17.97 -23.36
C VAL D 141 21.90 18.83 -22.38
N LEU D 142 23.18 18.47 -22.25
CA LEU D 142 24.11 19.25 -21.44
C LEU D 142 25.07 20.00 -22.39
N ARG D 143 25.41 21.23 -22.01
CA ARG D 143 26.33 22.06 -22.80
C ARG D 143 27.52 22.44 -21.95
N ARG D 144 28.72 22.31 -22.50
CA ARG D 144 29.94 22.78 -21.83
C ARG D 144 29.85 24.27 -21.53
N ALA D 145 30.20 24.63 -20.30
CA ALA D 145 30.27 26.05 -19.92
C ALA D 145 31.42 26.22 -18.95
N GLY D 146 32.47 26.92 -19.37
CA GLY D 146 33.69 27.01 -18.59
C GLY D 146 34.31 25.64 -18.40
N ASP D 147 34.55 25.28 -17.14
CA ASP D 147 35.08 23.97 -16.80
C ASP D 147 34.00 22.98 -16.31
N SER D 148 32.72 23.34 -16.53
CA SER D 148 31.60 22.45 -16.15
C SER D 148 30.56 22.38 -17.27
N PHE D 149 29.30 22.20 -16.88
CA PHE D 149 28.21 22.03 -17.81
C PHE D 149 27.00 22.82 -17.36
N LEU D 150 26.14 23.13 -18.33
CA LEU D 150 24.83 23.67 -18.07
C LEU D 150 23.83 22.77 -18.78
N MET D 151 22.64 22.66 -18.19
CA MET D 151 21.54 21.94 -18.79
C MET D 151 20.72 22.84 -19.68
N ALA D 152 20.68 22.50 -20.97
CA ALA D 152 19.90 23.20 -21.99
C ALA D 152 18.53 22.56 -22.22
N LYS D 153 18.42 21.28 -21.91
CA LYS D 153 17.17 20.55 -22.14
C LYS D 153 17.02 19.34 -21.22
N ARG D 154 15.79 19.13 -20.71
CA ARG D 154 15.45 17.89 -20.04
C ARG D 154 14.03 17.46 -20.36
N VAL D 155 13.88 16.17 -20.63
CA VAL D 155 12.56 15.53 -20.79
C VAL D 155 12.47 14.42 -19.76
N VAL D 156 11.49 14.54 -18.87
CA VAL D 156 11.26 13.51 -17.88
C VAL D 156 10.06 12.68 -18.30
N LEU D 157 10.32 11.48 -18.79
CA LEU D 157 9.24 10.58 -19.16
C LEU D 157 8.99 9.56 -18.05
N LEU D 158 7.89 9.72 -17.33
CA LEU D 158 7.57 8.86 -16.20
C LEU D 158 6.96 7.54 -16.64
N ASP D 159 7.20 6.46 -15.89
CA ASP D 159 6.58 5.16 -16.20
C ASP D 159 5.20 5.02 -15.60
N GLN D 160 4.39 6.06 -15.76
CA GLN D 160 3.05 6.17 -15.18
C GLN D 160 2.15 6.86 -16.20
N THR D 161 0.85 6.59 -16.15
CA THR D 161 -0.10 7.44 -16.88
C THR D 161 -0.75 8.38 -15.85
N THR D 162 -1.57 7.82 -14.97
CA THR D 162 -2.09 8.53 -13.82
C THR D 162 -0.89 8.66 -12.88
N ILE D 163 -0.51 9.89 -12.54
CA ILE D 163 0.68 10.14 -11.71
C ILE D 163 0.40 9.84 -10.24
N MET D 164 1.34 9.18 -9.57
CA MET D 164 1.09 8.72 -8.19
C MET D 164 1.81 9.56 -7.14
N THR D 165 1.66 10.86 -7.28
CA THR D 165 1.92 11.79 -6.20
C THR D 165 0.93 12.93 -6.34
N HIS D 166 0.71 13.68 -5.25
CA HIS D 166 -0.36 14.68 -5.15
C HIS D 166 -0.08 16.03 -5.84
N ASN D 167 1.17 16.29 -6.19
CA ASN D 167 1.54 17.44 -7.06
C ASN D 167 2.95 17.23 -7.60
N LEU D 168 3.35 18.03 -8.58
CA LEU D 168 4.71 17.99 -9.02
C LEU D 168 5.36 19.27 -8.56
N ALA D 169 5.45 19.40 -7.24
CA ALA D 169 6.10 20.52 -6.57
C ALA D 169 7.62 20.37 -6.54
N LEU D 170 8.12 19.17 -6.81
CA LEU D 170 9.57 18.91 -6.81
C LEU D 170 10.15 18.87 -8.21
N ILE D 171 11.31 19.48 -8.39
CA ILE D 171 12.01 19.41 -9.67
C ILE D 171 12.68 18.03 -9.78
N MET D 172 12.51 17.38 -10.93
CA MET D 172 13.05 16.04 -11.17
C MET D 172 14.32 16.06 -12.00
N MET E 1 -23.30 0.31 17.90
CA MET E 1 -23.61 -0.92 18.69
C MET E 1 -22.62 -2.07 18.44
N LEU E 2 -22.45 -2.93 19.43
CA LEU E 2 -21.67 -4.15 19.27
C LEU E 2 -22.48 -5.16 18.47
N SER E 3 -21.80 -5.92 17.60
CA SER E 3 -22.41 -7.10 17.06
C SER E 3 -22.72 -8.03 18.26
N ASN E 4 -23.66 -8.93 18.05
CA ASN E 4 -23.98 -9.91 19.07
C ASN E 4 -22.76 -10.78 19.39
N GLU E 5 -22.03 -11.17 18.34
CA GLU E 5 -20.81 -11.96 18.47
C GLU E 5 -19.76 -11.28 19.35
N LEU E 6 -19.50 -10.01 19.08
CA LEU E 6 -18.49 -9.30 19.88
C LEU E 6 -18.99 -9.16 21.31
N ARG E 7 -20.26 -8.78 21.48
CA ARG E 7 -20.82 -8.63 22.83
C ARG E 7 -20.67 -9.91 23.67
N GLN E 8 -21.11 -11.02 23.10
CA GLN E 8 -21.03 -12.31 23.80
C GLN E 8 -19.59 -12.70 24.11
N THR E 9 -18.70 -12.44 23.17
CA THR E 9 -17.27 -12.67 23.40
C THR E 9 -16.73 -11.92 24.60
N LEU E 10 -17.09 -10.63 24.68
CA LEU E 10 -16.57 -9.81 25.77
C LEU E 10 -17.15 -10.25 27.09
N GLN E 11 -18.45 -10.63 27.08
CA GLN E 11 -19.14 -11.02 28.30
C GLN E 11 -18.53 -12.32 28.81
N LYS E 12 -18.25 -13.24 27.90
CA LYS E 12 -17.59 -14.51 28.27
C LYS E 12 -16.18 -14.22 28.79
N GLY E 13 -15.49 -13.29 28.16
CA GLY E 13 -14.14 -12.94 28.58
C GLY E 13 -14.12 -12.35 29.97
N LEU E 14 -15.09 -11.50 30.26
CA LEU E 14 -15.17 -10.90 31.59
C LEU E 14 -15.31 -11.94 32.69
N HIS E 15 -16.02 -13.04 32.41
CA HIS E 15 -16.10 -14.16 33.34
C HIS E 15 -14.79 -14.99 33.35
N ASP E 16 -14.25 -15.30 32.17
CA ASP E 16 -13.06 -16.16 32.08
C ASP E 16 -11.82 -15.58 32.75
N VAL E 17 -11.66 -14.26 32.69
CA VAL E 17 -10.42 -13.61 33.13
C VAL E 17 -10.11 -13.91 34.61
N ASN E 18 -11.14 -14.00 35.44
CA ASN E 18 -10.93 -14.34 36.85
C ASN E 18 -11.36 -15.73 37.28
N SER E 19 -11.86 -16.57 36.37
CA SER E 19 -12.13 -17.97 36.74
C SER E 19 -11.11 -18.93 36.15
N ASP E 20 -11.19 -19.15 34.83
CA ASP E 20 -10.18 -19.90 34.08
C ASP E 20 -8.84 -19.15 34.04
N TRP E 21 -8.86 -17.85 34.20
CA TRP E 21 -7.68 -16.97 33.94
C TRP E 21 -7.27 -17.04 32.46
N THR E 22 -8.26 -17.00 31.57
CA THR E 22 -7.98 -16.89 30.14
C THR E 22 -8.74 -15.69 29.58
N VAL E 23 -8.44 -15.30 28.34
CA VAL E 23 -9.07 -14.16 27.65
C VAL E 23 -9.26 -14.57 26.20
N PRO E 24 -10.38 -14.25 25.57
CA PRO E 24 -10.58 -14.58 24.14
C PRO E 24 -9.48 -14.02 23.23
N ALA E 25 -8.97 -14.86 22.34
CA ALA E 25 -7.97 -14.47 21.39
C ALA E 25 -8.51 -13.48 20.35
N ALA E 26 -9.84 -13.37 20.22
CA ALA E 26 -10.45 -12.47 19.21
C ALA E 26 -10.12 -11.00 19.45
N ILE E 27 -9.61 -10.66 20.63
CA ILE E 27 -9.38 -9.25 20.94
C ILE E 27 -8.09 -8.66 20.30
N ILE E 28 -7.23 -9.48 19.74
CA ILE E 28 -5.91 -8.97 19.31
C ILE E 28 -5.96 -8.25 17.96
N ASN E 29 -6.56 -8.86 16.96
CA ASN E 29 -6.47 -8.32 15.61
C ASN E 29 -7.81 -8.55 14.93
N ASP E 30 -8.69 -7.57 15.04
CA ASP E 30 -10.01 -7.68 14.46
C ASP E 30 -10.56 -6.27 14.15
N PRO E 31 -11.08 -6.06 12.93
CA PRO E 31 -11.58 -4.71 12.54
C PRO E 31 -12.73 -4.17 13.41
N GLU E 32 -13.67 -5.02 13.83
CA GLU E 32 -14.76 -4.52 14.69
C GLU E 32 -14.25 -4.16 16.07
N VAL E 33 -13.41 -5.04 16.62
CA VAL E 33 -12.73 -4.75 17.89
C VAL E 33 -12.05 -3.36 17.84
N HIS E 34 -11.21 -3.14 16.84
CA HIS E 34 -10.51 -1.86 16.72
C HIS E 34 -11.46 -0.68 16.67
N ASP E 35 -12.56 -0.82 15.92
CA ASP E 35 -13.42 0.30 15.67
C ASP E 35 -14.19 0.62 16.93
N VAL E 36 -14.67 -0.41 17.65
CA VAL E 36 -15.39 -0.20 18.92
C VAL E 36 -14.43 0.36 19.98
N GLU E 37 -13.25 -0.24 20.06
CA GLU E 37 -12.16 0.24 20.93
C GLU E 37 -11.78 1.72 20.76
N ARG E 38 -11.70 2.17 19.53
CA ARG E 38 -11.41 3.57 19.24
C ARG E 38 -12.35 4.49 20.05
N GLU E 39 -13.64 4.21 20.03
CA GLU E 39 -14.59 5.00 20.76
C GLU E 39 -14.57 4.66 22.27
N ARG E 40 -14.66 3.37 22.59
CA ARG E 40 -14.89 2.97 23.97
C ARG E 40 -13.66 3.07 24.86
N ILE E 41 -12.47 2.88 24.25
CA ILE E 41 -11.24 3.11 25.03
C ILE E 41 -10.67 4.48 24.74
N PHE E 42 -10.29 4.75 23.49
CA PHE E 42 -9.56 5.98 23.23
C PHE E 42 -10.43 7.22 23.22
N GLY E 43 -11.75 7.01 23.17
CA GLY E 43 -12.64 8.14 23.34
C GLY E 43 -12.98 8.47 24.78
N HIS E 44 -12.49 7.67 25.73
CA HIS E 44 -12.85 7.89 27.13
C HIS E 44 -11.66 7.92 28.10
N ALA E 45 -10.66 7.09 27.85
CA ALA E 45 -9.54 6.98 28.80
C ALA E 45 -8.62 8.19 28.73
N TRP E 46 -7.70 8.30 29.69
CA TRP E 46 -6.70 9.35 29.66
C TRP E 46 -5.50 8.83 28.92
N VAL E 47 -5.06 9.58 27.93
CA VAL E 47 -4.01 9.13 27.02
C VAL E 47 -2.82 10.09 27.17
N PHE E 48 -1.60 9.56 27.30
CA PHE E 48 -0.39 10.39 27.39
C PHE E 48 -0.14 11.08 26.04
N LEU E 49 0.20 12.37 26.10
CA LEU E 49 0.49 13.20 24.90
C LEU E 49 1.94 13.66 24.81
N ALA E 50 2.46 14.21 25.93
CA ALA E 50 3.79 14.85 25.94
C ALA E 50 4.30 15.05 27.34
N HIS E 51 5.60 15.25 27.44
CA HIS E 51 6.21 15.67 28.70
C HIS E 51 6.41 17.18 28.65
N GLU E 52 6.13 17.84 29.78
CA GLU E 52 6.30 19.28 29.90
C GLU E 52 7.68 19.81 29.53
N SER E 53 8.70 19.02 29.81
CA SER E 53 10.05 19.36 29.38
C SER E 53 10.25 19.44 27.85
N GLU E 54 9.29 18.96 27.05
CA GLU E 54 9.37 19.07 25.59
C GLU E 54 8.94 20.44 25.11
N ILE E 55 8.15 21.13 25.94
CA ILE E 55 7.64 22.46 25.58
C ILE E 55 7.99 23.44 26.72
N PRO E 56 9.28 23.59 27.03
CA PRO E 56 9.69 24.40 28.19
C PRO E 56 9.46 25.93 28.04
N GLU E 57 9.53 26.46 26.82
CA GLU E 57 9.42 27.94 26.64
C GLU E 57 8.07 28.32 26.11
N ARG E 58 7.66 29.55 26.41
CA ARG E 58 6.44 30.08 25.86
C ARG E 58 6.50 30.05 24.33
N GLY E 59 5.46 29.51 23.71
CA GLY E 59 5.41 29.36 22.27
C GLY E 59 5.81 27.98 21.79
N ASP E 60 6.43 27.18 22.64
CA ASP E 60 6.84 25.81 22.25
C ASP E 60 5.63 24.89 22.07
N TYR E 61 5.67 24.06 21.04
CA TYR E 61 4.60 23.11 20.83
C TYR E 61 5.13 21.80 20.26
N VAL E 62 4.35 20.73 20.44
CA VAL E 62 4.54 19.44 19.76
C VAL E 62 3.19 18.99 19.17
N VAL E 63 3.21 18.15 18.15
CA VAL E 63 1.93 17.67 17.64
C VAL E 63 1.77 16.21 18.02
N ARG E 64 0.72 15.91 18.78
CA ARG E 64 0.50 14.56 19.32
C ARG E 64 -0.94 14.07 19.05
N TYR E 65 -1.30 12.86 19.49
CA TYR E 65 -2.53 12.17 18.99
C TYR E 65 -3.34 11.53 20.06
N ILE E 66 -4.65 11.50 19.88
CA ILE E 66 -5.48 10.43 20.48
C ILE E 66 -6.10 9.71 19.26
N SER E 67 -5.67 8.46 19.05
CA SER E 67 -5.89 7.74 17.77
C SER E 67 -5.67 8.63 16.54
N GLU E 68 -6.65 8.73 15.66
CA GLU E 68 -6.50 9.61 14.46
C GLU E 68 -6.62 11.13 14.75
N ASP E 69 -7.08 11.51 15.92
CA ASP E 69 -7.21 12.95 16.22
C ASP E 69 -5.88 13.58 16.59
N GLN E 70 -5.61 14.71 15.95
CA GLN E 70 -4.33 15.38 16.08
C GLN E 70 -4.48 16.66 16.87
N PHE E 71 -3.62 16.83 17.88
CA PHE E 71 -3.67 17.96 18.79
C PHE E 71 -2.36 18.69 18.87
N ILE E 72 -2.43 20.01 18.92
CA ILE E 72 -1.28 20.83 19.24
C ILE E 72 -1.16 20.87 20.75
N VAL E 73 -0.01 20.47 21.29
CA VAL E 73 0.22 20.56 22.73
C VAL E 73 1.29 21.64 22.92
N CYS E 74 0.92 22.75 23.59
CA CYS E 74 1.84 23.87 23.62
C CYS E 74 1.83 24.61 24.94
N ARG E 75 2.87 25.42 25.16
CA ARG E 75 2.89 26.36 26.27
C ARG E 75 2.58 27.71 25.62
N ASP E 76 1.49 28.34 26.03
CA ASP E 76 1.04 29.54 25.33
C ASP E 76 1.77 30.78 25.87
N GLU E 77 1.41 31.97 25.34
CA GLU E 77 2.18 33.20 25.62
C GLU E 77 1.99 33.71 27.08
N GLY E 78 0.98 33.19 27.76
CA GLY E 78 0.81 33.43 29.21
C GLY E 78 1.41 32.33 30.07
N GLY E 79 2.07 31.33 29.45
CA GLY E 79 2.69 30.23 30.17
C GLY E 79 1.77 29.06 30.53
N GLU E 80 0.58 29.03 29.96
CA GLU E 80 -0.36 27.95 30.27
C GLU E 80 -0.19 26.81 29.25
N ILE E 81 -0.33 25.55 29.71
CA ILE E 81 -0.28 24.40 28.80
C ILE E 81 -1.66 24.23 28.17
N ARG E 82 -1.69 24.16 26.83
CA ARG E 82 -2.91 24.00 26.05
C ARG E 82 -2.83 22.74 25.22
N GLY E 83 -4.00 22.19 24.93
CA GLY E 83 -4.19 21.16 23.91
C GLY E 83 -5.32 21.59 22.97
N HIS E 84 -4.97 21.82 21.70
CA HIS E 84 -5.86 22.35 20.66
C HIS E 84 -6.02 21.28 19.60
N LEU E 85 -7.26 20.96 19.21
CA LEU E 85 -7.42 20.15 18.03
C LEU E 85 -6.76 20.85 16.81
N ASN E 86 -5.90 20.14 16.03
CA ASN E 86 -5.18 20.77 14.93
C ASN E 86 -6.03 20.83 13.66
N ALA E 87 -7.18 21.49 13.75
CA ALA E 87 -8.17 21.53 12.63
C ALA E 87 -8.83 22.89 12.69
N CYS E 88 -8.55 23.72 11.69
CA CYS E 88 -9.12 25.07 11.62
C CYS E 88 -10.63 25.03 11.74
N ARG E 89 -11.20 26.00 12.44
CA ARG E 89 -12.64 26.01 12.64
C ARG E 89 -13.38 26.35 11.36
N HIS E 90 -12.66 26.88 10.37
CA HIS E 90 -13.31 27.24 9.08
C HIS E 90 -13.66 26.04 8.17
N ARG E 91 -12.65 25.44 7.56
CA ARG E 91 -12.83 24.27 6.73
C ARG E 91 -11.92 23.11 7.21
N GLY E 92 -11.34 23.21 8.40
CA GLY E 92 -10.70 22.04 9.00
C GLY E 92 -9.24 21.79 8.65
N MET E 93 -8.57 22.74 8.00
CA MET E 93 -7.16 22.53 7.71
C MET E 93 -6.30 22.46 8.96
N GLN E 94 -5.19 21.74 8.87
CA GLN E 94 -4.16 21.77 9.91
C GLN E 94 -3.55 23.17 9.97
N VAL E 95 -3.61 23.78 11.16
CA VAL E 95 -3.00 25.09 11.36
C VAL E 95 -1.53 24.95 11.75
N CYS E 96 -1.09 23.72 11.94
CA CYS E 96 0.34 23.46 12.12
C CYS E 96 0.67 22.15 11.43
N ARG E 97 1.54 22.16 10.42
CA ARG E 97 1.90 20.91 9.73
C ARG E 97 3.31 20.42 10.13
N ALA E 98 3.95 21.12 11.06
CA ALA E 98 5.23 20.63 11.65
C ALA E 98 4.98 19.69 12.82
N GLU E 99 5.98 18.90 13.23
CA GLU E 99 5.82 17.97 14.35
C GLU E 99 6.09 18.63 15.69
N MET E 100 6.79 19.76 15.63
CA MET E 100 7.21 20.51 16.79
C MET E 100 7.88 21.82 16.35
N GLY E 101 7.97 22.78 17.29
CA GLY E 101 8.52 24.09 16.96
C GLY E 101 8.13 25.13 18.01
N ASN E 102 8.29 26.40 17.64
CA ASN E 102 7.92 27.51 18.53
C ASN E 102 7.26 28.58 17.70
N THR E 103 6.07 28.98 18.14
CA THR E 103 5.37 30.08 17.49
C THR E 103 4.45 30.79 18.45
N SER E 104 4.22 32.08 18.25
CA SER E 104 3.23 32.79 19.02
C SER E 104 1.80 32.62 18.44
N HIS E 105 1.68 32.28 17.14
CA HIS E 105 0.37 32.19 16.46
C HIS E 105 0.37 31.05 15.47
N PHE E 106 -0.83 30.51 15.24
CA PHE E 106 -1.04 29.53 14.18
C PHE E 106 -1.91 30.15 13.11
N ARG E 107 -1.39 30.20 11.89
CA ARG E 107 -2.09 30.85 10.79
C ARG E 107 -2.45 29.78 9.80
N CYS E 108 -3.75 29.65 9.51
CA CYS E 108 -4.20 28.59 8.60
C CYS E 108 -3.81 28.97 7.17
N PRO E 109 -3.08 28.10 6.46
CA PRO E 109 -2.71 28.38 5.06
C PRO E 109 -3.90 28.53 4.11
N TYR E 110 -5.08 28.00 4.46
CA TYR E 110 -6.16 27.94 3.45
C TYR E 110 -6.78 29.35 3.24
N HIS E 111 -7.35 29.95 4.31
CA HIS E 111 -7.84 31.33 4.15
C HIS E 111 -7.20 32.37 5.10
N GLY E 112 -6.20 31.93 5.90
CA GLY E 112 -5.48 32.84 6.77
C GLY E 112 -6.09 33.20 8.11
N TRP E 113 -7.09 32.45 8.58
CA TRP E 113 -7.61 32.66 9.95
C TRP E 113 -6.42 32.47 10.87
N THR E 114 -6.30 33.32 11.87
CA THR E 114 -5.08 33.39 12.65
C THR E 114 -5.43 33.24 14.10
N TYR E 115 -4.82 32.27 14.73
CA TYR E 115 -5.09 31.92 16.12
C TYR E 115 -3.88 32.21 17.03
N SER E 116 -4.12 32.77 18.20
CA SER E 116 -3.10 32.81 19.24
C SER E 116 -2.76 31.37 19.66
N ASN E 117 -1.54 31.14 20.16
CA ASN E 117 -1.23 29.83 20.75
C ASN E 117 -2.04 29.55 22.01
N THR E 118 -2.72 30.59 22.47
CA THR E 118 -3.78 30.51 23.47
C THR E 118 -5.00 29.66 22.93
N GLY E 119 -5.10 29.51 21.61
CA GLY E 119 -6.31 28.99 20.98
C GLY E 119 -7.28 30.00 20.43
N SER E 120 -7.20 31.26 20.88
CA SER E 120 -8.15 32.27 20.43
C SER E 120 -7.99 32.62 18.97
N LEU E 121 -9.14 32.73 18.29
CA LEU E 121 -9.18 33.25 16.94
C LEU E 121 -9.00 34.77 17.09
N VAL E 122 -7.88 35.29 16.61
CA VAL E 122 -7.60 36.71 16.81
C VAL E 122 -7.67 37.52 15.54
N GLY E 123 -7.62 36.85 14.39
CA GLY E 123 -7.62 37.53 13.10
C GLY E 123 -8.31 36.74 12.01
N VAL E 124 -9.16 37.42 11.27
CA VAL E 124 -9.83 36.85 10.11
C VAL E 124 -9.64 37.86 8.98
N PRO E 125 -8.98 37.46 7.89
CA PRO E 125 -8.90 38.29 6.66
C PRO E 125 -10.29 38.63 6.11
N ALA E 126 -10.49 39.88 5.66
CA ALA E 126 -11.79 40.34 5.13
C ALA E 126 -12.93 40.30 6.18
N GLY E 127 -12.54 40.43 7.45
CA GLY E 127 -13.48 40.51 8.56
C GLY E 127 -14.65 41.43 8.24
N LYS E 128 -14.33 42.53 7.56
CA LYS E 128 -15.30 43.54 7.16
C LYS E 128 -15.88 43.29 5.80
N ASP E 129 -15.02 43.17 4.80
CA ASP E 129 -15.48 43.03 3.39
C ASP E 129 -16.24 41.74 3.10
N ALA E 130 -15.89 40.66 3.80
CA ALA E 130 -16.54 39.37 3.53
C ALA E 130 -17.57 39.04 4.59
N TYR E 131 -17.24 39.32 5.85
CA TYR E 131 -18.12 38.94 6.96
C TYR E 131 -18.96 40.06 7.55
N GLY E 132 -18.74 41.29 7.09
CA GLY E 132 -19.48 42.46 7.57
C GLY E 132 -19.39 42.62 9.07
N ASN E 133 -18.25 42.21 9.65
CA ASN E 133 -18.03 42.18 11.09
C ASN E 133 -19.09 41.42 11.89
N GLN E 134 -19.75 40.44 11.26
CA GLN E 134 -20.76 39.62 11.94
C GLN E 134 -20.22 38.32 12.50
N LEU E 135 -19.00 37.94 12.13
CA LEU E 135 -18.42 36.71 12.67
C LEU E 135 -17.89 36.94 14.09
N LYS E 136 -18.47 36.23 15.05
CA LYS E 136 -18.08 36.30 16.45
C LYS E 136 -16.89 35.39 16.65
N LYS E 137 -15.69 35.98 16.60
CA LYS E 137 -14.42 35.24 16.69
C LYS E 137 -14.26 34.33 17.92
N SER E 138 -14.74 34.80 19.07
CA SER E 138 -14.73 34.01 20.28
C SER E 138 -15.60 32.76 20.28
N ASP E 139 -16.44 32.57 19.24
CA ASP E 139 -17.20 31.33 19.08
C ASP E 139 -16.41 30.30 18.27
N TRP E 140 -15.29 30.72 17.68
CA TRP E 140 -14.52 29.89 16.71
C TRP E 140 -13.05 29.79 17.09
N ASN E 141 -12.78 29.76 18.38
CA ASN E 141 -11.45 29.37 18.83
C ASN E 141 -11.14 27.89 18.51
N LEU E 142 -9.86 27.52 18.52
CA LEU E 142 -9.47 26.14 18.28
C LEU E 142 -10.13 25.31 19.38
N ARG E 143 -10.68 24.16 18.96
CA ARG E 143 -11.41 23.27 19.89
C ARG E 143 -10.43 22.71 20.92
N PRO E 144 -10.68 22.94 22.21
CA PRO E 144 -9.82 22.40 23.26
C PRO E 144 -9.96 20.88 23.39
N MET E 145 -8.89 20.27 23.87
CA MET E 145 -8.98 18.89 24.38
C MET E 145 -10.04 18.93 25.48
N PRO E 146 -11.07 18.08 25.42
CA PRO E 146 -12.17 18.15 26.39
C PRO E 146 -11.67 18.01 27.80
N ASN E 147 -10.68 17.16 28.06
CA ASN E 147 -10.04 17.11 29.38
C ASN E 147 -8.52 17.06 29.25
N LEU E 148 -7.87 18.03 29.85
CA LEU E 148 -6.41 18.11 29.79
C LEU E 148 -5.89 18.25 31.20
N ALA E 149 -4.85 17.49 31.53
CA ALA E 149 -4.24 17.56 32.86
C ALA E 149 -2.82 17.02 32.87
N SER E 150 -2.10 17.31 33.95
CA SER E 150 -0.71 16.91 34.12
C SER E 150 -0.52 16.16 35.44
N TYR E 151 0.30 15.13 35.43
CA TYR E 151 0.82 14.58 36.66
C TYR E 151 2.33 14.50 36.63
N LYS E 152 2.96 15.27 37.51
CA LYS E 152 4.43 15.32 37.61
C LYS E 152 5.14 15.43 36.27
N GLY E 153 4.70 16.38 35.44
CA GLY E 153 5.33 16.60 34.14
C GLY E 153 4.71 15.89 32.95
N LEU E 154 3.93 14.84 33.19
CA LEU E 154 3.27 14.06 32.13
C LEU E 154 1.92 14.66 31.75
N ILE E 155 1.79 15.15 30.53
CA ILE E 155 0.54 15.68 30.02
C ILE E 155 -0.35 14.60 29.39
N PHE E 156 -1.57 14.47 29.91
CA PHE E 156 -2.55 13.52 29.39
C PHE E 156 -3.78 14.25 28.87
N GLY E 157 -4.50 13.61 27.97
CA GLY E 157 -5.74 14.15 27.48
C GLY E 157 -6.79 13.06 27.48
N SER E 158 -8.04 13.47 27.63
CA SER E 158 -9.18 12.62 27.42
C SER E 158 -10.19 13.32 26.52
N LEU E 159 -10.83 12.54 25.66
CA LEU E 159 -11.84 13.02 24.75
C LEU E 159 -13.20 13.15 25.41
N ASP E 160 -13.32 12.69 26.65
CA ASP E 160 -14.58 12.68 27.40
C ASP E 160 -14.65 13.84 28.42
N PRO E 161 -15.58 14.76 28.19
CA PRO E 161 -15.68 15.96 29.06
C PRO E 161 -16.11 15.59 30.48
N HIS E 162 -16.73 14.42 30.65
CA HIS E 162 -17.17 13.93 31.96
C HIS E 162 -16.26 12.86 32.56
N ALA E 163 -15.04 12.73 32.06
CA ALA E 163 -14.07 11.78 32.63
C ALA E 163 -13.86 12.08 34.11
N ASP E 164 -13.51 11.05 34.86
CA ASP E 164 -12.91 11.26 36.17
C ASP E 164 -11.62 12.06 36.03
N SER E 165 -11.23 12.77 37.08
CA SER E 165 -10.02 13.55 37.03
C SER E 165 -8.82 12.61 36.81
N LEU E 166 -7.77 13.17 36.22
CA LEU E 166 -6.51 12.42 36.00
C LEU E 166 -6.03 11.79 37.30
N GLU E 167 -6.14 12.54 38.40
CA GLU E 167 -5.61 12.05 39.69
C GLU E 167 -6.39 10.83 40.19
N ASP E 168 -7.70 10.84 40.05
CA ASP E 168 -8.54 9.70 40.42
C ASP E 168 -8.28 8.52 39.49
N TYR E 169 -8.08 8.82 38.21
CA TYR E 169 -7.81 7.78 37.20
C TYR E 169 -6.47 7.07 37.45
N LEU E 170 -5.45 7.83 37.76
CA LEU E 170 -4.18 7.25 38.14
C LEU E 170 -4.32 6.54 39.49
N GLY E 171 -5.08 7.15 40.43
CA GLY E 171 -5.35 6.49 41.69
C GLY E 171 -4.08 6.09 42.45
N ASP E 172 -4.05 4.87 42.94
CA ASP E 172 -2.92 4.34 43.72
C ASP E 172 -1.60 4.20 42.93
N LEU E 173 -1.71 4.22 41.61
CA LEU E 173 -0.54 4.16 40.75
C LEU E 173 0.36 5.38 40.98
N LYS E 174 -0.21 6.50 41.43
CA LYS E 174 0.58 7.72 41.67
C LYS E 174 1.75 7.45 42.59
N PHE E 175 1.55 6.58 43.61
CA PHE E 175 2.61 6.24 44.55
C PHE E 175 3.87 5.75 43.83
N TYR E 176 3.67 4.95 42.78
CA TYR E 176 4.77 4.33 42.07
C TYR E 176 5.31 5.23 40.97
N LEU E 177 4.43 5.99 40.32
CA LEU E 177 4.85 6.96 39.32
C LEU E 177 5.85 7.95 39.91
N ASP E 178 5.62 8.40 41.16
CA ASP E 178 6.52 9.34 41.87
C ASP E 178 7.95 8.81 41.92
N ILE E 179 8.07 7.51 42.14
CA ILE E 179 9.36 6.86 42.28
C ILE E 179 10.19 6.98 40.99
N VAL E 180 9.50 7.09 39.88
CA VAL E 180 10.17 7.16 38.60
C VAL E 180 10.24 8.59 38.08
N LEU E 181 9.19 9.37 38.35
CA LEU E 181 9.10 10.73 37.83
C LEU E 181 9.58 11.90 38.71
N ASP E 182 9.60 11.72 40.03
CA ASP E 182 9.69 12.86 40.96
C ASP E 182 10.95 12.80 41.84
N ARG E 183 12.01 12.17 41.31
CA ARG E 183 13.22 11.99 42.11
C ARG E 183 14.02 13.30 42.33
N SER E 184 13.84 14.27 41.44
CA SER E 184 14.76 15.40 41.40
C SER E 184 14.04 16.76 41.41
N ASP E 185 14.69 17.74 42.01
CA ASP E 185 14.13 19.11 42.10
C ASP E 185 13.79 19.74 40.74
N ALA E 186 14.72 19.66 39.81
CA ALA E 186 14.52 20.29 38.51
C ALA E 186 13.63 19.44 37.62
N GLY E 187 13.36 18.20 38.01
CA GLY E 187 12.59 17.33 37.18
C GLY E 187 13.34 16.60 36.07
N LEU E 188 12.57 15.79 35.37
CA LEU E 188 13.03 15.01 34.24
C LEU E 188 13.04 15.83 32.96
N GLN E 189 13.89 15.45 32.02
CA GLN E 189 13.85 16.03 30.68
C GLN E 189 13.81 14.93 29.65
N VAL E 190 12.92 15.11 28.68
CA VAL E 190 12.94 14.26 27.50
C VAL E 190 14.14 14.73 26.68
N VAL E 191 15.04 13.81 26.31
CA VAL E 191 16.16 14.23 25.50
C VAL E 191 15.81 14.18 24.00
N GLY E 192 15.84 15.35 23.36
CA GLY E 192 15.68 15.46 21.93
C GLY E 192 14.20 15.26 21.62
N ALA E 193 13.88 14.13 21.02
CA ALA E 193 12.52 13.82 20.56
C ALA E 193 12.32 12.31 20.68
N PRO E 194 11.09 11.82 20.59
CA PRO E 194 10.88 10.37 20.56
C PRO E 194 11.36 9.74 19.25
N GLN E 195 11.79 8.50 19.34
CA GLN E 195 11.88 7.65 18.16
C GLN E 195 10.47 7.23 17.75
N ARG E 196 10.14 7.39 16.48
CA ARG E 196 8.78 7.04 16.02
C ARG E 196 8.90 6.10 14.85
N TRP E 197 8.29 4.91 14.94
CA TRP E 197 8.34 3.96 13.82
C TRP E 197 7.13 3.07 13.86
N VAL E 198 6.84 2.44 12.71
CA VAL E 198 5.63 1.62 12.57
C VAL E 198 5.91 0.10 12.68
N ILE E 199 5.18 -0.57 13.57
CA ILE E 199 5.31 -2.03 13.69
C ILE E 199 3.94 -2.58 13.22
N ASP E 200 3.92 -3.61 12.40
CA ASP E 200 2.68 -4.26 12.02
C ASP E 200 2.19 -5.21 13.16
N ALA E 201 1.75 -4.62 14.29
CA ALA E 201 1.25 -5.38 15.43
C ALA E 201 0.15 -4.57 16.09
N ASN E 202 -0.74 -5.24 16.84
CA ASN E 202 -1.73 -4.51 17.62
C ASN E 202 -1.08 -3.90 18.82
N TRP E 203 -1.50 -2.67 19.15
CA TRP E 203 -0.94 -1.95 20.27
C TRP E 203 -0.97 -2.67 21.60
N LYS E 204 -2.02 -3.49 21.83
CA LYS E 204 -2.20 -4.12 23.15
C LYS E 204 -1.06 -5.07 23.51
N LEU E 205 -0.39 -5.62 22.50
CA LEU E 205 0.70 -6.54 22.75
C LEU E 205 1.86 -5.85 23.49
N GLY E 206 2.13 -4.58 23.16
CA GLY E 206 3.20 -3.87 23.84
C GLY E 206 2.78 -3.53 25.27
N ALA E 207 1.51 -3.14 25.40
CA ALA E 207 1.00 -2.73 26.70
C ALA E 207 1.01 -3.93 27.66
N ASP E 208 0.52 -5.07 27.15
CA ASP E 208 0.48 -6.38 27.82
C ASP E 208 1.89 -6.78 28.30
N ASN E 209 2.87 -6.58 27.44
CA ASN E 209 4.23 -7.02 27.74
C ASN E 209 4.79 -6.20 28.93
N PHE E 210 4.66 -4.89 28.86
CA PHE E 210 5.23 -4.02 29.91
C PHE E 210 4.40 -3.96 31.22
N VAL E 211 3.11 -4.28 31.19
CA VAL E 211 2.30 -4.17 32.39
C VAL E 211 2.74 -5.24 33.43
N GLY E 212 3.26 -6.37 32.95
CA GLY E 212 3.58 -7.40 33.93
C GLY E 212 4.47 -8.55 33.51
N ASP E 213 5.12 -8.46 32.33
CA ASP E 213 5.83 -9.63 31.77
C ASP E 213 7.35 -9.54 31.91
N ALA E 214 7.90 -10.25 32.90
CA ALA E 214 9.32 -10.44 33.01
C ALA E 214 9.69 -11.83 32.49
N TYR E 215 8.70 -12.73 32.49
CA TYR E 215 8.83 -14.12 32.05
C TYR E 215 9.52 -14.26 30.68
N HIS E 216 9.13 -13.38 29.74
CA HIS E 216 9.61 -13.40 28.37
C HIS E 216 11.09 -13.20 28.24
N THR E 217 11.73 -12.64 29.27
CA THR E 217 13.17 -12.32 29.19
C THR E 217 14.01 -13.57 28.85
N MET E 218 13.70 -14.69 29.50
CA MET E 218 14.52 -15.90 29.34
C MET E 218 14.62 -16.40 27.90
N MET E 219 13.54 -16.28 27.11
CA MET E 219 13.53 -16.79 25.74
C MET E 219 13.62 -15.66 24.71
N THR E 220 12.77 -14.66 24.78
CA THR E 220 12.81 -13.54 23.81
C THR E 220 14.18 -12.92 23.83
N HIS E 221 14.73 -12.73 25.05
CA HIS E 221 16.06 -12.08 25.18
C HIS E 221 17.20 -13.03 25.56
N ARG E 222 17.05 -14.27 25.16
CA ARG E 222 18.08 -15.27 25.34
C ARG E 222 19.43 -14.84 24.74
N SER E 223 19.41 -14.22 23.55
CA SER E 223 20.64 -13.66 22.96
C SER E 223 21.33 -12.70 23.93
N MET E 224 20.56 -11.86 24.61
CA MET E 224 21.13 -10.89 25.53
C MET E 224 21.62 -11.58 26.81
N VAL E 225 20.98 -12.68 27.21
CA VAL E 225 21.44 -13.44 28.37
C VAL E 225 22.84 -13.99 28.04
N GLU E 226 23.00 -14.48 26.82
CA GLU E 226 24.28 -15.06 26.41
C GLU E 226 25.38 -14.01 26.29
N LEU E 227 25.00 -12.78 25.93
CA LEU E 227 25.98 -11.70 25.82
C LEU E 227 26.30 -11.05 27.17
N GLY E 228 25.53 -11.42 28.20
CA GLY E 228 25.78 -10.90 29.54
C GLY E 228 25.05 -9.62 29.87
N LEU E 229 24.09 -9.24 29.03
CA LEU E 229 23.37 -7.98 29.19
C LEU E 229 22.04 -8.16 29.91
N ALA E 230 21.40 -9.33 29.75
CA ALA E 230 20.16 -9.62 30.47
C ALA E 230 20.53 -10.51 31.65
N PRO E 231 19.72 -10.50 32.71
CA PRO E 231 20.01 -11.31 33.91
C PRO E 231 20.14 -12.79 33.54
N PRO E 232 21.25 -13.43 33.95
CA PRO E 232 21.47 -14.85 33.63
C PRO E 232 20.70 -15.84 34.53
N ASP E 233 20.30 -15.43 35.72
CA ASP E 233 19.52 -16.28 36.61
C ASP E 233 18.11 -16.48 36.08
N PRO E 234 17.74 -17.73 35.79
CA PRO E 234 16.37 -18.02 35.35
C PRO E 234 15.32 -17.69 36.41
N GLN E 235 15.75 -17.52 37.66
CA GLN E 235 14.84 -17.20 38.76
C GLN E 235 14.84 -15.70 39.06
N PHE E 236 15.48 -14.88 38.22
CA PHE E 236 15.73 -13.47 38.53
C PHE E 236 14.48 -12.72 38.96
N ALA E 237 13.32 -13.07 38.39
CA ALA E 237 12.08 -12.31 38.66
C ALA E 237 11.37 -12.71 39.94
N LEU E 238 11.84 -13.78 40.58
CA LEU E 238 11.36 -14.18 41.91
C LEU E 238 11.74 -13.14 42.97
N TYR E 239 12.83 -12.40 42.74
CA TYR E 239 13.24 -11.31 43.64
C TYR E 239 12.59 -9.98 43.23
N GLY E 240 11.29 -9.91 43.41
CA GLY E 240 10.56 -8.75 42.95
C GLY E 240 9.13 -8.80 43.37
N GLU E 241 8.34 -7.85 42.87
CA GLU E 241 6.95 -7.69 43.24
C GLU E 241 6.11 -7.38 41.98
N HIS E 242 4.93 -7.97 41.92
CA HIS E 242 3.95 -7.76 40.85
C HIS E 242 2.75 -6.98 41.42
N ILE E 243 2.51 -5.77 40.97
CA ILE E 243 1.53 -4.89 41.63
C ILE E 243 0.52 -4.31 40.65
N HIS E 244 -0.74 -4.26 41.07
CA HIS E 244 -1.72 -3.62 40.20
C HIS E 244 -2.72 -2.77 40.99
N THR E 245 -3.43 -1.96 40.23
CA THR E 245 -4.25 -0.89 40.78
C THR E 245 -5.58 -0.97 40.02
N GLY E 246 -6.56 -0.15 40.41
CA GLY E 246 -7.75 0.08 39.61
C GLY E 246 -7.39 0.73 38.28
N HIS E 247 -8.36 0.76 37.37
CA HIS E 247 -8.23 1.37 36.03
C HIS E 247 -7.25 0.65 35.11
N GLY E 248 -7.05 -0.65 35.34
CA GLY E 248 -6.16 -1.40 34.44
C GLY E 248 -4.66 -1.26 34.67
N HIS E 249 -4.23 -0.39 35.59
CA HIS E 249 -2.79 -0.06 35.68
C HIS E 249 -2.03 -1.14 36.44
N GLY E 250 -0.79 -1.38 36.01
CA GLY E 250 0.05 -2.30 36.75
C GLY E 250 1.53 -2.11 36.50
N LEU E 251 2.35 -2.63 37.43
CA LEU E 251 3.79 -2.63 37.28
C LEU E 251 4.47 -3.85 37.95
N GLY E 252 5.72 -4.09 37.59
CA GLY E 252 6.59 -5.00 38.32
C GLY E 252 7.85 -4.30 38.79
N ILE E 253 8.40 -4.76 39.90
CA ILE E 253 9.63 -4.20 40.43
C ILE E 253 10.55 -5.37 40.78
N ILE E 254 11.73 -5.39 40.17
CA ILE E 254 12.68 -6.47 40.36
C ILE E 254 14.02 -5.94 40.92
N GLY E 255 14.58 -6.61 41.92
CA GLY E 255 15.90 -6.26 42.46
C GLY E 255 16.84 -7.44 42.40
N PRO E 256 18.11 -7.26 42.80
CA PRO E 256 19.08 -8.36 42.79
C PRO E 256 18.85 -9.40 43.90
N PRO E 257 19.40 -10.60 43.74
CA PRO E 257 19.33 -11.64 44.77
C PRO E 257 20.20 -11.32 46.00
N PRO E 258 19.97 -11.96 47.14
CA PRO E 258 20.77 -11.70 48.36
C PRO E 258 22.29 -11.75 48.19
N GLY E 259 22.77 -12.65 47.34
CA GLY E 259 24.21 -12.80 47.10
C GLY E 259 24.74 -11.97 45.95
N MET E 260 24.14 -10.79 45.75
CA MET E 260 24.55 -9.85 44.71
C MET E 260 24.33 -8.42 45.18
N PRO E 261 25.39 -7.77 45.65
CA PRO E 261 25.30 -6.35 46.00
C PRO E 261 25.35 -5.51 44.75
N LEU E 262 24.37 -4.61 44.63
CA LEU E 262 24.40 -3.60 43.58
C LEU E 262 24.24 -2.24 44.27
N PRO E 263 24.84 -1.20 43.70
CA PRO E 263 24.65 0.16 44.21
C PRO E 263 23.17 0.42 44.45
N GLU E 264 22.86 1.04 45.59
CA GLU E 264 21.50 1.43 45.92
C GLU E 264 20.94 2.45 44.94
N PHE E 265 19.61 2.52 44.86
CA PHE E 265 18.91 3.50 44.01
C PHE E 265 19.35 3.42 42.56
N MET E 266 19.52 2.19 42.07
CA MET E 266 19.94 1.92 40.68
C MET E 266 21.27 2.58 40.33
N GLY E 267 22.10 2.84 41.32
CA GLY E 267 23.36 3.53 41.12
C GLY E 267 23.21 4.93 40.57
N LEU E 268 22.07 5.60 40.82
CA LEU E 268 21.91 6.99 40.38
C LEU E 268 22.98 7.90 40.99
N PRO E 269 23.31 9.00 40.31
CA PRO E 269 24.33 9.93 40.83
C PRO E 269 23.93 10.46 42.21
N GLU E 270 24.97 10.76 42.99
CA GLU E 270 24.85 11.19 44.37
C GLU E 270 23.86 12.35 44.56
N ASN E 271 23.90 13.37 43.71
CA ASN E 271 23.05 14.56 43.89
C ASN E 271 21.58 14.25 43.65
N ILE E 272 21.32 13.29 42.77
CA ILE E 272 19.94 12.84 42.52
C ILE E 272 19.44 12.01 43.70
N VAL E 273 20.32 11.19 44.28
CA VAL E 273 19.98 10.38 45.46
C VAL E 273 19.58 11.29 46.66
N GLU E 274 20.42 12.30 46.93
CA GLU E 274 20.17 13.31 47.94
C GLU E 274 18.76 13.89 47.77
N GLU E 275 18.45 14.31 46.54
CA GLU E 275 17.15 14.90 46.26
C GLU E 275 15.97 13.94 46.40
N LEU E 276 16.13 12.71 45.90
CA LEU E 276 15.06 11.69 46.02
C LEU E 276 14.72 11.34 47.49
N GLU E 277 15.75 11.27 48.36
CA GLU E 277 15.59 10.95 49.79
C GLU E 277 14.75 12.03 50.48
N ARG E 278 14.74 13.21 49.89
CA ARG E 278 13.98 14.32 50.42
C ARG E 278 12.69 14.60 49.65
N ARG E 279 12.58 14.11 48.42
CA ARG E 279 11.34 14.32 47.66
C ARG E 279 10.28 13.21 47.81
N LEU E 280 10.73 11.98 48.07
CA LEU E 280 9.87 10.82 48.20
C LEU E 280 9.68 10.49 49.66
N THR E 281 8.56 9.83 50.00
CA THR E 281 8.32 9.37 51.38
C THR E 281 9.27 8.24 51.71
N PRO E 282 9.50 7.99 53.00
CA PRO E 282 10.36 6.87 53.39
C PRO E 282 9.89 5.52 52.81
N GLU E 283 8.59 5.33 52.67
CA GLU E 283 8.03 4.12 52.09
C GLU E 283 8.41 3.99 50.60
N GLN E 284 8.36 5.12 49.88
CA GLN E 284 8.74 5.11 48.48
C GLN E 284 10.24 4.90 48.34
N VAL E 285 11.00 5.55 49.24
CA VAL E 285 12.45 5.42 49.27
C VAL E 285 12.89 3.96 49.41
N GLU E 286 12.26 3.25 50.35
CA GLU E 286 12.72 1.91 50.69
C GLU E 286 12.29 0.90 49.63
N ILE E 287 11.18 1.16 48.95
CA ILE E 287 10.82 0.35 47.79
C ILE E 287 11.80 0.56 46.61
N PHE E 288 12.18 1.80 46.36
CA PHE E 288 13.15 2.11 45.30
C PHE E 288 14.57 1.65 45.58
N ARG E 289 14.98 1.62 46.85
CA ARG E 289 16.38 1.39 47.23
C ARG E 289 17.08 0.17 46.55
N PRO E 290 16.49 -1.03 46.57
CA PRO E 290 17.15 -2.19 45.96
C PRO E 290 16.70 -2.49 44.52
N THR E 291 16.05 -1.54 43.86
CA THR E 291 15.53 -1.74 42.51
C THR E 291 16.63 -1.93 41.48
N ALA E 292 16.40 -2.87 40.59
CA ALA E 292 17.17 -2.97 39.32
C ALA E 292 16.29 -2.74 38.09
N PHE E 293 15.03 -3.18 38.12
CA PHE E 293 14.11 -3.01 36.96
C PHE E 293 12.72 -2.64 37.43
N ILE E 294 12.15 -1.62 36.80
CA ILE E 294 10.73 -1.29 36.97
C ILE E 294 10.13 -1.25 35.57
N HIS E 295 9.02 -1.96 35.39
CA HIS E 295 8.32 -2.00 34.09
C HIS E 295 6.84 -1.90 34.41
N GLY E 296 6.09 -1.15 33.61
CA GLY E 296 4.65 -1.03 33.84
C GLY E 296 3.92 -0.31 32.75
N THR E 297 2.60 -0.35 32.83
CA THR E 297 1.73 0.29 31.86
C THR E 297 0.71 1.13 32.60
N VAL E 298 0.62 2.38 32.17
CA VAL E 298 -0.48 3.28 32.51
C VAL E 298 -1.56 3.06 31.44
N PHE E 299 -2.64 2.39 31.84
CA PHE E 299 -3.73 2.16 30.91
C PHE E 299 -4.19 3.45 30.23
N PRO E 300 -4.45 3.43 28.92
CA PRO E 300 -4.27 2.24 28.06
C PRO E 300 -2.86 1.93 27.50
N ASN E 301 -2.15 2.93 26.98
CA ASN E 301 -1.10 2.58 26.03
C ASN E 301 0.19 3.33 26.29
N LEU E 302 0.38 3.77 27.52
CA LEU E 302 1.67 4.35 27.98
C LEU E 302 2.45 3.29 28.80
N SER E 303 3.68 2.95 28.38
CA SER E 303 4.48 2.02 29.14
C SER E 303 5.75 2.70 29.64
N ILE E 304 6.28 2.15 30.72
CA ILE E 304 7.44 2.70 31.43
C ILE E 304 8.48 1.60 31.60
N GLY E 305 9.75 1.92 31.31
CA GLY E 305 10.84 1.01 31.60
C GLY E 305 11.92 1.79 32.32
N ASN E 306 12.20 1.42 33.56
CA ASN E 306 13.34 2.02 34.28
C ASN E 306 14.29 0.87 34.60
N PHE E 307 15.33 0.72 33.79
CA PHE E 307 16.14 -0.51 33.79
C PHE E 307 17.63 -0.21 34.00
N LEU E 308 18.33 -1.14 34.63
CA LEU E 308 19.77 -1.02 34.83
C LEU E 308 20.45 -1.97 33.81
N MET E 309 21.20 -1.43 32.84
CA MET E 309 21.70 -2.22 31.70
C MET E 309 23.01 -1.65 31.12
N GLY E 310 23.85 -2.57 30.61
CA GLY E 310 25.08 -2.26 29.90
C GLY E 310 24.81 -1.67 28.51
N LYS E 311 25.65 -0.75 28.08
CA LYS E 311 25.50 -0.13 26.78
C LYS E 311 26.12 -1.02 25.69
N ASP E 312 26.82 -2.06 26.14
CA ASP E 312 27.39 -3.08 25.25
C ASP E 312 27.88 -4.31 26.05
N HIS E 313 28.38 -5.35 25.39
CA HIS E 313 28.75 -6.57 26.18
C HIS E 313 29.95 -6.40 27.13
N LEU E 314 30.61 -5.26 27.10
CA LEU E 314 31.84 -5.08 27.85
C LEU E 314 31.75 -4.06 28.98
N SER E 315 30.55 -3.52 29.19
CA SER E 315 30.41 -2.37 30.07
C SER E 315 29.49 -2.60 31.27
N ALA E 316 29.89 -2.03 32.41
CA ALA E 316 29.08 -1.99 33.61
C ALA E 316 27.76 -1.29 33.32
N PRO E 317 26.67 -1.76 33.91
CA PRO E 317 25.33 -1.20 33.63
C PRO E 317 25.12 0.20 34.17
N THR E 318 24.30 0.98 33.47
CA THR E 318 23.77 2.18 34.04
C THR E 318 22.25 2.26 33.88
N ALA E 319 21.60 2.96 34.79
CA ALA E 319 20.16 3.08 34.77
C ALA E 319 19.69 4.02 33.66
N PHE E 320 18.53 3.71 33.06
CA PHE E 320 17.86 4.59 32.12
C PHE E 320 16.35 4.52 32.30
N LEU E 321 15.67 5.61 31.94
CA LEU E 321 14.24 5.68 31.99
C LEU E 321 13.72 5.89 30.57
N THR E 322 12.75 5.07 30.19
CA THR E 322 12.04 5.27 28.93
C THR E 322 10.55 5.21 29.13
N LEU E 323 9.85 6.08 28.43
CA LEU E 323 8.40 6.08 28.41
C LEU E 323 8.07 5.83 26.96
N ARG E 324 7.00 5.09 26.69
CA ARG E 324 6.68 4.82 25.29
C ARG E 324 5.20 4.75 25.10
N LEU E 325 4.76 5.28 23.97
CA LEU E 325 3.39 5.15 23.54
C LEU E 325 3.27 4.02 22.56
N TRP E 326 2.24 3.17 22.75
CA TRP E 326 1.82 2.20 21.73
C TRP E 326 0.64 2.81 20.96
N HIS E 327 0.95 3.59 19.95
CA HIS E 327 -0.07 4.37 19.28
C HIS E 327 -0.88 3.56 18.26
N PRO E 328 -2.19 3.44 18.47
CA PRO E 328 -3.04 2.59 17.61
C PRO E 328 -3.22 3.15 16.20
N LEU E 329 -2.80 2.41 15.17
CA LEU E 329 -2.99 2.82 13.80
C LEU E 329 -4.11 1.97 13.16
N GLY E 330 -4.28 0.73 13.60
CA GLY E 330 -5.24 -0.20 13.01
C GLY E 330 -5.21 -1.51 13.79
N PRO E 331 -6.09 -2.47 13.45
CA PRO E 331 -6.15 -3.73 14.22
C PRO E 331 -4.82 -4.39 14.18
N ASP E 332 -4.08 -4.14 13.11
CA ASP E 332 -2.83 -4.89 12.91
C ASP E 332 -1.63 -3.95 12.75
N LYS E 333 -1.74 -2.74 13.26
CA LYS E 333 -0.64 -1.79 13.08
C LYS E 333 -0.54 -0.78 14.22
N MET E 334 0.69 -0.41 14.57
CA MET E 334 0.84 0.65 15.56
C MET E 334 2.07 1.49 15.26
N GLU E 335 2.12 2.68 15.88
CA GLU E 335 3.33 3.49 15.84
C GLU E 335 3.92 3.56 17.23
N VAL E 336 5.17 3.13 17.40
CA VAL E 336 5.79 3.28 18.71
C VAL E 336 6.37 4.69 18.78
N MET E 337 6.16 5.38 19.89
CA MET E 337 6.86 6.61 20.17
C MET E 337 7.66 6.38 21.43
N SER E 338 8.99 6.20 21.29
CA SER E 338 9.84 5.85 22.44
C SER E 338 10.67 7.06 22.89
N PHE E 339 10.39 7.52 24.10
CA PHE E 339 11.11 8.65 24.69
C PHE E 339 12.23 8.16 25.66
N PHE E 340 13.40 8.78 25.62
CA PHE E 340 14.41 8.64 26.67
C PHE E 340 14.35 9.87 27.60
N LEU E 341 14.28 9.63 28.91
CA LEU E 341 14.27 10.73 29.88
C LEU E 341 15.39 10.55 30.87
N VAL E 342 15.89 11.69 31.38
CA VAL E 342 16.94 11.69 32.42
C VAL E 342 16.74 12.95 33.28
N GLU E 343 17.13 12.88 34.54
CA GLU E 343 17.00 14.02 35.43
C GLU E 343 17.82 15.18 34.86
N LYS E 344 17.18 16.35 34.81
CA LYS E 344 17.84 17.55 34.31
C LYS E 344 19.18 17.89 34.96
N ASP E 345 19.33 17.66 36.28
CA ASP E 345 20.56 17.95 37.06
C ASP E 345 21.50 16.75 37.18
N ALA E 346 21.18 15.62 36.55
CA ALA E 346 22.18 14.56 36.45
C ALA E 346 23.41 15.18 35.81
N PRO E 347 24.60 14.77 36.27
CA PRO E 347 25.84 15.22 35.64
C PRO E 347 25.85 14.78 34.17
N ASP E 348 26.52 15.53 33.29
CA ASP E 348 26.52 15.18 31.86
C ASP E 348 27.07 13.82 31.54
N TRP E 349 28.08 13.38 32.32
CA TRP E 349 28.71 12.08 32.06
C TRP E 349 27.65 11.00 32.22
N PHE E 350 26.73 11.18 33.21
CA PHE E 350 25.70 10.18 33.47
C PHE E 350 24.63 10.25 32.38
N LYS E 351 24.25 11.46 31.97
CA LYS E 351 23.30 11.63 30.86
C LYS E 351 23.73 10.86 29.62
N ASP E 352 24.98 11.01 29.23
CA ASP E 352 25.51 10.27 28.09
C ASP E 352 25.50 8.74 28.28
N GLU E 353 26.01 8.28 29.40
CA GLU E 353 26.02 6.86 29.76
C GLU E 353 24.62 6.23 29.76
N SER E 354 23.67 6.93 30.38
CA SER E 354 22.28 6.46 30.47
C SER E 354 21.64 6.35 29.09
N TYR E 355 21.86 7.40 28.28
CA TYR E 355 21.45 7.43 26.88
C TYR E 355 21.94 6.20 26.10
N LYS E 356 23.22 5.85 26.26
CA LYS E 356 23.77 4.73 25.52
C LYS E 356 23.23 3.40 26.01
N SER E 357 22.94 3.31 27.32
CA SER E 357 22.44 2.07 27.89
C SER E 357 21.04 1.82 27.34
N TYR E 358 20.23 2.87 27.31
CA TYR E 358 18.89 2.86 26.68
C TYR E 358 18.98 2.49 25.18
N LEU E 359 19.90 3.13 24.45
CA LEU E 359 19.87 3.09 22.97
C LEU E 359 20.27 1.71 22.37
N ARG E 360 21.19 1.01 23.03
CA ARG E 360 21.66 -0.25 22.51
C ARG E 360 20.77 -1.43 22.94
N THR E 361 19.86 -1.16 23.86
CA THR E 361 18.96 -2.19 24.41
C THR E 361 17.52 -2.02 23.95
N PHE E 362 16.97 -0.81 24.11
CA PHE E 362 15.58 -0.51 23.74
C PHE E 362 15.50 0.52 22.62
N GLY E 363 14.29 0.81 22.17
CA GLY E 363 14.11 1.62 20.99
C GLY E 363 14.29 0.82 19.70
N ILE E 364 14.17 1.54 18.58
CA ILE E 364 14.09 0.96 17.26
C ILE E 364 15.24 0.03 16.87
N SER E 365 16.44 0.30 17.39
CA SER E 365 17.61 -0.50 17.02
C SER E 365 18.18 -1.31 18.20
N GLY E 366 17.46 -1.29 19.32
CA GLY E 366 17.93 -1.91 20.55
C GLY E 366 17.91 -3.42 20.44
N GLY E 367 18.92 -4.08 21.01
CA GLY E 367 19.04 -5.53 20.91
C GLY E 367 17.96 -6.32 21.66
N PHE E 368 17.27 -5.67 22.60
CA PHE E 368 16.11 -6.28 23.22
C PHE E 368 14.87 -5.99 22.36
N GLU E 369 14.60 -4.71 22.15
CA GLU E 369 13.31 -4.31 21.64
C GLU E 369 13.07 -4.78 20.23
N GLN E 370 14.14 -5.01 19.46
CA GLN E 370 13.94 -5.47 18.10
C GLN E 370 13.33 -6.88 18.05
N ASP E 371 13.68 -7.73 19.03
CA ASP E 371 13.05 -9.05 19.14
C ASP E 371 11.63 -8.99 19.68
N ASP E 372 11.39 -8.09 20.63
CA ASP E 372 10.01 -7.80 21.08
C ASP E 372 9.10 -7.45 19.88
N ALA E 373 9.53 -6.51 19.05
CA ALA E 373 8.75 -6.14 17.88
C ALA E 373 8.46 -7.34 16.97
N GLU E 374 9.45 -8.21 16.79
CA GLU E 374 9.24 -9.37 15.94
C GLU E 374 8.16 -10.30 16.55
N ASN E 375 8.24 -10.53 17.85
CA ASN E 375 7.23 -11.36 18.50
C ASN E 375 5.83 -10.78 18.31
N TRP E 376 5.66 -9.46 18.52
CA TRP E 376 4.32 -8.85 18.45
C TRP E 376 3.70 -8.87 17.06
N ARG E 377 4.55 -8.69 16.03
CA ARG E 377 4.05 -8.74 14.66
C ARG E 377 3.66 -10.15 14.24
N SER E 378 4.36 -11.13 14.78
CA SER E 378 4.09 -12.54 14.51
C SER E 378 2.77 -13.01 15.11
N ILE E 379 2.54 -12.69 16.39
CA ILE E 379 1.25 -12.92 17.06
C ILE E 379 0.12 -12.30 16.25
N THR E 380 0.27 -11.02 15.94
CA THR E 380 -0.76 -10.25 15.25
C THR E 380 -1.16 -10.92 13.94
N ARG E 381 -0.18 -11.40 13.18
CA ARG E 381 -0.50 -11.97 11.89
C ARG E 381 -1.35 -13.25 12.06
N VAL E 382 -0.93 -14.13 12.92
CA VAL E 382 -1.63 -15.39 13.01
C VAL E 382 -2.99 -15.21 13.77
N MET E 383 -3.07 -14.20 14.65
CA MET E 383 -4.34 -13.91 15.32
C MET E 383 -5.43 -13.20 14.46
N GLY E 384 -5.13 -12.92 13.19
CA GLY E 384 -6.12 -12.48 12.24
C GLY E 384 -6.92 -13.64 11.67
N GLY E 385 -6.51 -14.89 11.93
CA GLY E 385 -7.24 -16.03 11.43
C GLY E 385 -8.58 -16.26 12.12
N GLN E 386 -9.65 -16.51 11.36
CA GLN E 386 -10.97 -16.76 11.97
C GLN E 386 -11.00 -17.91 13.02
N PHE E 387 -10.30 -19.00 12.73
CA PHE E 387 -10.17 -20.13 13.63
C PHE E 387 -9.26 -19.80 14.82
N ALA E 388 -8.12 -19.14 14.58
CA ALA E 388 -7.27 -18.69 15.71
C ALA E 388 -8.09 -17.85 16.70
N LYS E 389 -8.98 -17.05 16.16
CA LYS E 389 -9.74 -16.07 16.95
C LYS E 389 -10.80 -16.72 17.88
N THR E 390 -11.12 -18.00 17.66
CA THR E 390 -12.06 -18.73 18.51
C THR E 390 -11.37 -19.32 19.74
N GLY E 391 -10.05 -19.20 19.80
CA GLY E 391 -9.30 -19.69 20.95
C GLY E 391 -9.17 -18.71 22.09
N GLU E 392 -8.34 -19.07 23.05
CA GLU E 392 -8.13 -18.24 24.23
C GLU E 392 -6.64 -17.94 24.43
N LEU E 393 -6.35 -16.82 25.09
CA LEU E 393 -5.01 -16.53 25.55
C LEU E 393 -4.88 -17.10 26.98
N ASN E 394 -3.76 -17.76 27.27
CA ASN E 394 -3.50 -18.33 28.57
C ASN E 394 -2.82 -17.34 29.52
N TYR E 395 -3.57 -16.94 30.54
CA TYR E 395 -3.07 -16.03 31.58
C TYR E 395 -3.11 -16.73 32.95
N GLN E 396 -2.80 -18.04 32.94
CA GLN E 396 -2.95 -18.89 34.13
C GLN E 396 -1.71 -18.92 35.03
N MET E 397 -0.68 -18.14 34.72
CA MET E 397 0.47 -18.06 35.62
C MET E 397 0.10 -17.66 37.07
N GLY E 398 0.22 -18.60 37.98
CA GLY E 398 -0.09 -18.37 39.39
C GLY E 398 -1.44 -18.93 39.86
N ARG E 399 -2.29 -19.32 38.92
CA ARG E 399 -3.61 -19.83 39.25
C ARG E 399 -3.43 -20.99 40.23
N GLY E 400 -4.20 -20.94 41.31
CA GLY E 400 -4.14 -21.94 42.36
C GLY E 400 -2.95 -21.73 43.28
N VAL E 401 -2.16 -20.69 43.05
CA VAL E 401 -0.93 -20.47 43.83
C VAL E 401 -0.76 -19.04 44.41
N LEU E 402 -1.08 -18.01 43.63
CA LEU E 402 -0.87 -16.61 44.05
C LEU E 402 -1.60 -16.25 45.33
N GLU E 403 -0.87 -15.66 46.26
CA GLU E 403 -1.47 -15.06 47.46
C GLU E 403 -0.94 -13.64 47.61
N PRO E 404 -1.81 -12.66 47.88
CA PRO E 404 -1.35 -11.27 48.08
C PRO E 404 -0.29 -11.18 49.17
N ASP E 405 0.64 -10.26 49.00
CA ASP E 405 1.76 -10.08 49.91
C ASP E 405 1.25 -9.23 51.07
N PRO E 406 1.20 -9.84 52.26
CA PRO E 406 0.70 -9.15 53.46
C PRO E 406 1.73 -8.13 53.97
N ASN E 407 2.99 -8.29 53.56
CA ASN E 407 4.08 -7.44 54.03
C ASN E 407 4.45 -6.28 53.09
N TRP E 408 3.75 -6.15 51.96
CA TRP E 408 4.06 -5.05 51.02
C TRP E 408 3.61 -3.73 51.57
N THR E 409 4.51 -2.75 51.57
CA THR E 409 4.26 -1.43 52.13
C THR E 409 3.67 -0.39 51.19
N GLY E 410 3.49 -0.71 49.92
CA GLY E 410 2.85 0.22 49.02
C GLY E 410 1.39 -0.14 48.77
N PRO E 411 0.66 0.77 48.12
CA PRO E 411 -0.74 0.52 47.81
C PRO E 411 -0.89 -0.42 46.60
N GLY E 412 -2.12 -0.88 46.33
CA GLY E 412 -2.44 -1.74 45.21
C GLY E 412 -2.52 -3.20 45.62
N GLU E 413 -2.71 -4.09 44.66
CA GLU E 413 -2.77 -5.51 44.96
C GLU E 413 -1.43 -6.08 44.54
N ALA E 414 -0.67 -6.57 45.52
CA ALA E 414 0.75 -6.89 45.32
C ALA E 414 1.04 -8.36 45.61
N TYR E 415 1.84 -8.99 44.75
CA TYR E 415 2.28 -10.37 44.93
C TYR E 415 3.81 -10.41 45.09
N PRO E 416 4.33 -11.28 45.96
CA PRO E 416 5.76 -11.31 46.29
C PRO E 416 6.72 -11.98 45.27
N LEU E 417 6.41 -11.89 43.98
CA LEU E 417 7.32 -12.32 42.92
C LEU E 417 6.92 -11.58 41.65
N ASP E 418 7.76 -11.61 40.61
CA ASP E 418 7.35 -10.95 39.37
C ASP E 418 7.13 -11.93 38.21
N TYR E 419 7.05 -13.23 38.52
CA TYR E 419 6.50 -14.19 37.55
C TYR E 419 5.03 -14.37 37.87
N ALA E 420 4.18 -13.61 37.18
CA ALA E 420 2.74 -13.67 37.43
C ALA E 420 2.07 -12.95 36.28
N GLU E 421 0.79 -13.23 36.09
CA GLU E 421 0.02 -12.67 34.97
C GLU E 421 -1.24 -11.98 35.48
N ALA E 422 -1.25 -11.68 36.78
CA ALA E 422 -2.31 -10.87 37.40
C ALA E 422 -2.44 -9.45 36.84
N ASN E 423 -1.32 -8.77 36.62
CA ASN E 423 -1.35 -7.43 36.03
C ASN E 423 -1.97 -7.43 34.62
N GLN E 424 -1.62 -8.42 33.80
CA GLN E 424 -2.17 -8.52 32.47
C GLN E 424 -3.68 -8.77 32.53
N ARG E 425 -4.09 -9.64 33.44
CA ARG E 425 -5.50 -9.91 33.63
C ARG E 425 -6.25 -8.68 34.04
N ASN E 426 -5.66 -7.90 34.96
CA ASN E 426 -6.25 -6.64 35.43
C ASN E 426 -6.36 -5.60 34.29
N PHE E 427 -5.32 -5.52 33.45
CA PHE E 427 -5.32 -4.67 32.28
C PHE E 427 -6.48 -5.07 31.33
N LEU E 428 -6.58 -6.34 31.02
CA LEU E 428 -7.62 -6.81 30.07
C LEU E 428 -9.06 -6.76 30.64
N GLU E 429 -9.17 -7.00 31.93
CA GLU E 429 -10.45 -6.83 32.61
C GLU E 429 -11.03 -5.43 32.43
N TYR E 430 -10.21 -4.43 32.71
CA TYR E 430 -10.65 -3.03 32.59
C TYR E 430 -10.97 -2.71 31.12
N TRP E 431 -10.09 -3.16 30.21
CA TRP E 431 -10.31 -3.03 28.78
C TRP E 431 -11.68 -3.62 28.39
N MET E 432 -11.99 -4.81 28.88
CA MET E 432 -13.25 -5.48 28.56
C MET E 432 -14.42 -4.73 29.20
N GLN E 433 -14.20 -4.13 30.36
CA GLN E 433 -15.31 -3.41 31.03
C GLN E 433 -15.65 -2.15 30.23
N LEU E 434 -14.61 -1.46 29.76
CA LEU E 434 -14.80 -0.27 28.95
C LEU E 434 -15.46 -0.59 27.59
N MET E 435 -15.04 -1.69 26.97
CA MET E 435 -15.59 -2.15 25.68
C MET E 435 -17.09 -2.47 25.78
N LEU E 436 -17.53 -2.87 26.97
CA LEU E 436 -18.93 -3.22 27.22
C LEU E 436 -19.75 -2.07 27.81
N ALA E 437 -19.12 -0.96 28.15
CA ALA E 437 -19.86 0.17 28.73
C ALA E 437 -20.74 0.81 27.66
N GLU E 438 -22.05 0.70 27.83
CA GLU E 438 -22.99 1.34 26.89
C GLU E 438 -23.07 2.84 27.23
N SER E 439 -22.98 3.13 28.52
CA SER E 439 -22.76 4.48 29.03
C SER E 439 -21.46 4.50 29.86
N PRO E 440 -20.61 5.52 29.66
CA PRO E 440 -19.27 5.63 30.28
C PRO E 440 -19.05 5.08 31.72
N LEU E 441 -17.80 4.68 31.98
CA LEU E 441 -17.30 4.11 33.25
C LEU E 441 -17.64 2.63 33.38
N ARG F 6 41.39 17.95 -4.09
CA ARG F 6 40.56 17.74 -5.33
C ARG F 6 41.02 16.51 -6.14
N VAL F 7 40.11 15.97 -6.96
CA VAL F 7 40.36 14.84 -7.88
C VAL F 7 40.61 13.46 -7.22
N SER F 8 40.55 12.38 -8.01
CA SER F 8 40.88 11.02 -7.55
C SER F 8 41.21 10.02 -8.69
N ASP F 9 40.18 9.33 -9.19
CA ASP F 9 40.15 8.47 -10.42
C ASP F 9 40.28 6.95 -10.28
N THR F 10 41.51 6.45 -10.11
CA THR F 10 41.72 5.06 -9.73
C THR F 10 41.12 4.86 -8.33
N THR F 11 41.23 5.92 -7.52
CA THR F 11 40.67 5.94 -6.19
C THR F 11 39.14 5.87 -6.18
N VAL F 12 38.48 6.60 -7.07
CA VAL F 12 37.02 6.55 -7.22
C VAL F 12 36.56 5.11 -7.47
N ARG F 13 37.24 4.43 -8.40
CA ARG F 13 36.95 3.05 -8.74
C ARG F 13 37.05 2.16 -7.51
N GLU F 14 38.20 2.23 -6.83
CA GLU F 14 38.48 1.43 -5.64
C GLU F 14 37.45 1.66 -4.53
N ILE F 15 37.16 2.92 -4.23
CA ILE F 15 36.14 3.25 -3.26
C ILE F 15 34.74 2.76 -3.68
N THR F 16 34.40 2.92 -4.95
CA THR F 16 33.09 2.48 -5.44
C THR F 16 32.96 0.97 -5.32
N GLU F 17 34.01 0.25 -5.74
CA GLU F 17 34.06 -1.20 -5.61
C GLU F 17 34.03 -1.64 -4.14
N TRP F 18 34.68 -0.88 -3.28
CA TRP F 18 34.60 -1.11 -1.85
C TRP F 18 33.17 -1.04 -1.32
N LEU F 19 32.41 -0.03 -1.75
CA LEU F 19 31.03 0.16 -1.31
C LEU F 19 30.10 -0.96 -1.78
N TYR F 20 30.34 -1.43 -2.99
CA TYR F 20 29.56 -2.53 -3.54
C TYR F 20 29.93 -3.86 -2.83
N MET F 21 31.20 -4.04 -2.53
CA MET F 21 31.64 -5.22 -1.77
C MET F 21 31.00 -5.22 -0.36
N GLU F 22 31.00 -4.07 0.30
CA GLU F 22 30.36 -3.89 1.60
C GLU F 22 28.86 -4.22 1.60
N ALA F 23 28.14 -3.65 0.64
CA ALA F 23 26.71 -3.89 0.45
C ALA F 23 26.43 -5.38 0.24
N GLU F 24 27.28 -6.02 -0.56
CA GLU F 24 27.14 -7.43 -0.88
C GLU F 24 27.26 -8.29 0.37
N LEU F 25 28.28 -8.01 1.19
CA LEU F 25 28.42 -8.70 2.47
C LEU F 25 27.14 -8.57 3.32
N LEU F 26 26.61 -7.36 3.44
CA LEU F 26 25.42 -7.13 4.28
C LEU F 26 24.20 -7.92 3.74
N ASP F 27 23.96 -7.82 2.44
CA ASP F 27 22.88 -8.56 1.81
C ASP F 27 23.07 -10.08 1.82
N ALA F 28 24.29 -10.58 2.12
CA ALA F 28 24.52 -12.02 2.22
C ALA F 28 24.52 -12.44 3.70
N GLY F 29 24.29 -11.49 4.61
CA GLY F 29 24.32 -11.76 6.05
C GLY F 29 25.70 -12.09 6.60
N LYS F 30 26.74 -11.60 5.92
CA LYS F 30 28.11 -11.88 6.34
C LYS F 30 28.61 -10.83 7.29
N TYR F 31 28.00 -10.81 8.48
CA TYR F 31 28.16 -9.74 9.45
C TYR F 31 29.57 -9.72 10.04
N ARG F 32 30.11 -10.90 10.31
CA ARG F 32 31.43 -11.06 10.90
C ARG F 32 32.48 -10.48 9.91
N GLU F 33 32.33 -10.81 8.63
CA GLU F 33 33.22 -10.26 7.60
C GLU F 33 33.04 -8.75 7.47
N TRP F 34 31.80 -8.27 7.56
CA TRP F 34 31.56 -6.83 7.49
C TRP F 34 32.22 -6.11 8.68
N LEU F 35 32.16 -6.75 9.84
CA LEU F 35 32.76 -6.16 11.04
C LEU F 35 34.26 -5.88 10.89
N ALA F 36 34.95 -6.72 10.11
CA ALA F 36 36.37 -6.52 9.76
C ALA F 36 36.67 -5.24 8.94
N LEU F 37 35.63 -4.64 8.37
CA LEU F 37 35.78 -3.44 7.52
C LEU F 37 35.76 -2.16 8.31
N VAL F 38 35.49 -2.26 9.61
CA VAL F 38 35.39 -1.08 10.40
C VAL F 38 36.60 -0.82 11.27
N THR F 39 36.73 0.45 11.56
CA THR F 39 37.88 0.99 12.25
C THR F 39 37.65 0.91 13.76
N GLU F 40 38.74 0.94 14.50
CA GLU F 40 38.73 0.91 15.94
C GLU F 40 38.02 2.14 16.55
N ASP F 41 38.09 3.30 15.90
CA ASP F 41 37.37 4.48 16.36
C ASP F 41 36.03 4.71 15.64
N LEU F 42 35.44 3.64 15.12
CA LEU F 42 34.17 3.72 14.38
C LEU F 42 33.15 4.55 15.11
N SER F 43 32.48 5.43 14.36
CA SER F 43 31.24 6.06 14.76
C SER F 43 30.18 5.77 13.66
N TYR F 44 29.09 5.13 14.08
CA TYR F 44 27.99 4.76 13.17
C TYR F 44 26.70 5.35 13.70
N VAL F 45 26.13 6.34 12.99
CA VAL F 45 24.93 6.97 13.55
C VAL F 45 23.75 7.17 12.57
N VAL F 46 22.54 7.02 13.10
CA VAL F 46 21.28 7.17 12.32
C VAL F 46 20.48 8.20 13.10
N PRO F 47 20.53 9.46 12.71
CA PRO F 47 19.79 10.52 13.41
C PRO F 47 18.27 10.47 13.25
N ILE F 48 17.57 11.11 14.18
CA ILE F 48 16.15 11.31 14.09
C ILE F 48 15.88 12.64 13.39
N ARG F 49 14.85 12.65 12.55
CA ARG F 49 14.38 13.89 11.94
C ARG F 49 12.93 14.14 12.30
N VAL F 50 12.55 15.41 12.32
CA VAL F 50 11.18 15.84 12.55
C VAL F 50 10.83 16.86 11.50
N THR F 51 9.55 16.86 11.09
CA THR F 51 9.05 17.81 10.10
C THR F 51 9.10 19.20 10.69
N ARG F 52 9.75 20.12 9.98
CA ARG F 52 9.75 21.51 10.39
C ARG F 52 9.51 22.42 9.19
N GLU F 53 9.07 23.65 9.45
CA GLU F 53 9.02 24.67 8.40
C GLU F 53 10.39 24.86 7.72
N ARG F 54 10.33 25.35 6.49
CA ARG F 54 11.52 25.52 5.65
C ARG F 54 12.56 26.43 6.33
N GLU F 55 12.06 27.40 7.09
CA GLU F 55 12.87 28.39 7.81
C GLU F 55 13.82 27.81 8.88
N ALA F 56 13.42 26.70 9.48
CA ALA F 56 14.24 26.03 10.49
C ALA F 56 15.64 25.75 9.95
N VAL F 57 16.64 26.01 10.79
CA VAL F 57 18.04 25.79 10.41
C VAL F 57 18.34 24.31 10.20
N THR F 58 17.70 23.47 10.98
CA THR F 58 17.86 22.02 10.85
C THR F 58 16.61 21.28 11.31
N ASP F 59 16.37 20.11 10.74
CA ASP F 59 15.27 19.27 11.20
C ASP F 59 15.80 18.01 11.88
N VAL F 60 17.12 17.94 12.07
CA VAL F 60 17.78 16.80 12.73
C VAL F 60 17.80 17.04 14.22
N VAL F 61 17.34 16.03 14.94
CA VAL F 61 17.22 16.10 16.39
C VAL F 61 18.61 16.08 17.04
N GLU F 62 18.77 16.88 18.07
CA GLU F 62 20.01 16.96 18.84
C GLU F 62 19.92 16.13 20.14
N GLY F 63 20.94 15.32 20.40
CA GLY F 63 21.06 14.58 21.67
C GLY F 63 20.40 13.20 21.69
N MET F 64 19.64 12.86 20.65
CA MET F 64 18.90 11.61 20.59
C MET F 64 18.97 11.15 19.15
N THR F 65 18.93 9.84 18.99
CA THR F 65 19.32 9.21 17.76
C THR F 65 18.49 7.90 17.62
N HIS F 66 18.40 7.36 16.41
CA HIS F 66 17.86 6.00 16.23
C HIS F 66 18.95 4.93 16.50
N MET F 67 20.21 5.32 16.37
CA MET F 67 21.35 4.40 16.47
C MET F 67 22.59 5.27 16.57
N ASP F 68 23.48 4.90 17.47
CA ASP F 68 24.70 5.65 17.71
C ASP F 68 25.74 4.65 18.26
N ASP F 69 26.36 3.95 17.34
CA ASP F 69 27.23 2.83 17.68
C ASP F 69 28.71 3.23 17.64
N ASP F 70 29.52 2.53 18.46
CA ASP F 70 30.96 2.57 18.28
C ASP F 70 31.45 1.16 17.97
N ALA F 71 32.76 0.93 17.98
CA ALA F 71 33.26 -0.39 17.58
C ALA F 71 32.77 -1.49 18.55
N ASP F 72 32.71 -1.17 19.82
CA ASP F 72 32.31 -2.15 20.87
C ASP F 72 30.82 -2.51 20.75
N SER F 73 29.96 -1.54 20.51
CA SER F 73 28.51 -1.80 20.41
C SER F 73 28.16 -2.46 19.08
N MET F 74 28.92 -2.13 18.04
CA MET F 74 28.72 -2.77 16.73
C MET F 74 29.15 -4.25 16.81
N GLU F 75 30.24 -4.52 17.53
CA GLU F 75 30.62 -5.91 17.84
C GLU F 75 29.48 -6.64 18.56
N MET F 76 28.91 -6.01 19.58
CA MET F 76 27.79 -6.61 20.30
C MET F 76 26.65 -6.94 19.34
N ARG F 77 26.33 -6.01 18.44
CA ARG F 77 25.27 -6.17 17.44
C ARG F 77 25.51 -7.45 16.60
N VAL F 78 26.76 -7.64 16.17
CA VAL F 78 27.13 -8.79 15.36
C VAL F 78 27.14 -10.06 16.21
N LEU F 79 27.69 -9.98 17.42
CA LEU F 79 27.68 -11.14 18.30
C LEU F 79 26.24 -11.61 18.59
N ARG F 80 25.30 -10.67 18.68
CA ARG F 80 23.89 -11.01 18.92
C ARG F 80 23.36 -11.88 17.79
N LEU F 81 23.60 -11.42 16.56
CA LEU F 81 23.20 -12.13 15.33
C LEU F 81 23.91 -13.47 15.12
N GLU F 82 25.01 -13.71 15.85
CA GLU F 82 25.68 -15.02 15.82
C GLU F 82 25.19 -15.99 16.89
N THR F 83 24.28 -15.55 17.77
CA THR F 83 23.62 -16.53 18.63
C THR F 83 22.54 -17.27 17.82
N GLU F 84 21.94 -18.27 18.45
CA GLU F 84 20.86 -19.03 17.83
C GLU F 84 19.51 -18.39 18.18
N TYR F 85 19.53 -17.16 18.73
CA TYR F 85 18.34 -16.59 19.34
C TYR F 85 18.01 -15.15 18.90
N ALA F 86 18.59 -14.70 17.81
CA ALA F 86 18.34 -13.34 17.35
C ALA F 86 17.03 -13.32 16.55
N TRP F 87 15.90 -13.33 17.26
CA TRP F 87 14.60 -13.60 16.61
C TRP F 87 14.21 -12.63 15.50
N ALA F 88 14.50 -11.33 15.69
CA ALA F 88 14.30 -10.30 14.64
C ALA F 88 14.92 -10.63 13.29
N GLU F 89 16.01 -11.38 13.31
CA GLU F 89 16.71 -11.75 12.06
C GLU F 89 16.94 -13.25 11.94
N ASP F 90 16.08 -14.05 12.58
CA ASP F 90 16.16 -15.48 12.41
C ASP F 90 14.74 -16.02 12.47
N PRO F 91 14.09 -16.28 11.33
CA PRO F 91 14.68 -16.22 9.97
C PRO F 91 15.13 -14.84 9.49
N PRO F 92 16.19 -14.79 8.68
CA PRO F 92 16.70 -13.51 8.19
C PRO F 92 15.75 -12.82 7.24
N SER F 93 15.79 -11.49 7.24
CA SER F 93 15.16 -10.69 6.21
C SER F 93 15.86 -10.97 4.90
N ARG F 94 15.14 -10.82 3.79
CA ARG F 94 15.79 -10.66 2.46
C ARG F 94 15.93 -9.15 2.26
N SER F 95 17.14 -8.68 2.05
CA SER F 95 17.38 -7.24 1.91
C SER F 95 18.19 -6.97 0.68
N ARG F 96 18.10 -5.74 0.18
CA ARG F 96 19.02 -5.30 -0.87
C ARG F 96 19.35 -3.85 -0.65
N HIS F 97 20.66 -3.61 -0.55
CA HIS F 97 21.24 -2.28 -0.50
C HIS F 97 21.52 -1.79 -1.93
N PHE F 98 20.65 -0.94 -2.44
CA PHE F 98 20.92 -0.21 -3.69
C PHE F 98 21.71 1.04 -3.33
N VAL F 99 22.96 1.06 -3.82
CA VAL F 99 23.91 2.13 -3.55
C VAL F 99 24.16 2.89 -4.84
N THR F 100 23.75 4.15 -4.88
CA THR F 100 23.83 4.99 -6.10
C THR F 100 24.41 6.36 -5.77
N ASN F 101 24.52 7.21 -6.80
CA ASN F 101 24.92 8.60 -6.67
C ASN F 101 26.18 8.71 -5.81
N VAL F 102 27.17 7.89 -6.10
CA VAL F 102 28.37 7.87 -5.28
C VAL F 102 29.24 9.08 -5.57
N ARG F 103 29.53 9.85 -4.50
CA ARG F 103 30.40 11.03 -4.59
C ARG F 103 31.60 10.80 -3.68
N VAL F 104 32.80 11.03 -4.20
CA VAL F 104 34.04 10.89 -3.43
C VAL F 104 34.79 12.22 -3.36
N ALA F 105 35.14 12.65 -2.15
CA ALA F 105 35.97 13.83 -1.95
C ALA F 105 37.15 13.48 -1.02
N THR F 106 38.20 14.31 -1.06
CA THR F 106 39.32 14.18 -0.10
C THR F 106 38.88 14.50 1.31
N GLY F 107 39.45 13.78 2.29
CA GLY F 107 39.12 13.96 3.68
C GLY F 107 39.97 15.00 4.39
N ASP F 108 39.86 15.04 5.71
CA ASP F 108 40.57 16.02 6.53
C ASP F 108 42.05 15.68 6.67
N SER F 109 42.36 14.40 6.54
CA SER F 109 43.74 13.95 6.42
C SER F 109 43.97 13.32 5.04
N GLU F 110 45.24 13.26 4.64
CA GLU F 110 45.64 12.39 3.54
C GLU F 110 45.26 10.98 4.01
N ASP F 111 45.03 10.07 3.07
CA ASP F 111 44.63 8.70 3.42
C ASP F 111 43.19 8.56 3.96
N GLU F 112 42.49 9.70 4.10
CA GLU F 112 41.05 9.69 4.40
C GLU F 112 40.23 10.27 3.26
N PHE F 113 39.06 9.68 3.03
CA PHE F 113 38.14 10.14 1.99
C PHE F 113 36.73 10.30 2.55
N LYS F 114 36.08 11.39 2.16
CA LYS F 114 34.66 11.61 2.43
C LYS F 114 33.83 11.02 1.28
N VAL F 115 32.93 10.10 1.63
CA VAL F 115 32.18 9.32 0.65
C VAL F 115 30.70 9.43 0.95
N THR F 116 29.97 9.92 -0.06
CA THR F 116 28.53 10.12 0.04
C THR F 116 27.84 9.30 -1.02
N SER F 117 26.82 8.55 -0.60
CA SER F 117 26.07 7.70 -1.51
C SER F 117 24.59 7.69 -1.15
N ASN F 118 23.74 7.49 -2.13
CA ASN F 118 22.32 7.34 -1.87
C ASN F 118 22.04 5.85 -1.64
N LEU F 119 21.21 5.57 -0.65
CA LEU F 119 20.85 4.21 -0.29
C LEU F 119 19.36 4.02 -0.40
N LEU F 120 18.96 2.98 -1.11
CA LEU F 120 17.59 2.53 -0.98
C LEU F 120 17.68 1.12 -0.48
N LEU F 121 17.10 0.90 0.67
CA LEU F 121 17.13 -0.43 1.29
C LEU F 121 15.79 -1.10 1.17
N TYR F 122 15.78 -2.24 0.49
CA TYR F 122 14.58 -3.04 0.28
C TYR F 122 14.60 -4.21 1.28
N ARG F 123 13.46 -4.51 1.90
CA ARG F 123 13.33 -5.54 2.95
C ARG F 123 12.01 -6.33 2.89
N THR F 124 12.08 -7.67 2.86
CA THR F 124 10.89 -8.56 3.09
C THR F 124 11.24 -9.60 4.14
N ARG F 125 10.22 -10.16 4.77
CA ARG F 125 10.35 -11.16 5.83
C ARG F 125 9.19 -12.14 5.65
N GLY F 126 9.45 -13.42 5.90
CA GLY F 126 8.38 -14.42 5.91
C GLY F 126 7.69 -14.55 4.56
N ASP F 127 6.45 -15.05 4.57
CA ASP F 127 5.77 -15.28 3.32
C ASP F 127 4.64 -14.27 3.06
N VAL F 128 4.58 -13.23 3.87
CA VAL F 128 3.55 -12.19 3.73
C VAL F 128 3.87 -11.29 2.50
N ALA F 129 2.86 -10.99 1.71
CA ALA F 129 3.02 -10.21 0.48
C ALA F 129 3.12 -8.69 0.69
N THR F 130 4.16 -8.27 1.40
CA THR F 130 4.44 -6.88 1.70
C THR F 130 5.96 -6.71 1.76
N TYR F 131 6.43 -5.45 1.77
CA TYR F 131 7.81 -5.08 1.78
C TYR F 131 7.99 -3.68 2.32
N ASP F 132 9.20 -3.39 2.80
CA ASP F 132 9.57 -2.13 3.36
C ASP F 132 10.63 -1.49 2.51
N VAL F 133 10.60 -0.17 2.43
CA VAL F 133 11.68 0.56 1.74
C VAL F 133 12.22 1.61 2.70
N LEU F 134 13.51 1.60 2.94
CA LEU F 134 14.15 2.77 3.57
C LEU F 134 14.92 3.50 2.47
N SER F 135 14.85 4.82 2.51
CA SER F 135 15.63 5.64 1.56
C SER F 135 16.43 6.63 2.39
N GLY F 136 17.65 6.93 1.95
CA GLY F 136 18.47 7.85 2.71
C GLY F 136 19.80 8.19 2.08
N GLU F 137 20.52 9.11 2.71
CA GLU F 137 21.87 9.44 2.27
C GLU F 137 22.88 9.02 3.33
N ARG F 138 23.91 8.31 2.89
CA ARG F 138 25.00 7.93 3.78
C ARG F 138 26.19 8.84 3.54
N THR F 139 26.71 9.42 4.61
CA THR F 139 27.97 10.17 4.54
C THR F 139 29.02 9.46 5.40
N ASP F 140 30.09 9.02 4.75
CA ASP F 140 31.11 8.15 5.35
C ASP F 140 32.47 8.84 5.39
N VAL F 141 33.28 8.43 6.38
CA VAL F 141 34.72 8.63 6.27
C VAL F 141 35.41 7.28 6.07
N LEU F 142 36.11 7.15 4.94
CA LEU F 142 36.87 5.94 4.68
C LEU F 142 38.35 6.24 4.88
N ARG F 143 39.07 5.29 5.48
CA ARG F 143 40.52 5.41 5.68
C ARG F 143 41.28 4.31 4.96
N ARG F 144 42.36 4.67 4.27
CA ARG F 144 43.25 3.68 3.64
C ARG F 144 43.84 2.74 4.67
N ALA F 145 43.81 1.45 4.37
CA ALA F 145 44.40 0.46 5.24
C ALA F 145 44.96 -0.64 4.36
N GLY F 146 46.28 -0.77 4.34
CA GLY F 146 46.93 -1.68 3.41
C GLY F 146 46.61 -1.29 1.99
N ASP F 147 46.10 -2.25 1.21
CA ASP F 147 45.67 -2.00 -0.17
C ASP F 147 44.16 -1.82 -0.33
N SER F 148 43.47 -1.61 0.80
CA SER F 148 42.03 -1.36 0.77
C SER F 148 41.63 -0.20 1.68
N PHE F 149 40.43 -0.27 2.24
CA PHE F 149 39.89 0.81 3.09
C PHE F 149 39.21 0.26 4.32
N LEU F 150 39.11 1.10 5.34
CA LEU F 150 38.29 0.79 6.50
C LEU F 150 37.34 1.97 6.71
N MET F 151 36.14 1.66 7.22
CA MET F 151 35.17 2.70 7.56
C MET F 151 35.40 3.17 8.95
N ALA F 152 35.71 4.46 9.08
CA ALA F 152 35.87 5.12 10.37
C ALA F 152 34.59 5.79 10.88
N LYS F 153 33.71 6.18 9.94
CA LYS F 153 32.52 6.94 10.27
C LYS F 153 31.43 6.76 9.22
N ARG F 154 30.18 6.61 9.68
CA ARG F 154 29.03 6.67 8.79
C ARG F 154 27.87 7.37 9.50
N VAL F 155 27.22 8.27 8.77
CA VAL F 155 25.94 8.87 9.17
C VAL F 155 24.91 8.48 8.10
N VAL F 156 23.86 7.78 8.53
CA VAL F 156 22.74 7.43 7.64
C VAL F 156 21.57 8.34 7.91
N LEU F 157 21.34 9.28 7.03
CA LEU F 157 20.26 10.27 7.20
C LEU F 157 19.08 9.82 6.34
N LEU F 158 18.03 9.28 6.97
CA LEU F 158 16.91 8.76 6.21
C LEU F 158 15.94 9.85 5.81
N ASP F 159 15.29 9.63 4.66
CA ASP F 159 14.29 10.58 4.15
C ASP F 159 12.93 10.32 4.74
N GLN F 160 12.92 10.17 6.07
CA GLN F 160 11.72 9.80 6.84
C GLN F 160 11.82 10.47 8.19
N THR F 161 10.66 10.73 8.81
CA THR F 161 10.66 11.16 10.19
C THR F 161 10.22 9.92 10.99
N THR F 162 8.96 9.52 10.81
CA THR F 162 8.40 8.25 11.26
C THR F 162 8.97 7.13 10.36
N ILE F 163 9.69 6.19 10.97
CA ILE F 163 10.43 5.21 10.20
C ILE F 163 9.47 4.13 9.74
N MET F 164 9.59 3.72 8.48
CA MET F 164 8.63 2.80 7.90
C MET F 164 9.15 1.37 7.77
N THR F 165 9.73 0.86 8.84
CA THR F 165 9.96 -0.55 9.02
C THR F 165 9.89 -0.82 10.53
N HIS F 166 9.69 -2.08 10.92
CA HIS F 166 9.33 -2.40 12.32
C HIS F 166 10.52 -2.46 13.30
N ASN F 167 11.73 -2.49 12.79
CA ASN F 167 12.95 -2.34 13.59
C ASN F 167 14.13 -2.00 12.68
N LEU F 168 15.23 -1.54 13.27
CA LEU F 168 16.47 -1.37 12.54
C LEU F 168 17.40 -2.48 12.94
N ALA F 169 17.02 -3.70 12.56
CA ALA F 169 17.80 -4.91 12.82
C ALA F 169 18.85 -5.09 11.70
N LEU F 170 18.69 -4.36 10.60
CA LEU F 170 19.65 -4.41 9.51
C LEU F 170 20.69 -3.27 9.59
N ILE F 171 21.94 -3.57 9.26
CA ILE F 171 22.97 -2.56 9.11
C ILE F 171 22.85 -1.92 7.72
N MET F 172 22.90 -0.58 7.70
CA MET F 172 22.69 0.20 6.48
C MET F 172 23.99 0.75 5.89
#